data_6PTV
#
_entry.id   6PTV
#
_cell.length_a   77.210
_cell.length_b   82.790
_cell.length_c   82.860
_cell.angle_alpha   109.380
_cell.angle_beta   89.940
_cell.angle_gamma   106.530
#
_symmetry.space_group_name_H-M   'P 1'
#
loop_
_entity.id
_entity.type
_entity.pdbx_description
1 polymer 'Beta sliding clamp'
2 polymer ACE-MVA-MP8-NZC-LEU-MP8-LEU-MVA-PRO-MLU-GLY
3 non-polymer (4S)-2-METHYL-2,4-PENTANEDIOL
4 water water
#
loop_
_entity_poly.entity_id
_entity_poly.type
_entity_poly.pdbx_seq_one_letter_code
_entity_poly.pdbx_strand_id
1 'polypeptide(L)'
;MAHHHHHHMLKLIVETKTLVQSLGFASSVVEKRNVIPEYANIKLSAQDGNLELSSTNMDLYLSQKIAVQVVSEGECTVST
KTLNDIVRKLPDSELTLTDLGTTGLEIKGKNCKFNLFTLPVSSFPAMDSINPEASFKISCTDFAKIIESTKFSISLDETR
YNLNGVYLHIKDKEFCSASTDGHRLSISWVTLEKQIKNFGVILPQKSAEEILKIVKDPKNINEDIEILLNSNKIKFICNE
NTIMLSKLIDGTFPDYSTFIPESSSSKLVINRKMFADSIERIAIITVEKFRAVKLSLSRETLEISAVGEARGNAKEVINS
SQDKESFYEYNSDESLAIGFNPQYLEDVLKAVKSDLVELYFSDVSAPVLIKFPENPKDIFIVLPVKV
;
A,B,C,D
2 'polypeptide(L)' (ACE)(MVA)(MP8)(NZC)L(MP8)L(MVA)P(MLU)G X,Y
#
# COMPACT_ATOMS: atom_id res chain seq x y z
N HIS A 8 38.52 40.37 28.37
CA HIS A 8 38.50 39.31 29.36
C HIS A 8 37.16 38.57 29.35
N MET A 9 36.38 38.77 28.28
CA MET A 9 35.06 38.19 28.16
C MET A 9 35.02 37.16 27.04
N LEU A 10 34.23 36.11 27.26
CA LEU A 10 34.20 34.99 26.35
C LEU A 10 33.77 35.38 24.94
N LYS A 11 34.50 34.89 23.94
CA LYS A 11 34.09 34.99 22.54
C LYS A 11 34.69 33.82 21.80
N LEU A 12 33.83 33.05 21.13
CA LEU A 12 34.34 31.87 20.45
C LEU A 12 33.44 31.55 19.26
N ILE A 13 33.98 30.78 18.33
CA ILE A 13 33.22 30.22 17.22
C ILE A 13 33.25 28.70 17.36
N VAL A 14 32.08 28.07 17.29
CA VAL A 14 31.98 26.63 17.56
C VAL A 14 31.16 25.95 16.48
N GLU A 15 31.59 24.75 16.10
CA GLU A 15 30.79 23.88 15.23
C GLU A 15 29.46 23.55 15.93
N THR A 16 28.35 23.93 15.30
CA THR A 16 27.04 23.84 15.96
C THR A 16 26.73 22.42 16.41
N LYS A 17 27.02 21.44 15.55
CA LYS A 17 26.68 20.05 15.88
C LYS A 17 27.40 19.58 17.15
N THR A 18 28.65 19.98 17.35
CA THR A 18 29.35 19.52 18.55
CA THR A 18 29.40 19.57 18.54
C THR A 18 28.80 20.20 19.79
N LEU A 19 28.38 21.46 19.69
CA LEU A 19 27.76 22.12 20.84
C LEU A 19 26.42 21.48 21.19
N VAL A 20 25.63 21.15 20.18
CA VAL A 20 24.35 20.44 20.41
C VAL A 20 24.60 19.14 21.17
N GLN A 21 25.58 18.35 20.74
CA GLN A 21 25.87 17.08 21.40
C GLN A 21 26.23 17.31 22.87
N SER A 22 27.10 18.28 23.13
CA SER A 22 27.52 18.57 24.50
C SER A 22 26.34 19.04 25.35
N LEU A 23 25.45 19.85 24.77
CA LEU A 23 24.31 20.32 25.55
C LEU A 23 23.33 19.19 25.85
N GLY A 24 23.27 18.18 24.98
CA GLY A 24 22.43 17.03 25.27
C GLY A 24 22.89 16.27 26.51
N PHE A 25 24.20 16.09 26.67
CA PHE A 25 24.72 15.46 27.88
C PHE A 25 24.54 16.36 29.09
N ALA A 26 24.78 17.66 28.93
CA ALA A 26 24.58 18.61 30.03
C ALA A 26 23.14 18.62 30.48
N SER A 27 22.20 18.46 29.56
CA SER A 27 20.79 18.38 29.94
C SER A 27 20.51 17.07 30.66
N SER A 28 21.01 15.96 30.11
CA SER A 28 20.74 14.63 30.65
C SER A 28 21.18 14.49 32.10
N VAL A 29 22.37 14.99 32.45
CA VAL A 29 22.97 14.57 33.71
C VAL A 29 22.32 15.22 34.92
N VAL A 30 21.66 16.37 34.78
CA VAL A 30 21.17 17.09 35.94
C VAL A 30 19.71 16.80 36.24
N GLU A 31 19.07 15.94 35.47
CA GLU A 31 17.66 15.62 35.71
C GLU A 31 17.51 14.85 37.02
N LYS A 32 16.61 15.33 37.88
CA LYS A 32 16.32 14.70 39.16
C LYS A 32 14.82 14.77 39.40
N ARG A 33 14.34 13.92 40.31
CA ARG A 33 12.92 13.88 40.63
C ARG A 33 12.44 15.24 41.14
N ASN A 34 11.34 15.73 40.57
CA ASN A 34 10.71 16.98 40.95
C ASN A 34 11.63 18.19 40.80
N VAL A 35 12.68 18.07 40.00
CA VAL A 35 13.57 19.17 39.67
C VAL A 35 13.32 19.53 38.22
N ILE A 36 12.73 20.68 37.98
CA ILE A 36 12.39 21.08 36.60
C ILE A 36 13.66 21.49 35.88
N PRO A 37 13.85 21.13 34.60
CA PRO A 37 15.11 21.46 33.92
C PRO A 37 15.30 22.96 33.68
N GLU A 38 14.35 23.81 34.08
CA GLU A 38 14.50 25.24 33.92
C GLU A 38 15.50 25.85 34.90
N TYR A 39 15.79 25.17 36.01
CA TYR A 39 16.67 25.73 37.03
C TYR A 39 18.16 25.48 36.76
N ALA A 40 18.49 24.47 35.97
CA ALA A 40 19.88 24.11 35.75
C ALA A 40 20.65 25.21 35.04
N ASN A 41 21.87 25.47 35.51
CA ASN A 41 22.75 26.42 34.87
C ASN A 41 23.98 25.71 34.33
N ILE A 42 24.54 26.24 33.25
CA ILE A 42 25.74 25.67 32.64
C ILE A 42 26.82 26.74 32.58
N LYS A 43 28.02 26.39 33.04
CA LYS A 43 29.16 27.30 32.98
C LYS A 43 29.93 27.05 31.69
N LEU A 44 30.24 28.12 30.96
CA LEU A 44 30.96 28.06 29.70
C LEU A 44 32.30 28.76 29.92
N SER A 45 33.40 28.04 29.71
CA SER A 45 34.72 28.60 29.94
C SER A 45 35.56 28.38 28.68
N ALA A 46 35.99 29.47 28.05
CA ALA A 46 36.79 29.41 26.84
C ALA A 46 38.24 29.71 27.19
N GLN A 47 39.13 28.75 26.92
CA GLN A 47 40.55 28.90 27.22
C GLN A 47 41.32 27.87 26.39
N ASP A 48 42.49 28.29 25.89
CA ASP A 48 43.46 27.37 25.30
C ASP A 48 42.83 26.52 24.19
N GLY A 49 42.14 27.18 23.26
CA GLY A 49 41.56 26.47 22.13
C GLY A 49 40.36 25.58 22.40
N ASN A 50 39.79 25.59 23.61
CA ASN A 50 38.68 24.70 23.94
CA ASN A 50 38.65 24.72 23.88
C ASN A 50 37.59 25.48 24.67
N LEU A 51 36.38 24.97 24.58
CA LEU A 51 35.25 25.42 25.37
C LEU A 51 34.98 24.33 26.39
N GLU A 52 35.04 24.67 27.67
CA GLU A 52 34.65 23.73 28.72
C GLU A 52 33.24 24.06 29.18
N LEU A 53 32.36 23.06 29.15
CA LEU A 53 30.97 23.20 29.60
C LEU A 53 30.80 22.38 30.88
N SER A 54 30.41 23.04 31.96
CA SER A 54 30.30 22.42 33.27
C SER A 54 28.86 22.49 33.77
N SER A 55 28.34 21.33 34.22
CA SER A 55 27.01 21.18 34.79
C SER A 55 27.17 20.51 36.13
N THR A 56 26.42 20.97 37.13
CA THR A 56 26.55 20.34 38.43
C THR A 56 25.26 20.48 39.23
N ASN A 57 24.90 19.41 39.92
CA ASN A 57 23.81 19.46 40.87
C ASN A 57 24.27 18.83 42.17
N MET A 58 23.31 18.53 43.05
CA MET A 58 23.62 17.98 44.36
C MET A 58 24.33 16.63 44.27
N ASP A 59 24.24 15.94 43.14
CA ASP A 59 24.73 14.57 43.02
C ASP A 59 25.87 14.41 42.05
N LEU A 60 25.94 15.22 41.00
CA LEU A 60 26.84 15.00 39.88
C LEU A 60 27.52 16.30 39.48
N TYR A 61 28.74 16.16 38.97
CA TYR A 61 29.43 17.21 38.25
CA TYR A 61 29.42 17.22 38.25
C TYR A 61 29.84 16.63 36.91
N LEU A 62 29.58 17.37 35.83
CA LEU A 62 30.00 16.95 34.51
C LEU A 62 30.74 18.10 33.86
N SER A 63 31.95 17.84 33.40
CA SER A 63 32.72 18.82 32.62
C SER A 63 33.03 18.20 31.26
N GLN A 64 32.74 18.93 30.20
CA GLN A 64 33.02 18.49 28.83
C GLN A 64 33.86 19.55 28.13
N LYS A 65 34.91 19.14 27.44
CA LYS A 65 35.73 20.06 26.65
C LYS A 65 35.57 19.73 25.17
N ILE A 66 35.33 20.74 24.35
CA ILE A 66 35.26 20.58 22.91
C ILE A 66 36.10 21.66 22.25
N ALA A 67 36.72 21.29 21.13
CA ALA A 67 37.56 22.23 20.40
C ALA A 67 36.70 23.32 19.78
N VAL A 68 37.16 24.57 19.90
CA VAL A 68 36.49 25.73 19.32
C VAL A 68 37.59 26.70 18.92
N GLN A 69 37.23 27.71 18.15
CA GLN A 69 38.12 28.83 17.88
C GLN A 69 37.89 29.86 18.99
N VAL A 70 38.83 29.96 19.91
CA VAL A 70 38.70 30.91 21.01
C VAL A 70 39.17 32.28 20.51
N VAL A 71 38.24 33.22 20.35
CA VAL A 71 38.63 34.57 19.97
C VAL A 71 39.06 35.38 21.20
N SER A 72 38.32 35.26 22.30
CA SER A 72 38.69 35.88 23.57
C SER A 72 38.39 34.92 24.71
N GLU A 73 39.34 34.75 25.62
CA GLU A 73 39.15 33.83 26.74
C GLU A 73 38.25 34.47 27.79
N GLY A 74 37.43 33.65 28.43
CA GLY A 74 36.50 34.16 29.43
C GLY A 74 35.53 33.08 29.84
N GLU A 75 34.68 33.43 30.81
CA GLU A 75 33.69 32.49 31.34
C GLU A 75 32.36 33.19 31.55
N CYS A 76 31.26 32.44 31.40
CA CYS A 76 29.96 32.93 31.81
C CYS A 76 29.05 31.74 32.07
N THR A 77 27.93 32.01 32.72
CA THR A 77 26.97 30.97 33.08
C THR A 77 25.59 31.37 32.57
N VAL A 78 24.86 30.41 32.00
CA VAL A 78 23.51 30.66 31.48
C VAL A 78 22.65 29.44 31.79
N SER A 79 21.34 29.61 31.54
CA SER A 79 20.38 28.51 31.66
C SER A 79 20.72 27.37 30.70
N THR A 80 20.84 26.16 31.25
CA THR A 80 21.12 24.99 30.41
C THR A 80 20.00 24.77 29.39
N LYS A 81 18.75 24.77 29.88
CA LYS A 81 17.61 24.43 29.02
C LYS A 81 17.41 25.45 27.92
N THR A 82 17.57 26.75 28.24
CA THR A 82 17.42 27.77 27.22
C THR A 82 18.51 27.66 26.17
N LEU A 83 19.75 27.46 26.61
CA LEU A 83 20.84 27.34 25.66
C LEU A 83 20.64 26.10 24.81
N ASN A 84 20.24 24.99 25.44
CA ASN A 84 19.98 23.77 24.69
C ASN A 84 18.88 23.99 23.65
N ASP A 85 17.75 24.54 24.07
CA ASP A 85 16.61 24.66 23.18
C ASP A 85 16.89 25.58 22.00
N ILE A 86 17.70 26.62 22.21
CA ILE A 86 18.05 27.55 21.13
C ILE A 86 19.00 26.90 20.14
N VAL A 87 20.11 26.35 20.64
CA VAL A 87 21.14 25.85 19.73
C VAL A 87 20.61 24.71 18.87
N ARG A 88 19.64 23.95 19.40
CA ARG A 88 19.07 22.85 18.62
CA ARG A 88 19.03 22.85 18.65
C ARG A 88 18.23 23.32 17.45
N LYS A 89 17.82 24.58 17.43
CA LYS A 89 17.00 25.09 16.33
C LYS A 89 17.76 26.02 15.42
N LEU A 90 19.07 26.16 15.61
CA LEU A 90 19.79 27.05 14.69
C LEU A 90 20.33 26.26 13.52
N PRO A 91 20.10 26.72 12.27
CA PRO A 91 20.50 25.91 11.11
C PRO A 91 21.96 26.08 10.72
N ASP A 92 22.66 27.07 11.27
CA ASP A 92 24.03 27.36 10.87
C ASP A 92 24.97 26.21 11.23
N SER A 93 25.97 26.00 10.38
CA SER A 93 26.97 24.99 10.70
C SER A 93 27.93 25.46 11.79
N GLU A 94 28.12 26.77 11.96
CA GLU A 94 28.90 27.33 13.06
C GLU A 94 28.12 28.47 13.71
N LEU A 95 28.35 28.64 15.00
CA LEU A 95 27.78 29.74 15.76
C LEU A 95 28.89 30.53 16.43
N THR A 96 28.67 31.83 16.59
CA THR A 96 29.55 32.67 17.40
C THR A 96 28.86 32.94 18.73
N LEU A 97 29.57 32.67 19.82
CA LEU A 97 29.10 32.95 21.18
C LEU A 97 29.93 34.12 21.72
N THR A 98 29.26 35.18 22.16
CA THR A 98 29.99 36.34 22.67
C THR A 98 29.32 36.82 23.94
N ASP A 99 30.07 36.88 25.03
CA ASP A 99 29.56 37.51 26.25
C ASP A 99 29.64 39.03 26.08
N LEU A 100 28.50 39.68 25.93
CA LEU A 100 28.50 41.13 25.72
C LEU A 100 28.35 41.93 27.02
N GLY A 101 28.33 41.29 28.18
CA GLY A 101 28.19 42.01 29.43
C GLY A 101 26.72 42.13 29.85
N THR A 102 26.24 43.38 29.97
CA THR A 102 24.91 43.59 30.53
C THR A 102 23.82 43.00 29.65
N THR A 103 24.02 42.95 28.34
CA THR A 103 22.98 42.36 27.49
C THR A 103 23.04 40.85 27.43
N GLY A 104 24.04 40.21 28.04
CA GLY A 104 24.06 38.76 28.19
C GLY A 104 24.98 38.08 27.19
N LEU A 105 24.80 36.75 27.11
CA LEU A 105 25.53 35.97 26.14
C LEU A 105 24.82 36.05 24.79
N GLU A 106 25.52 36.50 23.75
CA GLU A 106 24.95 36.54 22.41
C GLU A 106 25.31 35.27 21.66
N ILE A 107 24.29 34.59 21.15
CA ILE A 107 24.45 33.44 20.27
C ILE A 107 24.06 33.92 18.88
N LYS A 108 25.03 33.95 17.97
CA LYS A 108 24.84 34.59 16.68
C LYS A 108 25.00 33.57 15.55
N GLY A 109 23.96 33.40 14.75
CA GLY A 109 24.04 32.71 13.48
C GLY A 109 24.04 33.72 12.34
N LYS A 110 23.85 33.20 11.12
CA LYS A 110 23.88 34.06 9.94
C LYS A 110 22.76 35.09 9.98
N ASN A 111 21.55 34.66 10.31
CA ASN A 111 20.41 35.57 10.23
C ASN A 111 19.79 35.88 11.58
N CYS A 112 20.32 35.34 12.67
N CYS A 112 20.33 35.32 12.66
CA CYS A 112 19.61 35.38 13.93
CA CYS A 112 19.66 35.26 13.95
C CYS A 112 20.58 35.63 15.07
C CYS A 112 20.62 35.69 15.05
N LYS A 113 20.07 36.28 16.12
CA LYS A 113 20.84 36.64 17.31
C LYS A 113 19.94 36.37 18.52
N PHE A 114 20.43 35.57 19.47
CA PHE A 114 19.78 35.38 20.76
C PHE A 114 20.67 36.00 21.82
N ASN A 115 20.06 36.69 22.79
CA ASN A 115 20.79 37.16 23.97
C ASN A 115 20.20 36.47 25.18
N LEU A 116 21.03 35.71 25.90
CA LEU A 116 20.64 35.01 27.12
C LEU A 116 21.26 35.72 28.31
N PHE A 117 20.45 36.05 29.31
CA PHE A 117 20.98 36.68 30.50
C PHE A 117 21.95 35.75 31.21
N THR A 118 23.05 36.31 31.70
CA THR A 118 24.06 35.51 32.37
C THR A 118 23.87 35.61 33.88
N LEU A 119 24.33 34.61 34.56
CA LEU A 119 24.24 34.58 36.01
C LEU A 119 25.61 34.90 36.60
N PRO A 120 25.64 35.44 37.83
CA PRO A 120 26.94 35.69 38.48
C PRO A 120 27.85 34.47 38.41
N VAL A 121 28.90 34.53 37.60
CA VAL A 121 29.70 33.34 37.33
C VAL A 121 30.50 32.91 38.56
N SER A 122 30.69 33.82 39.53
CA SER A 122 31.26 33.42 40.81
C SER A 122 30.35 32.49 41.59
N SER A 123 29.05 32.42 41.23
CA SER A 123 28.13 31.55 41.95
C SER A 123 28.29 30.08 41.57
N PHE A 124 28.78 29.81 40.36
CA PHE A 124 28.90 28.43 39.88
C PHE A 124 30.13 27.77 40.50
N PRO A 125 29.98 26.66 41.22
CA PRO A 125 31.13 26.04 41.87
C PRO A 125 32.05 25.31 40.89
N ALA A 126 33.33 25.27 41.24
CA ALA A 126 34.27 24.47 40.49
C ALA A 126 34.18 23.00 40.95
N MET A 127 34.68 22.12 40.09
CA MET A 127 34.67 20.70 40.38
C MET A 127 35.34 20.41 41.72
N ASP A 128 34.79 19.43 42.43
CA ASP A 128 35.47 18.95 43.63
C ASP A 128 36.84 18.40 43.28
N SER A 129 37.82 18.70 44.12
CA SER A 129 39.06 17.95 44.06
C SER A 129 38.82 16.57 44.63
N ILE A 130 39.53 15.58 44.11
CA ILE A 130 39.51 14.24 44.68
C ILE A 130 40.94 13.86 45.02
N ASN A 131 41.11 13.28 46.20
CA ASN A 131 42.38 12.64 46.56
C ASN A 131 42.15 11.14 46.46
N PRO A 132 42.56 10.50 45.37
CA PRO A 132 42.12 9.13 45.12
C PRO A 132 42.80 8.13 46.05
N GLU A 133 42.03 7.15 46.49
CA GLU A 133 42.61 5.96 47.13
C GLU A 133 42.97 4.89 46.10
N ALA A 134 42.33 4.91 44.93
CA ALA A 134 42.61 3.97 43.86
C ALA A 134 42.37 4.66 42.53
N SER A 135 43.15 4.28 41.52
CA SER A 135 43.01 4.85 40.19
CA SER A 135 42.97 4.83 40.18
C SER A 135 43.44 3.81 39.16
N PHE A 136 42.68 3.66 38.09
CA PHE A 136 43.02 2.70 37.06
C PHE A 136 42.30 3.06 35.79
N LYS A 137 42.75 2.48 34.68
CA LYS A 137 42.13 2.70 33.38
C LYS A 137 41.61 1.39 32.81
N ILE A 138 40.44 1.45 32.18
CA ILE A 138 39.90 0.33 31.39
C ILE A 138 39.35 0.89 30.09
N SER A 139 39.09 -0.02 29.14
CA SER A 139 38.51 0.41 27.89
C SER A 139 37.05 0.81 28.11
N CYS A 140 36.58 1.75 27.30
CA CYS A 140 35.19 2.15 27.41
C CYS A 140 34.27 1.00 27.05
N THR A 141 34.69 0.17 26.11
CA THR A 141 33.93 -1.02 25.76
C THR A 141 33.78 -1.95 26.97
N ASP A 142 34.84 -2.12 27.74
CA ASP A 142 34.75 -3.03 28.88
C ASP A 142 33.88 -2.43 29.98
N PHE A 143 34.01 -1.13 30.21
CA PHE A 143 33.19 -0.49 31.23
C PHE A 143 31.73 -0.49 30.84
N ALA A 144 31.44 -0.21 29.56
CA ALA A 144 30.05 -0.19 29.12
C ALA A 144 29.41 -1.55 29.31
N LYS A 145 30.16 -2.61 29.03
CA LYS A 145 29.64 -3.97 29.19
C LYS A 145 29.20 -4.22 30.63
N ILE A 146 30.06 -3.92 31.61
CA ILE A 146 29.72 -4.33 32.97
C ILE A 146 28.55 -3.49 33.52
N ILE A 147 28.44 -2.23 33.10
CA ILE A 147 27.29 -1.42 33.50
C ILE A 147 26.02 -1.87 32.77
N GLU A 148 26.13 -2.12 31.46
CA GLU A 148 24.97 -2.61 30.71
C GLU A 148 24.42 -3.91 31.29
N SER A 149 25.31 -4.79 31.73
CA SER A 149 24.86 -6.07 32.28
C SER A 149 24.34 -5.99 33.71
N THR A 150 24.44 -4.83 34.37
CA THR A 150 24.00 -4.77 35.76
C THR A 150 23.07 -3.62 36.10
N LYS A 151 22.92 -2.61 35.24
CA LYS A 151 22.09 -1.48 35.63
C LYS A 151 20.61 -1.85 35.77
N PHE A 152 20.13 -2.90 35.10
CA PHE A 152 18.68 -3.17 35.08
C PHE A 152 18.16 -3.76 36.39
N SER A 153 19.01 -4.35 37.22
CA SER A 153 18.57 -5.02 38.44
C SER A 153 18.95 -4.24 39.70
N ILE A 154 19.19 -2.93 39.57
CA ILE A 154 19.33 -2.06 40.73
C ILE A 154 17.98 -1.93 41.42
N SER A 155 17.98 -1.93 42.75
CA SER A 155 16.75 -1.70 43.51
C SER A 155 16.27 -0.26 43.37
N LEU A 156 14.95 -0.10 43.26
CA LEU A 156 14.29 1.20 43.33
C LEU A 156 13.69 1.48 44.70
N ASP A 157 13.86 0.58 45.66
CA ASP A 157 13.28 0.73 46.99
C ASP A 157 14.20 1.62 47.83
N GLU A 158 13.77 2.86 48.08
CA GLU A 158 14.64 3.79 48.80
C GLU A 158 14.83 3.43 50.26
N THR A 159 14.06 2.49 50.82
CA THR A 159 14.37 2.07 52.19
C THR A 159 15.52 1.09 52.26
N ARG A 160 16.02 0.61 51.12
CA ARG A 160 17.23 -0.19 51.08
CA ARG A 160 17.22 -0.21 51.06
C ARG A 160 18.23 0.51 50.18
N TYR A 161 18.61 1.72 50.60
CA TYR A 161 19.35 2.62 49.72
C TYR A 161 20.71 2.05 49.33
N ASN A 162 21.30 1.19 50.15
CA ASN A 162 22.55 0.54 49.75
C ASN A 162 22.40 -0.31 48.49
N LEU A 163 21.19 -0.75 48.14
CA LEU A 163 20.99 -1.50 46.90
C LEU A 163 20.61 -0.63 45.71
N ASN A 164 20.50 0.69 45.90
CA ASN A 164 20.06 1.59 44.84
C ASN A 164 21.20 2.03 43.93
N GLY A 165 22.19 1.16 43.72
CA GLY A 165 23.23 1.45 42.76
C GLY A 165 23.91 0.17 42.35
N VAL A 166 25.02 0.30 41.60
CA VAL A 166 25.84 -0.84 41.22
C VAL A 166 27.06 -0.90 42.12
N TYR A 167 27.42 -2.11 42.53
CA TYR A 167 28.54 -2.33 43.43
C TYR A 167 29.78 -2.53 42.57
N LEU A 168 30.63 -1.51 42.51
CA LEU A 168 31.87 -1.59 41.73
C LEU A 168 32.95 -2.06 42.68
N HIS A 169 33.61 -3.17 42.34
CA HIS A 169 34.52 -3.75 43.29
C HIS A 169 35.61 -4.54 42.58
N ILE A 170 36.70 -4.78 43.32
CA ILE A 170 37.86 -5.52 42.84
C ILE A 170 37.88 -6.89 43.52
N LYS A 171 38.07 -7.93 42.73
CA LYS A 171 38.27 -9.28 43.24
C LYS A 171 39.49 -9.82 42.51
N ASP A 172 40.65 -9.74 43.17
CA ASP A 172 41.94 -10.15 42.60
C ASP A 172 42.25 -9.24 41.41
N LYS A 173 42.39 -9.76 40.20
CA LYS A 173 42.63 -8.89 39.04
C LYS A 173 41.36 -8.58 38.27
N GLU A 174 40.19 -8.86 38.87
CA GLU A 174 38.91 -8.68 38.19
C GLU A 174 38.23 -7.42 38.71
N PHE A 175 37.83 -6.54 37.80
CA PHE A 175 37.00 -5.39 38.14
C PHE A 175 35.55 -5.76 37.86
N CYS A 176 34.69 -5.71 38.89
CA CYS A 176 33.38 -6.30 38.82
CA CYS A 176 33.37 -6.31 38.83
C CYS A 176 32.30 -5.28 39.16
N SER A 177 31.13 -5.45 38.52
CA SER A 177 29.91 -4.74 38.89
C SER A 177 28.88 -5.77 39.31
N ALA A 178 28.20 -5.53 40.42
CA ALA A 178 27.09 -6.38 40.83
C ALA A 178 25.90 -5.52 41.20
N SER A 179 24.69 -6.05 40.96
CA SER A 179 23.50 -5.35 41.42
C SER A 179 22.46 -6.38 41.86
N THR A 180 21.63 -5.98 42.82
CA THR A 180 20.53 -6.82 43.27
C THR A 180 19.39 -5.97 43.78
N ASP A 181 18.17 -6.48 43.61
CA ASP A 181 17.00 -5.85 44.20
C ASP A 181 16.27 -6.78 45.15
N GLY A 182 16.89 -7.89 45.53
CA GLY A 182 16.23 -8.91 46.33
C GLY A 182 15.51 -9.99 45.53
N HIS A 183 15.19 -9.71 44.27
CA HIS A 183 14.55 -10.70 43.40
C HIS A 183 15.50 -11.33 42.40
N ARG A 184 16.58 -10.64 42.06
CA ARG A 184 17.54 -11.14 41.10
C ARG A 184 18.90 -10.52 41.42
N LEU A 185 19.94 -11.10 40.81
CA LEU A 185 21.33 -10.70 41.00
C LEU A 185 22.01 -10.71 39.64
N SER A 186 22.75 -9.65 39.33
CA SER A 186 23.50 -9.57 38.08
C SER A 186 24.94 -9.26 38.42
N ILE A 187 25.86 -9.94 37.74
CA ILE A 187 27.29 -9.83 38.01
C ILE A 187 28.04 -9.79 36.69
N SER A 188 28.93 -8.81 36.52
CA SER A 188 29.64 -8.71 35.25
C SER A 188 31.03 -8.15 35.52
N TRP A 189 32.06 -8.73 34.91
CA TRP A 189 33.40 -8.30 35.27
C TRP A 189 34.32 -8.31 34.05
N VAL A 190 35.49 -7.70 34.25
CA VAL A 190 36.52 -7.60 33.23
C VAL A 190 37.88 -7.70 33.91
N THR A 191 38.85 -8.29 33.22
CA THR A 191 40.17 -8.50 33.79
C THR A 191 40.99 -7.23 33.63
N LEU A 192 41.61 -6.79 34.71
CA LEU A 192 42.55 -5.69 34.66
C LEU A 192 43.96 -6.23 34.43
N GLU A 193 44.80 -5.42 33.78
CA GLU A 193 46.18 -5.82 33.58
C GLU A 193 47.01 -5.63 34.85
N LYS A 194 46.76 -4.55 35.58
CA LYS A 194 47.49 -4.25 36.80
C LYS A 194 46.73 -4.75 38.03
N GLN A 195 47.47 -5.06 39.08
CA GLN A 195 46.85 -5.38 40.36
C GLN A 195 46.51 -4.07 41.07
N ILE A 196 45.23 -3.86 41.34
CA ILE A 196 44.75 -2.65 41.98
C ILE A 196 44.46 -2.96 43.43
N LYS A 197 44.60 -1.97 44.30
CA LYS A 197 44.16 -2.11 45.68
C LYS A 197 42.68 -2.46 45.73
N ASN A 198 42.33 -3.42 46.59
CA ASN A 198 40.94 -3.83 46.69
C ASN A 198 40.06 -2.66 47.14
N PHE A 199 38.89 -2.56 46.54
CA PHE A 199 37.87 -1.60 46.97
C PHE A 199 36.50 -2.18 46.68
N GLY A 200 35.49 -1.54 47.24
CA GLY A 200 34.11 -1.84 46.91
C GLY A 200 33.26 -0.62 47.21
N VAL A 201 32.63 -0.04 46.18
CA VAL A 201 31.86 1.18 46.32
C VAL A 201 30.57 1.04 45.54
N ILE A 202 29.57 1.84 45.91
CA ILE A 202 28.23 1.73 45.35
C ILE A 202 27.95 2.99 44.54
N LEU A 203 27.86 2.83 43.21
CA LEU A 203 27.59 3.95 42.31
C LEU A 203 26.08 4.12 42.14
N PRO A 204 25.52 5.29 42.44
CA PRO A 204 24.06 5.47 42.33
C PRO A 204 23.54 5.21 40.92
N GLN A 205 22.28 4.76 40.86
CA GLN A 205 21.67 4.41 39.58
C GLN A 205 21.79 5.52 38.55
N LYS A 206 21.45 6.76 38.92
CA LYS A 206 21.49 7.85 37.95
C LYS A 206 22.90 8.09 37.43
N SER A 207 23.88 8.05 38.33
CA SER A 207 25.27 8.20 37.90
C SER A 207 25.67 7.08 36.93
N ALA A 208 25.26 5.83 37.22
CA ALA A 208 25.60 4.73 36.32
C ALA A 208 24.97 4.94 34.94
N GLU A 209 23.69 5.32 34.90
CA GLU A 209 23.03 5.52 33.60
C GLU A 209 23.71 6.61 32.80
N GLU A 210 24.11 7.70 33.46
CA GLU A 210 24.70 8.83 32.74
C GLU A 210 26.11 8.52 32.24
N ILE A 211 26.95 7.87 33.06
CA ILE A 211 28.30 7.54 32.57
C ILE A 211 28.21 6.52 31.44
N LEU A 212 27.24 5.59 31.51
CA LEU A 212 27.06 4.63 30.42
C LEU A 212 26.80 5.35 29.10
N LYS A 213 25.91 6.35 29.10
CA LYS A 213 25.64 7.09 27.87
C LYS A 213 26.90 7.77 27.35
N ILE A 214 27.74 8.27 28.26
CA ILE A 214 28.94 8.98 27.85
C ILE A 214 29.94 8.02 27.22
N VAL A 215 30.19 6.87 27.86
CA VAL A 215 31.18 5.94 27.31
C VAL A 215 30.69 5.34 26.00
N LYS A 216 29.36 5.19 25.84
CA LYS A 216 28.79 4.63 24.62
C LYS A 216 28.78 5.60 23.45
N ASP A 217 29.06 6.88 23.68
CA ASP A 217 29.06 7.84 22.59
C ASP A 217 30.03 7.39 21.50
N PRO A 218 29.67 7.54 20.23
CA PRO A 218 30.61 7.18 19.14
C PRO A 218 32.01 7.72 19.33
N LYS A 219 32.16 8.91 19.92
CA LYS A 219 33.49 9.50 20.06
C LYS A 219 34.30 8.90 21.21
N ASN A 220 33.68 8.10 22.07
CA ASN A 220 34.34 7.56 23.25
C ASN A 220 34.42 6.05 23.29
N ILE A 221 33.51 5.35 22.59
CA ILE A 221 33.28 3.94 22.84
C ILE A 221 34.50 3.09 22.50
N ASN A 222 35.38 3.58 21.63
CA ASN A 222 36.58 2.86 21.24
C ASN A 222 37.81 3.26 22.05
N GLU A 223 37.68 4.19 22.98
CA GLU A 223 38.79 4.72 23.73
C GLU A 223 38.76 4.20 25.17
N ASP A 224 39.42 4.92 26.07
CA ASP A 224 39.61 4.46 27.45
C ASP A 224 38.94 5.41 28.43
N ILE A 225 38.69 4.89 29.63
CA ILE A 225 38.13 5.67 30.72
C ILE A 225 38.99 5.44 31.96
N GLU A 226 39.38 6.52 32.63
CA GLU A 226 40.12 6.42 33.88
C GLU A 226 39.15 6.58 35.03
N ILE A 227 39.28 5.72 36.03
CA ILE A 227 38.41 5.73 37.20
C ILE A 227 39.27 6.03 38.42
N LEU A 228 38.89 7.06 39.17
CA LEU A 228 39.60 7.46 40.38
C LEU A 228 38.58 7.52 41.50
N LEU A 229 38.89 6.89 42.63
CA LEU A 229 37.87 6.85 43.66
C LEU A 229 38.49 6.91 45.05
N ASN A 230 37.65 7.26 46.02
CA ASN A 230 37.91 7.03 47.43
C ASN A 230 36.58 6.59 48.04
N SER A 231 36.46 6.69 49.35
CA SER A 231 35.30 6.10 50.03
C SER A 231 34.00 6.89 49.80
N ASN A 232 34.07 8.16 49.39
CA ASN A 232 32.84 8.95 49.27
C ASN A 232 32.59 9.57 47.91
N LYS A 233 33.56 9.60 47.00
CA LYS A 233 33.33 10.11 45.66
C LYS A 233 34.08 9.27 44.65
N ILE A 234 33.62 9.33 43.40
CA ILE A 234 34.24 8.63 42.29
C ILE A 234 34.31 9.60 41.12
N LYS A 235 35.47 9.61 40.44
CA LYS A 235 35.70 10.47 39.28
C LYS A 235 35.97 9.61 38.06
N PHE A 236 35.26 9.90 36.98
CA PHE A 236 35.49 9.28 35.68
C PHE A 236 36.11 10.31 34.75
N ILE A 237 37.19 9.95 34.08
CA ILE A 237 37.75 10.77 33.01
C ILE A 237 37.63 9.93 31.74
N CYS A 238 36.64 10.24 30.92
CA CYS A 238 36.31 9.42 29.77
C CYS A 238 36.99 10.03 28.55
N ASN A 239 37.95 9.29 27.99
CA ASN A 239 38.66 9.73 26.77
C ASN A 239 39.17 11.17 26.91
N GLU A 240 39.80 11.45 28.06
CA GLU A 240 40.53 12.68 28.33
C GLU A 240 39.64 13.92 28.54
N ASN A 241 38.66 14.14 27.68
CA ASN A 241 38.00 15.45 27.63
C ASN A 241 36.64 15.51 28.29
N THR A 242 36.19 14.43 28.92
CA THR A 242 34.92 14.42 29.62
C THR A 242 35.14 13.89 31.02
N ILE A 243 34.75 14.69 32.02
CA ILE A 243 34.97 14.34 33.42
C ILE A 243 33.63 14.33 34.13
N MET A 244 33.33 13.22 34.81
CA MET A 244 32.14 13.14 35.64
C MET A 244 32.57 12.77 37.05
N LEU A 245 32.10 13.54 38.02
CA LEU A 245 32.31 13.22 39.43
C LEU A 245 30.95 12.90 40.04
N SER A 246 30.89 11.82 40.80
CA SER A 246 29.67 11.37 41.43
C SER A 246 29.89 11.09 42.91
N LYS A 247 28.85 11.30 43.70
CA LYS A 247 28.88 10.75 45.04
C LYS A 247 28.74 9.24 44.98
N LEU A 248 29.14 8.60 46.07
CA LEU A 248 28.93 7.18 46.28
C LEU A 248 27.92 7.00 47.40
N ILE A 249 27.14 5.91 47.32
CA ILE A 249 26.18 5.60 48.37
C ILE A 249 26.91 5.03 49.58
N ASP A 250 26.66 5.63 50.75
CA ASP A 250 27.20 5.10 52.00
C ASP A 250 26.44 3.83 52.36
N GLY A 251 27.12 2.70 52.29
CA GLY A 251 26.47 1.45 52.60
C GLY A 251 27.43 0.30 52.38
N THR A 252 26.98 -0.88 52.77
CA THR A 252 27.67 -2.10 52.44
C THR A 252 26.81 -2.88 51.45
N PHE A 253 27.47 -3.64 50.61
CA PHE A 253 26.75 -4.46 49.64
C PHE A 253 26.80 -5.90 50.11
N PRO A 254 25.71 -6.66 49.97
CA PRO A 254 25.69 -8.02 50.52
C PRO A 254 26.75 -8.90 49.87
N ASP A 255 27.12 -9.95 50.60
CA ASP A 255 28.03 -10.97 50.08
C ASP A 255 27.22 -11.82 49.11
N TYR A 256 27.23 -11.43 47.84
CA TYR A 256 26.35 -12.09 46.86
C TYR A 256 26.82 -13.49 46.50
N SER A 257 28.08 -13.83 46.79
CA SER A 257 28.66 -15.08 46.29
C SER A 257 27.88 -16.29 46.78
N THR A 258 27.36 -16.23 48.01
CA THR A 258 26.57 -17.32 48.55
C THR A 258 25.22 -17.49 47.88
N PHE A 259 24.81 -16.54 47.02
CA PHE A 259 23.50 -16.61 46.41
C PHE A 259 23.53 -17.15 44.99
N ILE A 260 24.71 -17.53 44.50
CA ILE A 260 24.85 -18.10 43.16
C ILE A 260 24.74 -19.61 43.31
N PRO A 261 23.77 -20.26 42.66
CA PRO A 261 23.68 -21.72 42.75
C PRO A 261 24.97 -22.38 42.31
N GLU A 262 25.46 -23.31 43.14
CA GLU A 262 26.65 -24.09 42.86
C GLU A 262 26.35 -25.38 42.11
N SER A 263 25.08 -25.78 42.04
CA SER A 263 24.73 -27.03 41.39
C SER A 263 23.37 -26.87 40.73
N SER A 264 23.06 -27.77 39.81
CA SER A 264 21.77 -27.72 39.15
C SER A 264 21.40 -29.12 38.71
N SER A 265 20.10 -29.35 38.53
CA SER A 265 19.64 -30.67 38.12
C SER A 265 19.08 -30.72 36.70
N SER A 266 18.88 -29.58 36.04
CA SER A 266 18.51 -29.59 34.64
C SER A 266 19.03 -28.33 33.97
N LYS A 267 19.21 -28.41 32.66
CA LYS A 267 19.77 -27.30 31.88
C LYS A 267 18.95 -27.11 30.61
N LEU A 268 18.56 -25.85 30.35
CA LEU A 268 17.89 -25.44 29.13
C LEU A 268 18.86 -24.65 28.28
N VAL A 269 18.95 -25.00 27.00
CA VAL A 269 19.65 -24.20 25.99
C VAL A 269 18.61 -23.83 24.94
N ILE A 270 18.49 -22.54 24.66
CA ILE A 270 17.39 -22.06 23.85
C ILE A 270 17.85 -20.83 23.09
N ASN A 271 17.27 -20.63 21.91
CA ASN A 271 17.56 -19.42 21.17
C ASN A 271 17.09 -18.21 21.96
N ARG A 272 17.99 -17.25 22.17
CA ARG A 272 17.73 -16.14 23.09
C ARG A 272 16.57 -15.28 22.62
N LYS A 273 16.60 -14.85 21.36
CA LYS A 273 15.57 -13.95 20.84
C LYS A 273 14.22 -14.66 20.78
N MET A 274 14.22 -15.94 20.38
CA MET A 274 12.97 -16.71 20.36
C MET A 274 12.35 -16.76 21.75
N PHE A 275 13.17 -17.04 22.77
CA PHE A 275 12.69 -17.15 24.15
C PHE A 275 12.16 -15.82 24.65
N ALA A 276 12.91 -14.74 24.41
CA ALA A 276 12.50 -13.41 24.89
C ALA A 276 11.21 -12.97 24.23
N ASP A 277 11.08 -13.18 22.92
CA ASP A 277 9.88 -12.76 22.20
C ASP A 277 8.66 -13.52 22.73
N SER A 278 8.83 -14.82 23.00
CA SER A 278 7.72 -15.63 23.51
CA SER A 278 7.74 -15.63 23.51
C SER A 278 7.30 -15.17 24.90
N ILE A 279 8.26 -14.98 25.80
CA ILE A 279 7.94 -14.47 27.14
C ILE A 279 7.17 -13.16 27.03
N GLU A 280 7.66 -12.24 26.19
CA GLU A 280 7.00 -10.94 26.09
C GLU A 280 5.54 -11.08 25.63
N ARG A 281 5.27 -11.93 24.63
CA ARG A 281 3.89 -11.98 24.16
CA ARG A 281 3.90 -12.08 24.11
C ARG A 281 2.99 -12.67 25.17
N ILE A 282 3.44 -13.75 25.82
CA ILE A 282 2.62 -14.45 26.80
C ILE A 282 2.35 -13.54 28.00
N ALA A 283 3.33 -12.72 28.37
CA ALA A 283 3.15 -11.80 29.50
C ALA A 283 2.07 -10.76 29.26
N ILE A 284 1.67 -10.52 28.00
CA ILE A 284 0.66 -9.50 27.72
C ILE A 284 -0.61 -9.75 28.52
N ILE A 285 -0.99 -11.02 28.69
CA ILE A 285 -2.24 -11.32 29.37
C ILE A 285 -2.20 -11.11 30.87
N THR A 286 -1.00 -10.92 31.46
CA THR A 286 -0.96 -10.82 32.92
C THR A 286 -1.42 -9.44 33.38
N VAL A 287 -1.63 -9.33 34.69
CA VAL A 287 -1.99 -8.07 35.35
C VAL A 287 -0.90 -7.69 36.33
N GLU A 288 -0.88 -6.40 36.68
CA GLU A 288 0.01 -5.94 37.74
C GLU A 288 -0.28 -6.71 39.02
N LYS A 289 0.78 -7.02 39.77
CA LYS A 289 0.75 -7.70 41.07
C LYS A 289 0.56 -9.22 40.92
N PHE A 290 0.41 -9.74 39.71
CA PHE A 290 0.72 -11.15 39.46
C PHE A 290 1.40 -11.21 38.08
N ARG A 291 2.51 -10.50 37.96
CA ARG A 291 3.35 -10.57 36.77
C ARG A 291 4.13 -11.88 36.86
N ALA A 292 3.64 -12.91 36.19
CA ALA A 292 4.30 -14.21 36.22
C ALA A 292 4.01 -14.96 34.93
N VAL A 293 5.03 -15.64 34.42
CA VAL A 293 4.83 -16.64 33.38
C VAL A 293 5.30 -17.98 33.91
N LYS A 294 4.69 -19.05 33.43
CA LYS A 294 5.05 -20.40 33.84
C LYS A 294 5.80 -21.07 32.70
N LEU A 295 6.98 -21.61 33.00
CA LEU A 295 7.73 -22.43 32.05
C LEU A 295 7.47 -23.88 32.39
N SER A 296 6.81 -24.60 31.48
CA SER A 296 6.58 -26.03 31.63
C SER A 296 7.58 -26.72 30.72
N LEU A 297 8.70 -27.14 31.31
CA LEU A 297 9.86 -27.62 30.57
C LEU A 297 9.81 -29.13 30.46
N SER A 298 10.07 -29.64 29.26
CA SER A 298 10.31 -31.06 29.03
C SER A 298 11.29 -31.19 27.88
N ARG A 299 11.81 -32.40 27.70
CA ARG A 299 12.71 -32.65 26.59
C ARG A 299 12.07 -32.30 25.25
N GLU A 300 10.79 -32.65 25.09
CA GLU A 300 10.13 -32.52 23.79
C GLU A 300 9.62 -31.09 23.54
N THR A 301 9.12 -30.41 24.57
CA THR A 301 8.55 -29.08 24.37
C THR A 301 8.77 -28.22 25.61
N LEU A 302 8.76 -26.92 25.40
CA LEU A 302 8.56 -25.92 26.43
C LEU A 302 7.23 -25.22 26.18
N GLU A 303 6.34 -25.25 27.16
CA GLU A 303 5.13 -24.44 27.12
C GLU A 303 5.31 -23.25 28.03
N ILE A 304 5.22 -22.05 27.46
CA ILE A 304 5.22 -20.81 28.22
C ILE A 304 3.77 -20.34 28.35
N SER A 305 3.28 -20.23 29.58
CA SER A 305 1.89 -19.88 29.78
C SER A 305 1.77 -18.78 30.83
N ALA A 306 0.58 -18.19 30.86
CA ALA A 306 0.27 -17.17 31.86
C ALA A 306 -1.24 -17.05 32.00
N VAL A 307 -1.66 -16.45 33.10
CA VAL A 307 -3.07 -16.15 33.34
C VAL A 307 -3.18 -14.69 33.78
N GLY A 308 -4.32 -14.09 33.45
CA GLY A 308 -4.66 -12.78 33.94
C GLY A 308 -6.06 -12.83 34.52
N GLU A 309 -6.20 -12.46 35.79
CA GLU A 309 -7.51 -12.50 36.44
C GLU A 309 -8.49 -11.62 35.68
N ALA A 310 -9.66 -12.17 35.37
CA ALA A 310 -10.72 -11.47 34.64
C ALA A 310 -10.29 -11.01 33.24
N ARG A 311 -9.17 -11.53 32.74
CA ARG A 311 -8.72 -11.23 31.38
C ARG A 311 -8.70 -12.47 30.50
N GLY A 312 -8.00 -13.52 30.93
CA GLY A 312 -7.91 -14.74 30.17
C GLY A 312 -6.60 -15.45 30.49
N ASN A 313 -6.07 -16.12 29.47
CA ASN A 313 -4.85 -16.90 29.65
C ASN A 313 -4.20 -17.05 28.29
N ALA A 314 -2.97 -17.55 28.28
CA ALA A 314 -2.23 -17.61 27.03
C ALA A 314 -1.21 -18.73 27.13
N LYS A 315 -0.89 -19.32 25.99
CA LYS A 315 0.06 -20.42 25.95
C LYS A 315 0.80 -20.44 24.62
N GLU A 316 2.12 -20.56 24.69
CA GLU A 316 2.95 -20.73 23.50
C GLU A 316 3.76 -22.01 23.64
N VAL A 317 3.89 -22.75 22.54
CA VAL A 317 4.58 -24.03 22.53
C VAL A 317 5.85 -23.89 21.73
N ILE A 318 6.97 -24.25 22.34
CA ILE A 318 8.28 -24.26 21.70
C ILE A 318 8.75 -25.69 21.59
N ASN A 319 9.06 -26.13 20.38
CA ASN A 319 9.41 -27.51 20.11
C ASN A 319 10.92 -27.71 20.10
N SER A 320 11.36 -28.89 20.56
CA SER A 320 12.79 -29.21 20.52
C SER A 320 13.30 -29.06 19.08
N SER A 321 14.48 -28.50 18.96
CA SER A 321 15.01 -28.14 17.64
C SER A 321 16.50 -27.94 17.75
N GLN A 322 17.23 -28.43 16.76
CA GLN A 322 18.66 -28.20 16.68
C GLN A 322 19.02 -27.09 15.70
N ASP A 323 18.03 -26.48 15.04
CA ASP A 323 18.30 -25.32 14.20
C ASP A 323 18.61 -24.11 15.08
N LYS A 324 19.66 -23.39 14.72
CA LYS A 324 20.11 -22.26 15.52
C LYS A 324 19.00 -21.24 15.76
N GLU A 325 18.22 -20.91 14.72
CA GLU A 325 17.28 -19.81 14.83
C GLU A 325 16.09 -20.15 15.72
N SER A 326 15.84 -21.43 15.98
CA SER A 326 14.72 -21.89 16.79
C SER A 326 15.17 -22.88 17.86
N PHE A 327 16.45 -22.79 18.25
CA PHE A 327 17.09 -23.82 19.04
C PHE A 327 16.37 -24.05 20.36
N TYR A 328 16.14 -25.33 20.68
CA TYR A 328 15.59 -25.72 21.97
C TYR A 328 16.16 -27.09 22.35
N GLU A 329 16.81 -27.14 23.51
CA GLU A 329 17.31 -28.41 24.01
C GLU A 329 17.18 -28.39 25.52
N TYR A 330 16.50 -29.40 26.06
CA TYR A 330 16.31 -29.53 27.51
C TYR A 330 16.61 -30.99 27.81
N ASN A 331 17.83 -31.27 28.24
CA ASN A 331 18.31 -32.66 28.31
C ASN A 331 17.97 -33.26 29.68
N SER A 332 16.67 -33.47 29.90
CA SER A 332 16.19 -34.06 31.14
C SER A 332 15.02 -34.99 30.85
N ASP A 333 14.98 -36.12 31.55
CA ASP A 333 13.82 -37.01 31.49
C ASP A 333 12.65 -36.50 32.33
N GLU A 334 12.90 -35.59 33.26
CA GLU A 334 11.87 -35.10 34.16
C GLU A 334 11.26 -33.81 33.61
N SER A 335 10.05 -33.53 34.03
CA SER A 335 9.39 -32.27 33.70
C SER A 335 9.54 -31.31 34.87
N LEU A 336 9.63 -30.03 34.57
CA LEU A 336 9.75 -29.00 35.59
C LEU A 336 8.81 -27.87 35.23
N ALA A 337 7.96 -27.49 36.17
CA ALA A 337 7.03 -26.37 35.96
C ALA A 337 7.43 -25.29 36.95
N ILE A 338 7.91 -24.16 36.45
CA ILE A 338 8.49 -23.15 37.34
C ILE A 338 8.12 -21.76 36.81
N GLY A 339 7.81 -20.86 37.73
CA GLY A 339 7.28 -19.54 37.37
C GLY A 339 8.32 -18.45 37.58
N PHE A 340 8.26 -17.41 36.74
CA PHE A 340 9.12 -16.24 36.88
C PHE A 340 8.36 -14.96 36.56
N ASN A 341 8.81 -13.87 37.16
CA ASN A 341 8.40 -12.55 36.68
C ASN A 341 8.96 -12.37 35.27
N PRO A 342 8.11 -12.17 34.27
CA PRO A 342 8.63 -12.08 32.89
C PRO A 342 9.59 -10.93 32.70
N GLN A 343 9.40 -9.83 33.42
CA GLN A 343 10.31 -8.68 33.27
C GLN A 343 11.73 -9.04 33.69
N TYR A 344 11.88 -9.86 34.75
CA TYR A 344 13.21 -10.20 35.23
C TYR A 344 13.93 -11.11 34.25
N LEU A 345 13.19 -12.00 33.57
CA LEU A 345 13.82 -12.78 32.50
C LEU A 345 14.13 -11.90 31.29
N GLU A 346 13.16 -11.08 30.86
CA GLU A 346 13.40 -10.22 29.69
C GLU A 346 14.60 -9.29 29.90
N ASP A 347 14.75 -8.75 31.12
CA ASP A 347 15.87 -7.86 31.42
C ASP A 347 17.21 -8.54 31.13
N VAL A 348 17.36 -9.78 31.60
CA VAL A 348 18.58 -10.55 31.38
C VAL A 348 18.75 -10.88 29.90
N LEU A 349 17.68 -11.34 29.25
CA LEU A 349 17.78 -11.75 27.85
C LEU A 349 18.18 -10.59 26.95
N LYS A 350 17.77 -9.36 27.29
CA LYS A 350 18.11 -8.18 26.51
C LYS A 350 19.50 -7.65 26.80
N ALA A 351 20.15 -8.08 27.88
CA ALA A 351 21.40 -7.44 28.28
C ALA A 351 22.59 -7.93 27.50
N VAL A 352 22.55 -9.14 26.94
CA VAL A 352 23.69 -9.74 26.27
C VAL A 352 23.26 -10.18 24.87
N LYS A 353 24.00 -9.74 23.87
CA LYS A 353 23.71 -10.08 22.47
C LYS A 353 24.35 -11.43 22.18
N SER A 354 23.52 -12.46 22.09
CA SER A 354 23.97 -13.83 21.99
C SER A 354 22.93 -14.61 21.21
N ASP A 355 23.37 -15.54 20.36
CA ASP A 355 22.42 -16.41 19.69
C ASP A 355 21.62 -17.23 20.70
N LEU A 356 22.32 -17.92 21.60
CA LEU A 356 21.69 -18.82 22.56
C LEU A 356 21.85 -18.30 23.98
N VAL A 357 21.08 -18.88 24.90
CA VAL A 357 21.19 -18.62 26.32
C VAL A 357 21.01 -19.94 27.05
N GLU A 358 21.66 -20.07 28.21
CA GLU A 358 21.58 -21.27 29.05
C GLU A 358 20.90 -20.92 30.37
N LEU A 359 19.97 -21.79 30.80
CA LEU A 359 19.31 -21.62 32.09
C LEU A 359 19.51 -22.89 32.89
N TYR A 360 20.07 -22.77 34.09
CA TYR A 360 20.36 -23.89 34.97
C TYR A 360 19.36 -23.89 36.12
N PHE A 361 18.59 -24.97 36.23
CA PHE A 361 17.48 -25.11 37.17
C PHE A 361 17.77 -26.15 38.26
N SER A 362 17.12 -25.96 39.41
CA SER A 362 16.97 -27.03 40.40
C SER A 362 15.47 -27.29 40.52
N ASP A 363 14.89 -27.15 41.71
CA ASP A 363 13.48 -27.37 41.91
C ASP A 363 12.68 -26.10 41.65
N VAL A 364 11.36 -26.18 41.82
CA VAL A 364 10.47 -25.07 41.45
C VAL A 364 10.64 -23.85 42.34
N SER A 365 11.27 -24.00 43.50
CA SER A 365 11.50 -22.89 44.41
C SER A 365 12.94 -22.40 44.39
N ALA A 366 13.81 -23.02 43.60
CA ALA A 366 15.19 -22.57 43.64
C ALA A 366 15.47 -21.55 42.54
N PRO A 367 16.44 -20.66 42.71
CA PRO A 367 16.71 -19.67 41.67
C PRO A 367 17.29 -20.30 40.41
N VAL A 368 17.10 -19.62 39.30
CA VAL A 368 17.70 -20.05 38.04
C VAL A 368 18.99 -19.27 37.84
N LEU A 369 20.02 -19.96 37.36
CA LEU A 369 21.27 -19.35 36.95
C LEU A 369 21.26 -19.23 35.44
N ILE A 370 21.52 -18.03 34.94
CA ILE A 370 21.44 -17.74 33.51
C ILE A 370 22.83 -17.34 33.03
N LYS A 371 23.31 -17.98 31.98
CA LYS A 371 24.60 -17.68 31.39
C LYS A 371 24.47 -17.66 29.88
N PHE A 372 25.34 -16.89 29.22
CA PHE A 372 25.36 -16.90 27.76
C PHE A 372 26.66 -17.55 27.29
N PRO A 373 26.58 -18.52 26.38
CA PRO A 373 27.70 -19.46 26.18
C PRO A 373 29.03 -18.83 25.82
N GLU A 374 29.06 -17.75 25.04
CA GLU A 374 30.34 -17.15 24.66
C GLU A 374 30.71 -15.96 25.53
N ASN A 375 30.06 -15.80 26.67
CA ASN A 375 30.20 -14.61 27.52
C ASN A 375 30.48 -15.07 28.95
N PRO A 376 31.70 -15.51 29.23
CA PRO A 376 31.99 -16.18 30.50
C PRO A 376 32.17 -15.24 31.68
N LYS A 377 32.05 -13.93 31.49
CA LYS A 377 32.24 -12.99 32.59
C LYS A 377 30.95 -12.20 32.85
N ASP A 378 29.81 -12.84 32.64
CA ASP A 378 28.50 -12.30 32.96
C ASP A 378 27.66 -13.41 33.57
N ILE A 379 27.09 -13.17 34.74
CA ILE A 379 26.32 -14.19 35.47
C ILE A 379 25.06 -13.55 36.01
N PHE A 380 23.92 -14.25 35.88
CA PHE A 380 22.63 -13.73 36.33
C PHE A 380 21.88 -14.80 37.12
N ILE A 381 21.26 -14.37 38.22
CA ILE A 381 20.47 -15.24 39.09
C ILE A 381 19.10 -14.60 39.24
N VAL A 382 18.04 -15.39 39.09
CA VAL A 382 16.68 -14.86 39.19
C VAL A 382 15.89 -15.82 40.06
N LEU A 383 15.24 -15.29 41.10
CA LEU A 383 14.40 -16.15 41.93
C LEU A 383 13.07 -16.41 41.23
N PRO A 384 12.48 -17.59 41.43
CA PRO A 384 11.18 -17.90 40.83
C PRO A 384 10.04 -17.33 41.66
N VAL A 385 8.85 -17.39 41.08
CA VAL A 385 7.63 -17.07 41.79
C VAL A 385 6.70 -18.27 41.70
N LYS A 386 5.81 -18.38 42.69
CA LYS A 386 4.83 -19.46 42.70
C LYS A 386 3.81 -19.28 41.57
N VAL A 387 3.57 -20.35 40.82
CA VAL A 387 2.55 -20.36 39.76
C VAL A 387 1.75 -21.66 39.80
N HIS B 7 -22.22 -24.31 18.23
CA HIS B 7 -22.62 -24.45 16.83
C HIS B 7 -22.50 -23.12 16.10
N HIS B 8 -23.40 -22.19 16.40
CA HIS B 8 -23.37 -20.85 15.83
C HIS B 8 -22.29 -19.97 16.45
N MET B 9 -21.12 -20.52 16.70
CA MET B 9 -20.02 -19.78 17.28
C MET B 9 -19.16 -19.19 16.17
N LEU B 10 -18.69 -17.97 16.39
CA LEU B 10 -17.82 -17.29 15.46
C LEU B 10 -16.52 -18.07 15.28
N LYS B 11 -16.09 -18.21 14.02
CA LYS B 11 -14.77 -18.71 13.69
C LYS B 11 -14.36 -18.08 12.37
N LEU B 12 -13.18 -17.46 12.34
CA LEU B 12 -12.73 -16.82 11.11
C LEU B 12 -11.21 -16.83 11.04
N ILE B 13 -10.70 -16.69 9.83
CA ILE B 13 -9.28 -16.47 9.57
C ILE B 13 -9.13 -15.08 8.97
N VAL B 14 -8.21 -14.29 9.51
CA VAL B 14 -8.07 -12.89 9.13
C VAL B 14 -6.59 -12.57 8.91
N GLU B 15 -6.31 -11.72 7.93
CA GLU B 15 -4.96 -11.18 7.75
C GLU B 15 -4.60 -10.26 8.92
N THR B 16 -3.49 -10.56 9.59
CA THR B 16 -3.18 -9.88 10.84
C THR B 16 -3.06 -8.37 10.65
N LYS B 17 -2.35 -7.94 9.61
CA LYS B 17 -2.14 -6.52 9.36
C LYS B 17 -3.46 -5.77 9.26
N THR B 18 -4.45 -6.39 8.62
CA THR B 18 -5.76 -5.76 8.48
C THR B 18 -6.47 -5.67 9.82
N LEU B 19 -6.42 -6.75 10.62
CA LEU B 19 -7.02 -6.70 11.95
C LEU B 19 -6.33 -5.66 12.83
N VAL B 20 -5.00 -5.58 12.76
CA VAL B 20 -4.27 -4.58 13.55
C VAL B 20 -4.75 -3.17 13.19
N GLN B 21 -4.92 -2.87 11.90
CA GLN B 21 -5.40 -1.54 11.51
C GLN B 21 -6.78 -1.25 12.10
N SER B 22 -7.71 -2.20 11.97
CA SER B 22 -9.06 -2.01 12.50
C SER B 22 -9.04 -1.81 14.00
N LEU B 23 -8.26 -2.60 14.72
CA LEU B 23 -8.20 -2.45 16.18
C LEU B 23 -7.63 -1.10 16.57
N GLY B 24 -6.69 -0.58 15.78
CA GLY B 24 -6.21 0.77 16.00
C GLY B 24 -7.32 1.81 15.99
N PHE B 25 -8.20 1.73 14.99
CA PHE B 25 -9.30 2.68 14.91
C PHE B 25 -10.32 2.44 16.03
N ALA B 26 -10.60 1.16 16.33
CA ALA B 26 -11.53 0.83 17.40
C ALA B 26 -11.00 1.31 18.75
N SER B 27 -9.69 1.25 18.93
CA SER B 27 -9.08 1.72 20.18
C SER B 27 -9.25 3.22 20.35
N SER B 28 -8.92 3.99 19.32
CA SER B 28 -8.85 5.43 19.53
C SER B 28 -10.23 6.06 19.71
N VAL B 29 -11.31 5.41 19.26
CA VAL B 29 -12.59 6.09 19.39
C VAL B 29 -13.11 6.04 20.82
N VAL B 30 -12.69 5.05 21.61
CA VAL B 30 -13.19 4.93 22.98
C VAL B 30 -12.15 5.41 23.98
N GLU B 31 -11.46 6.51 23.65
CA GLU B 31 -10.50 7.11 24.56
C GLU B 31 -11.09 8.30 25.28
N PRO B 37 -10.18 2.91 29.34
CA PRO B 37 -9.93 1.98 28.23
C PRO B 37 -10.16 0.53 28.64
N GLU B 38 -9.96 0.20 29.91
CA GLU B 38 -10.06 -1.19 30.35
C GLU B 38 -11.51 -1.68 30.31
N TYR B 39 -12.48 -0.79 30.47
CA TYR B 39 -13.89 -1.16 30.43
C TYR B 39 -14.42 -1.29 29.01
N ALA B 40 -13.72 -0.77 28.01
CA ALA B 40 -14.23 -0.75 26.65
C ALA B 40 -14.27 -2.16 26.08
N ASN B 41 -15.40 -2.52 25.49
CA ASN B 41 -15.52 -3.78 24.79
C ASN B 41 -15.71 -3.52 23.31
N ILE B 42 -15.28 -4.50 22.51
CA ILE B 42 -15.44 -4.47 21.07
C ILE B 42 -16.31 -5.66 20.68
N LYS B 43 -17.32 -5.41 19.85
CA LYS B 43 -18.16 -6.47 19.34
C LYS B 43 -17.56 -6.98 18.04
N LEU B 44 -17.43 -8.31 17.92
CA LEU B 44 -16.97 -8.94 16.69
C LEU B 44 -18.11 -9.75 16.09
N SER B 45 -18.43 -9.49 14.84
CA SER B 45 -19.56 -10.16 14.19
C SER B 45 -19.11 -10.70 12.84
N ALA B 46 -19.07 -12.03 12.70
CA ALA B 46 -18.67 -12.68 11.46
C ALA B 46 -19.92 -13.13 10.72
N GLN B 47 -20.16 -12.53 9.55
CA GLN B 47 -21.34 -12.80 8.75
C GLN B 47 -21.05 -12.43 7.30
N ASP B 48 -21.54 -13.26 6.38
CA ASP B 48 -21.52 -12.98 4.94
C ASP B 48 -20.13 -12.55 4.46
N GLY B 49 -19.11 -13.33 4.85
CA GLY B 49 -17.78 -13.15 4.33
C GLY B 49 -16.98 -12.02 4.93
N ASN B 50 -17.48 -11.36 5.96
CA ASN B 50 -16.79 -10.21 6.55
CA ASN B 50 -16.74 -10.25 6.55
C ASN B 50 -16.85 -10.29 8.06
N LEU B 51 -15.89 -9.62 8.70
CA LEU B 51 -15.89 -9.39 10.13
C LEU B 51 -16.30 -7.96 10.38
N GLU B 52 -17.32 -7.75 11.20
CA GLU B 52 -17.73 -6.40 11.59
C GLU B 52 -17.30 -6.15 13.03
N LEU B 53 -16.54 -5.07 13.24
CA LEU B 53 -15.98 -4.72 14.53
C LEU B 53 -16.64 -3.43 15.00
N SER B 54 -17.31 -3.48 16.13
CA SER B 54 -18.05 -2.31 16.63
C SER B 54 -17.47 -1.82 17.94
N SER B 55 -17.34 -0.49 18.05
CA SER B 55 -16.83 0.19 19.24
C SER B 55 -17.70 1.41 19.48
N THR B 56 -18.01 1.68 20.74
CA THR B 56 -18.91 2.79 21.04
C THR B 56 -18.72 3.25 22.46
N ASN B 57 -19.11 4.50 22.69
CA ASN B 57 -19.31 5.07 24.01
C ASN B 57 -20.54 5.97 23.97
N MET B 58 -20.57 7.01 24.81
CA MET B 58 -21.75 7.86 24.88
C MET B 58 -21.88 8.80 23.70
N ASP B 59 -20.77 9.07 22.98
CA ASP B 59 -20.77 10.12 21.97
C ASP B 59 -20.65 9.59 20.55
N LEU B 60 -20.10 8.40 20.38
CA LEU B 60 -19.55 7.92 19.12
C LEU B 60 -19.87 6.44 18.98
N TYR B 61 -20.15 6.00 17.75
CA TYR B 61 -20.31 4.58 17.46
C TYR B 61 -19.58 4.31 16.14
N LEU B 62 -18.63 3.38 16.17
CA LEU B 62 -17.85 3.04 14.99
C LEU B 62 -18.08 1.59 14.61
N SER B 63 -18.47 1.37 13.36
CA SER B 63 -18.57 0.02 12.81
C SER B 63 -17.59 -0.09 11.64
N GLN B 64 -16.77 -1.14 11.65
CA GLN B 64 -15.83 -1.41 10.57
C GLN B 64 -16.04 -2.84 10.07
N LYS B 65 -16.11 -3.00 8.75
CA LYS B 65 -16.17 -4.32 8.14
C LYS B 65 -14.89 -4.56 7.36
N ILE B 66 -14.30 -5.75 7.53
CA ILE B 66 -13.14 -6.17 6.77
C ILE B 66 -13.40 -7.57 6.24
N ALA B 67 -12.88 -7.84 5.04
CA ALA B 67 -13.04 -9.17 4.46
C ALA B 67 -12.20 -10.18 5.22
N VAL B 68 -12.81 -11.32 5.57
CA VAL B 68 -12.12 -12.40 6.24
C VAL B 68 -12.63 -13.71 5.64
N GLN B 69 -11.98 -14.81 6.02
CA GLN B 69 -12.47 -16.14 5.70
CA GLN B 69 -12.48 -16.14 5.69
C GLN B 69 -13.38 -16.57 6.84
N VAL B 70 -14.69 -16.49 6.63
CA VAL B 70 -15.66 -16.85 7.67
C VAL B 70 -15.84 -18.36 7.67
N VAL B 71 -15.34 -19.03 8.71
CA VAL B 71 -15.57 -20.47 8.82
C VAL B 71 -16.91 -20.75 9.47
N SER B 72 -17.29 -19.95 10.47
CA SER B 72 -18.59 -20.11 11.09
C SER B 72 -19.10 -18.73 11.50
N GLU B 73 -20.38 -18.46 11.23
CA GLU B 73 -20.96 -17.16 11.57
C GLU B 73 -21.31 -17.08 13.05
N GLY B 74 -21.14 -15.90 13.63
CA GLY B 74 -21.46 -15.69 15.03
C GLY B 74 -20.98 -14.35 15.48
N GLU B 75 -21.29 -14.05 16.76
CA GLU B 75 -20.86 -12.77 17.35
C GLU B 75 -20.36 -13.01 18.77
N CYS B 76 -19.41 -12.17 19.20
CA CYS B 76 -18.96 -12.17 20.59
C CYS B 76 -18.36 -10.80 20.87
N THR B 77 -18.11 -10.52 22.16
CA THR B 77 -17.48 -9.26 22.52
C THR B 77 -16.38 -9.52 23.55
N VAL B 78 -15.30 -8.75 23.46
CA VAL B 78 -14.13 -8.88 24.33
C VAL B 78 -13.59 -7.49 24.63
N SER B 79 -12.62 -7.45 25.56
CA SER B 79 -11.90 -6.22 25.88
C SER B 79 -11.21 -5.64 24.64
N THR B 80 -11.52 -4.39 24.31
CA THR B 80 -10.83 -3.74 23.19
C THR B 80 -9.32 -3.67 23.44
N LYS B 81 -8.91 -3.21 24.62
CA LYS B 81 -7.49 -3.02 24.89
C LYS B 81 -6.72 -4.33 24.84
N THR B 82 -7.27 -5.38 25.44
CA THR B 82 -6.56 -6.66 25.46
C THR B 82 -6.43 -7.24 24.06
N LEU B 83 -7.50 -7.17 23.27
CA LEU B 83 -7.42 -7.67 21.91
C LEU B 83 -6.41 -6.86 21.12
N ASN B 84 -6.44 -5.54 21.29
CA ASN B 84 -5.47 -4.69 20.61
C ASN B 84 -4.04 -5.05 21.01
N ASP B 85 -3.80 -5.22 22.31
CA ASP B 85 -2.43 -5.45 22.75
C ASP B 85 -1.91 -6.79 22.22
N ILE B 86 -2.77 -7.79 22.14
CA ILE B 86 -2.33 -9.13 21.77
C ILE B 86 -2.05 -9.21 20.28
N VAL B 87 -3.00 -8.72 19.46
CA VAL B 87 -2.86 -8.89 18.02
C VAL B 87 -1.62 -8.17 17.49
N ARG B 88 -1.26 -7.04 18.10
CA ARG B 88 -0.09 -6.31 17.64
CA ARG B 88 -0.08 -6.28 17.68
C ARG B 88 1.22 -7.04 17.94
N LYS B 89 1.21 -8.05 18.80
CA LYS B 89 2.40 -8.79 19.13
C LYS B 89 2.44 -10.19 18.53
N LEU B 90 1.43 -10.59 17.76
CA LEU B 90 1.59 -11.92 17.16
C LEU B 90 2.35 -11.80 15.83
N PRO B 91 3.30 -12.71 15.59
CA PRO B 91 4.12 -12.60 14.37
C PRO B 91 3.47 -13.16 13.12
N ASP B 92 2.38 -13.90 13.26
CA ASP B 92 1.77 -14.58 12.13
C ASP B 92 1.13 -13.58 11.17
N SER B 93 1.21 -13.88 9.87
CA SER B 93 0.55 -13.03 8.88
C SER B 93 -0.95 -13.24 8.84
N GLU B 94 -1.44 -14.36 9.36
CA GLU B 94 -2.87 -14.63 9.49
C GLU B 94 -3.13 -15.22 10.86
N LEU B 95 -4.29 -14.89 11.41
CA LEU B 95 -4.70 -15.39 12.70
C LEU B 95 -6.05 -16.08 12.56
N THR B 96 -6.32 -17.03 13.46
CA THR B 96 -7.63 -17.66 13.56
C THR B 96 -8.29 -17.17 14.84
N LEU B 97 -9.51 -16.69 14.71
CA LEU B 97 -10.30 -16.24 15.85
C LEU B 97 -11.48 -17.20 15.99
N THR B 98 -11.64 -17.79 17.17
CA THR B 98 -12.66 -18.81 17.36
C THR B 98 -13.28 -18.59 18.72
N ASP B 99 -14.60 -18.38 18.74
CA ASP B 99 -15.31 -18.30 20.02
C ASP B 99 -15.47 -19.72 20.57
N LEU B 100 -14.80 -19.99 21.68
CA LEU B 100 -14.81 -21.32 22.30
C LEU B 100 -15.70 -21.37 23.54
N GLY B 101 -16.70 -20.48 23.62
CA GLY B 101 -17.63 -20.51 24.74
C GLY B 101 -17.02 -20.15 26.07
N THR B 102 -17.14 -21.04 27.05
CA THR B 102 -16.55 -20.80 28.38
C THR B 102 -15.04 -20.70 28.33
N THR B 103 -14.39 -21.29 27.32
CA THR B 103 -12.95 -21.13 27.18
C THR B 103 -12.56 -19.69 26.84
N GLY B 104 -13.45 -18.93 26.20
CA GLY B 104 -13.22 -17.57 25.74
C GLY B 104 -13.13 -17.48 24.23
N LEU B 105 -12.81 -16.27 23.76
CA LEU B 105 -12.40 -16.05 22.37
C LEU B 105 -10.95 -16.48 22.22
N GLU B 106 -10.69 -17.45 21.33
CA GLU B 106 -9.33 -17.92 21.11
C GLU B 106 -8.73 -17.16 19.94
N ILE B 107 -7.60 -16.49 20.18
CA ILE B 107 -6.79 -15.91 19.10
C ILE B 107 -5.58 -16.80 18.92
N LYS B 108 -5.45 -17.39 17.73
CA LYS B 108 -4.50 -18.47 17.52
C LYS B 108 -3.58 -18.14 16.35
N GLY B 109 -2.26 -18.15 16.60
CA GLY B 109 -1.27 -18.24 15.56
C GLY B 109 -0.65 -19.62 15.50
N LYS B 110 0.49 -19.71 14.80
CA LYS B 110 1.13 -20.99 14.57
C LYS B 110 1.54 -21.66 15.88
N ASN B 111 2.11 -20.92 16.82
CA ASN B 111 2.64 -21.51 18.03
C ASN B 111 2.02 -20.98 19.30
N CYS B 112 1.11 -20.02 19.21
CA CYS B 112 0.62 -19.32 20.39
CA CYS B 112 0.63 -19.26 20.36
C CYS B 112 -0.89 -19.22 20.35
N LYS B 113 -1.50 -19.32 21.52
CA LYS B 113 -2.95 -19.25 21.71
C LYS B 113 -3.25 -18.33 22.89
N PHE B 114 -4.10 -17.33 22.68
CA PHE B 114 -4.65 -16.50 23.76
C PHE B 114 -6.13 -16.76 23.87
N ASN B 115 -6.62 -16.92 25.09
CA ASN B 115 -8.05 -17.02 25.36
C ASN B 115 -8.46 -15.75 26.11
N LEU B 116 -9.38 -14.99 25.51
CA LEU B 116 -9.93 -13.77 26.11
C LEU B 116 -11.36 -14.03 26.58
N PHE B 117 -11.65 -13.70 27.83
CA PHE B 117 -13.01 -13.88 28.32
C PHE B 117 -13.98 -12.98 27.56
N THR B 118 -15.15 -13.55 27.24
CA THR B 118 -16.14 -12.83 26.47
C THR B 118 -17.20 -12.25 27.39
N LEU B 119 -17.80 -11.17 26.96
CA LEU B 119 -18.95 -10.61 27.64
C LEU B 119 -20.19 -10.77 26.76
N PRO B 120 -21.37 -10.91 27.36
CA PRO B 120 -22.59 -11.14 26.56
C PRO B 120 -22.80 -10.07 25.51
N VAL B 121 -23.11 -10.50 24.29
CA VAL B 121 -23.40 -9.57 23.22
C VAL B 121 -24.67 -8.78 23.53
N SER B 122 -25.61 -9.39 24.27
CA SER B 122 -26.82 -8.67 24.69
C SER B 122 -26.50 -7.43 25.51
N SER B 123 -25.31 -7.35 26.11
CA SER B 123 -24.87 -6.16 26.82
C SER B 123 -24.31 -5.09 25.90
N PHE B 124 -24.20 -5.37 24.60
CA PHE B 124 -23.59 -4.44 23.66
C PHE B 124 -24.66 -3.74 22.85
N PRO B 125 -24.70 -2.41 22.85
CA PRO B 125 -25.79 -1.70 22.15
C PRO B 125 -25.63 -1.72 20.64
N ALA B 126 -26.77 -1.77 19.96
CA ALA B 126 -26.81 -1.59 18.51
C ALA B 126 -26.62 -0.11 18.18
N MET B 127 -26.16 0.14 16.95
CA MET B 127 -26.00 1.52 16.51
C MET B 127 -27.38 2.18 16.44
N ASP B 128 -27.45 3.42 16.91
CA ASP B 128 -28.70 4.17 16.81
C ASP B 128 -29.12 4.30 15.35
N SER B 129 -30.43 4.27 15.12
CA SER B 129 -30.97 4.59 13.82
C SER B 129 -30.92 6.09 13.59
N ILE B 130 -30.75 6.48 12.33
CA ILE B 130 -30.81 7.88 11.93
C ILE B 130 -31.78 8.01 10.77
N ASN B 131 -32.66 9.01 10.85
CA ASN B 131 -33.56 9.37 9.76
C ASN B 131 -33.14 10.74 9.27
N PRO B 132 -32.30 10.83 8.24
CA PRO B 132 -31.58 12.07 7.98
C PRO B 132 -32.41 13.12 7.27
N GLU B 133 -32.04 14.38 7.52
CA GLU B 133 -32.60 15.52 6.81
C GLU B 133 -31.76 15.96 5.61
N ALA B 134 -30.47 15.62 5.61
CA ALA B 134 -29.59 15.87 4.47
C ALA B 134 -28.71 14.64 4.26
N SER B 135 -28.40 14.36 3.00
CA SER B 135 -27.53 13.25 2.62
C SER B 135 -26.74 13.64 1.39
N PHE B 136 -25.41 13.47 1.43
CA PHE B 136 -24.60 13.81 0.28
C PHE B 136 -23.25 13.12 0.40
N LYS B 137 -22.54 13.08 -0.72
CA LYS B 137 -21.25 12.40 -0.81
C LYS B 137 -20.19 13.39 -1.31
N ILE B 138 -19.00 13.32 -0.71
CA ILE B 138 -17.84 14.06 -1.18
C ILE B 138 -16.64 13.12 -1.18
N SER B 139 -15.59 13.53 -1.87
CA SER B 139 -14.37 12.73 -1.86
C SER B 139 -13.75 12.75 -0.47
N CYS B 140 -13.01 11.69 -0.15
CA CYS B 140 -12.28 11.68 1.11
C CYS B 140 -11.18 12.71 1.12
N THR B 141 -10.61 13.01 -0.04
CA THR B 141 -9.57 14.04 -0.13
C THR B 141 -10.14 15.40 0.27
N ASP B 142 -11.32 15.73 -0.24
CA ASP B 142 -11.93 17.02 0.09
C ASP B 142 -12.33 17.11 1.56
N PHE B 143 -12.93 16.04 2.09
CA PHE B 143 -13.34 16.05 3.50
C PHE B 143 -12.13 16.15 4.41
N ALA B 144 -11.08 15.38 4.13
CA ALA B 144 -9.88 15.46 4.95
C ALA B 144 -9.33 16.88 4.93
N LYS B 145 -9.36 17.52 3.76
CA LYS B 145 -8.87 18.90 3.65
C LYS B 145 -9.62 19.81 4.61
N ILE B 146 -10.95 19.79 4.59
CA ILE B 146 -11.67 20.80 5.37
C ILE B 146 -11.55 20.54 6.88
N ILE B 147 -11.41 19.28 7.31
CA ILE B 147 -11.19 19.04 8.74
C ILE B 147 -9.75 19.40 9.13
N GLU B 148 -8.78 19.01 8.31
CA GLU B 148 -7.38 19.34 8.59
C GLU B 148 -7.20 20.85 8.76
N SER B 149 -7.87 21.63 7.92
CA SER B 149 -7.72 23.08 7.94
C SER B 149 -8.49 23.75 9.07
N THR B 150 -9.32 23.02 9.81
CA THR B 150 -10.15 23.65 10.84
C THR B 150 -10.08 23.02 12.22
N LYS B 151 -9.56 21.81 12.37
CA LYS B 151 -9.62 21.19 13.69
C LYS B 151 -8.69 21.86 14.70
N PHE B 152 -7.64 22.56 14.25
CA PHE B 152 -6.66 23.08 15.20
C PHE B 152 -7.13 24.34 15.93
N SER B 153 -8.14 25.06 15.42
CA SER B 153 -8.61 26.29 16.05
C SER B 153 -9.96 26.10 16.73
N ILE B 154 -10.31 24.86 17.06
CA ILE B 154 -11.44 24.59 17.95
C ILE B 154 -11.14 25.15 19.34
N SER B 155 -12.16 25.65 20.02
CA SER B 155 -12.01 26.00 21.42
C SER B 155 -11.82 24.76 22.30
N LEU B 156 -10.84 24.81 23.20
CA LEU B 156 -10.68 23.77 24.21
C LEU B 156 -11.40 24.11 25.50
N ASP B 157 -11.96 25.31 25.61
CA ASP B 157 -12.70 25.75 26.78
C ASP B 157 -14.04 25.04 26.79
N GLU B 158 -14.17 24.00 27.63
CA GLU B 158 -15.37 23.17 27.67
C GLU B 158 -16.60 23.93 28.16
N THR B 159 -16.43 25.15 28.68
CA THR B 159 -17.61 25.96 29.01
C THR B 159 -18.28 26.47 27.74
N ARG B 160 -17.50 27.11 26.86
CA ARG B 160 -17.99 27.55 25.55
C ARG B 160 -18.27 26.33 24.68
N TYR B 161 -19.39 25.66 24.97
CA TYR B 161 -19.69 24.38 24.36
C TYR B 161 -20.02 24.52 22.87
N ASN B 162 -20.56 25.66 22.45
CA ASN B 162 -20.86 25.84 21.03
C ASN B 162 -19.61 26.06 20.18
N LEU B 163 -18.44 26.21 20.79
CA LEU B 163 -17.20 26.35 20.05
C LEU B 163 -16.31 25.13 20.17
N ASN B 164 -16.73 24.10 20.89
CA ASN B 164 -15.88 22.94 21.12
C ASN B 164 -15.96 21.94 19.98
N GLY B 165 -16.15 22.43 18.75
CA GLY B 165 -16.20 21.56 17.61
C GLY B 165 -16.04 22.34 16.33
N VAL B 166 -16.28 21.66 15.21
CA VAL B 166 -16.20 22.29 13.90
C VAL B 166 -17.62 22.50 13.40
N TYR B 167 -17.86 23.65 12.81
CA TYR B 167 -19.18 24.02 12.29
C TYR B 167 -19.27 23.56 10.84
N LEU B 168 -20.01 22.47 10.60
CA LEU B 168 -20.19 21.94 9.26
C LEU B 168 -21.49 22.52 8.69
N HIS B 169 -21.38 23.21 7.56
CA HIS B 169 -22.54 23.96 7.06
C HIS B 169 -22.50 24.07 5.54
N ILE B 170 -23.66 24.42 4.98
CA ILE B 170 -23.83 24.66 3.54
C ILE B 170 -24.00 26.16 3.29
N LYS B 171 -23.29 26.65 2.28
CA LYS B 171 -23.48 28.01 1.76
C LYS B 171 -23.54 27.89 0.25
N ASP B 172 -24.73 28.14 -0.33
CA ASP B 172 -24.97 27.90 -1.75
C ASP B 172 -24.58 26.47 -2.12
N LYS B 173 -23.60 26.32 -3.00
CA LYS B 173 -23.14 24.98 -3.39
C LYS B 173 -21.89 24.57 -2.64
N GLU B 174 -21.52 25.29 -1.58
CA GLU B 174 -20.28 25.02 -0.86
C GLU B 174 -20.60 24.28 0.45
N PHE B 175 -19.88 23.18 0.68
CA PHE B 175 -19.87 22.50 1.96
C PHE B 175 -18.67 23.00 2.75
N CYS B 176 -18.91 23.57 3.92
CA CYS B 176 -17.87 24.32 4.61
CA CYS B 176 -17.88 24.33 4.62
C CYS B 176 -17.68 23.81 6.03
N SER B 177 -16.48 24.00 6.55
CA SER B 177 -16.19 23.79 7.96
C SER B 177 -15.56 25.06 8.48
N ALA B 178 -16.01 25.52 9.65
CA ALA B 178 -15.45 26.70 10.29
C ALA B 178 -15.18 26.38 11.75
N SER B 179 -14.14 27.00 12.31
CA SER B 179 -13.88 26.86 13.73
C SER B 179 -13.30 28.15 14.28
N THR B 180 -13.59 28.43 15.54
CA THR B 180 -12.98 29.57 16.20
C THR B 180 -12.85 29.30 17.69
N ASP B 181 -11.85 29.92 18.30
CA ASP B 181 -11.68 29.90 19.75
C ASP B 181 -11.65 31.30 20.34
N GLY B 182 -12.03 32.32 19.58
CA GLY B 182 -12.00 33.68 20.02
C GLY B 182 -10.75 34.43 19.61
N HIS B 183 -9.63 33.73 19.42
CA HIS B 183 -8.40 34.36 18.97
C HIS B 183 -8.13 34.19 17.49
N ARG B 184 -8.76 33.21 16.84
CA ARG B 184 -8.52 32.96 15.43
C ARG B 184 -9.73 32.26 14.85
N LEU B 185 -9.84 32.32 13.53
CA LEU B 185 -10.93 31.68 12.80
C LEU B 185 -10.35 30.94 11.61
N SER B 186 -10.82 29.72 11.39
CA SER B 186 -10.39 28.93 10.25
C SER B 186 -11.61 28.51 9.46
N ILE B 187 -11.54 28.63 8.13
CA ILE B 187 -12.67 28.32 7.25
C ILE B 187 -12.14 27.54 6.05
N SER B 188 -12.77 26.41 5.75
CA SER B 188 -12.29 25.60 4.63
C SER B 188 -13.50 24.95 3.98
N TRP B 189 -13.56 24.96 2.65
CA TRP B 189 -14.77 24.48 1.98
C TRP B 189 -14.43 23.77 0.67
N VAL B 190 -15.45 23.10 0.13
CA VAL B 190 -15.36 22.40 -1.15
C VAL B 190 -16.71 22.51 -1.83
N THR B 191 -16.69 22.58 -3.15
CA THR B 191 -17.91 22.73 -3.92
C THR B 191 -18.62 21.40 -4.09
N LEU B 192 -19.92 21.38 -3.82
CA LEU B 192 -20.78 20.23 -4.10
C LEU B 192 -21.41 20.37 -5.48
N GLU B 193 -21.62 19.24 -6.14
CA GLU B 193 -22.35 19.26 -7.41
C GLU B 193 -23.85 19.36 -7.20
N LYS B 194 -24.36 18.71 -6.16
CA LYS B 194 -25.79 18.63 -5.93
C LYS B 194 -26.30 19.82 -5.10
N GLN B 195 -27.60 20.07 -5.19
CA GLN B 195 -28.24 21.16 -4.47
C GLN B 195 -28.77 20.61 -3.14
N ILE B 196 -28.00 20.80 -2.08
CA ILE B 196 -28.34 20.27 -0.77
C ILE B 196 -29.07 21.35 0.03
N LYS B 197 -30.02 20.92 0.86
CA LYS B 197 -30.66 21.84 1.78
C LYS B 197 -29.62 22.46 2.72
N ASN B 198 -29.79 23.74 3.02
CA ASN B 198 -28.88 24.42 3.93
C ASN B 198 -29.00 23.81 5.32
N PHE B 199 -27.87 23.41 5.89
CA PHE B 199 -27.80 22.93 7.27
C PHE B 199 -26.61 23.57 7.96
N GLY B 200 -26.57 23.40 9.28
CA GLY B 200 -25.48 23.92 10.08
C GLY B 200 -25.43 23.18 11.41
N VAL B 201 -24.38 22.39 11.61
CA VAL B 201 -24.27 21.52 12.77
C VAL B 201 -22.84 21.58 13.28
N ILE B 202 -22.69 21.30 14.57
CA ILE B 202 -21.40 21.42 15.25
C ILE B 202 -20.93 20.01 15.61
N LEU B 203 -19.85 19.59 15.00
CA LEU B 203 -19.32 18.26 15.19
C LEU B 203 -18.29 18.30 16.32
N PRO B 204 -18.44 17.48 17.36
CA PRO B 204 -17.50 17.54 18.49
C PRO B 204 -16.06 17.28 18.07
N GLN B 205 -15.13 17.91 18.80
CA GLN B 205 -13.72 17.81 18.47
C GLN B 205 -13.26 16.37 18.30
N LYS B 206 -13.64 15.49 19.25
CA LYS B 206 -13.19 14.11 19.20
C LYS B 206 -13.71 13.38 17.96
N SER B 207 -14.98 13.60 17.61
CA SER B 207 -15.52 13.01 16.40
C SER B 207 -14.77 13.48 15.17
N ALA B 208 -14.47 14.78 15.09
CA ALA B 208 -13.72 15.34 13.98
C ALA B 208 -12.35 14.67 13.87
N GLU B 209 -11.65 14.53 15.00
CA GLU B 209 -10.33 13.91 15.00
C GLU B 209 -10.41 12.47 14.51
N GLU B 210 -11.41 11.73 14.98
CA GLU B 210 -11.47 10.31 14.63
C GLU B 210 -11.86 10.11 13.17
N ILE B 211 -12.84 10.86 12.67
CA ILE B 211 -13.21 10.67 11.27
C ILE B 211 -12.08 11.07 10.34
N LEU B 212 -11.28 12.07 10.75
CA LEU B 212 -10.15 12.50 9.91
C LEU B 212 -9.13 11.39 9.75
N LYS B 213 -8.77 10.71 10.84
CA LYS B 213 -7.87 9.58 10.74
C LYS B 213 -8.45 8.48 9.86
N ILE B 214 -9.77 8.31 9.87
CA ILE B 214 -10.37 7.26 9.06
C ILE B 214 -10.27 7.60 7.57
N VAL B 215 -10.62 8.83 7.19
CA VAL B 215 -10.59 9.15 5.77
C VAL B 215 -9.16 9.20 5.24
N LYS B 216 -8.18 9.51 6.11
CA LYS B 216 -6.79 9.60 5.69
C LYS B 216 -6.13 8.25 5.52
N ASP B 217 -6.77 7.18 5.98
CA ASP B 217 -6.19 5.85 5.82
C ASP B 217 -5.91 5.56 4.35
N PRO B 218 -4.76 4.98 4.02
CA PRO B 218 -4.45 4.70 2.60
C PRO B 218 -5.56 3.98 1.85
N LYS B 219 -6.32 3.12 2.50
CA LYS B 219 -7.41 2.43 1.83
C LYS B 219 -8.60 3.33 1.54
N ASN B 220 -8.68 4.51 2.15
CA ASN B 220 -9.85 5.35 2.04
C ASN B 220 -9.60 6.68 1.34
N ILE B 221 -8.35 7.18 1.35
CA ILE B 221 -8.10 8.56 0.97
C ILE B 221 -8.47 8.86 -0.48
N ASN B 222 -8.39 7.85 -1.36
CA ASN B 222 -8.73 8.06 -2.76
C ASN B 222 -10.18 7.75 -3.09
N GLU B 223 -11.03 7.53 -2.08
CA GLU B 223 -12.42 7.14 -2.31
C GLU B 223 -13.35 8.25 -1.82
N ASP B 224 -14.60 7.89 -1.54
CA ASP B 224 -15.61 8.89 -1.20
C ASP B 224 -16.19 8.62 0.19
N ILE B 225 -16.78 9.66 0.77
CA ILE B 225 -17.44 9.57 2.06
C ILE B 225 -18.85 10.12 1.93
N GLU B 226 -19.83 9.35 2.41
CA GLU B 226 -21.21 9.77 2.46
C GLU B 226 -21.53 10.34 3.83
N ILE B 227 -22.24 11.47 3.85
CA ILE B 227 -22.55 12.19 5.07
C ILE B 227 -24.07 12.28 5.18
N LEU B 228 -24.62 11.79 6.28
CA LEU B 228 -26.05 11.82 6.55
C LEU B 228 -26.24 12.49 7.90
N LEU B 229 -27.19 13.41 7.99
CA LEU B 229 -27.33 14.14 9.25
C LEU B 229 -28.77 14.57 9.47
N ASN B 230 -29.05 14.89 10.72
CA ASN B 230 -30.21 15.68 11.11
C ASN B 230 -29.75 16.61 12.22
N SER B 231 -30.70 17.11 13.02
CA SER B 231 -30.38 18.13 14.02
C SER B 231 -29.55 17.56 15.17
N ASN B 232 -29.68 16.26 15.45
CA ASN B 232 -29.14 15.65 16.66
C ASN B 232 -27.96 14.72 16.41
N LYS B 233 -27.86 14.09 15.24
CA LYS B 233 -26.81 13.11 14.98
C LYS B 233 -26.31 13.26 13.55
N ILE B 234 -25.08 12.80 13.32
CA ILE B 234 -24.46 12.76 12.01
C ILE B 234 -23.84 11.38 11.81
N LYS B 235 -23.98 10.85 10.59
CA LYS B 235 -23.46 9.53 10.24
C LYS B 235 -22.50 9.68 9.07
N PHE B 236 -21.30 9.12 9.22
CA PHE B 236 -20.31 9.08 8.15
C PHE B 236 -20.20 7.64 7.66
N ILE B 237 -20.35 7.46 6.35
CA ILE B 237 -20.08 6.16 5.72
C ILE B 237 -18.85 6.36 4.85
N CYS B 238 -17.69 5.92 5.34
CA CYS B 238 -16.43 6.14 4.67
C CYS B 238 -16.11 4.94 3.81
N ASN B 239 -16.10 5.13 2.49
CA ASN B 239 -15.72 4.08 1.54
C ASN B 239 -16.49 2.79 1.83
N GLU B 240 -17.80 2.95 2.06
CA GLU B 240 -18.77 1.86 2.15
C GLU B 240 -18.67 1.04 3.44
N ASN B 241 -17.46 0.72 3.89
CA ASN B 241 -17.30 -0.33 4.89
C ASN B 241 -17.00 0.20 6.29
N THR B 242 -16.95 1.51 6.49
CA THR B 242 -16.67 2.10 7.78
C THR B 242 -17.72 3.15 8.07
N ILE B 243 -18.47 2.96 9.15
CA ILE B 243 -19.59 3.81 9.51
C ILE B 243 -19.36 4.38 10.90
N MET B 244 -19.42 5.70 11.02
CA MET B 244 -19.29 6.37 12.30
C MET B 244 -20.54 7.21 12.55
N LEU B 245 -21.17 7.01 13.69
CA LEU B 245 -22.33 7.79 14.12
C LEU B 245 -21.89 8.64 15.30
N SER B 246 -22.10 9.95 15.21
CA SER B 246 -21.68 10.88 16.24
C SER B 246 -22.84 11.78 16.67
N LYS B 247 -22.91 12.07 17.96
CA LYS B 247 -23.80 13.11 18.42
C LYS B 247 -23.29 14.47 17.92
N LEU B 248 -24.17 15.45 17.93
CA LEU B 248 -23.83 16.82 17.55
C LEU B 248 -24.01 17.74 18.76
N ILE B 249 -23.22 18.80 18.80
CA ILE B 249 -23.31 19.74 19.92
C ILE B 249 -24.51 20.64 19.73
N ASP B 250 -25.36 20.72 20.76
CA ASP B 250 -26.53 21.58 20.74
C ASP B 250 -26.07 23.00 21.07
N GLY B 251 -26.02 23.84 20.05
CA GLY B 251 -25.59 25.21 20.24
C GLY B 251 -25.72 25.96 18.93
N THR B 252 -25.40 27.25 18.99
CA THR B 252 -25.47 28.11 17.82
C THR B 252 -24.07 28.64 17.52
N PHE B 253 -23.52 28.28 16.37
CA PHE B 253 -22.22 28.77 15.99
C PHE B 253 -22.32 30.24 15.61
N PRO B 254 -21.38 31.07 16.05
CA PRO B 254 -21.46 32.51 15.77
C PRO B 254 -21.47 32.78 14.28
N ASP B 255 -22.01 33.95 13.91
CA ASP B 255 -22.01 34.40 12.52
C ASP B 255 -20.62 34.93 12.22
N TYR B 256 -19.76 34.06 11.70
CA TYR B 256 -18.35 34.40 11.54
C TYR B 256 -18.07 35.28 10.32
N SER B 257 -19.07 35.48 9.44
CA SER B 257 -18.82 36.19 8.19
C SER B 257 -18.27 37.60 8.44
N THR B 258 -18.77 38.28 9.46
CA THR B 258 -18.29 39.61 9.78
C THR B 258 -16.85 39.62 10.31
N PHE B 259 -16.30 38.47 10.65
CA PHE B 259 -14.93 38.43 11.16
C PHE B 259 -13.89 38.44 10.06
N ILE B 260 -14.29 38.23 8.81
CA ILE B 260 -13.32 38.17 7.72
C ILE B 260 -13.05 39.61 7.30
N PRO B 261 -11.79 40.06 7.34
CA PRO B 261 -11.49 41.40 6.81
C PRO B 261 -11.88 41.49 5.34
N GLU B 262 -12.56 42.58 5.00
CA GLU B 262 -12.92 42.82 3.60
C GLU B 262 -11.91 43.67 2.87
N SER B 263 -11.02 44.37 3.59
CA SER B 263 -9.99 45.16 2.94
C SER B 263 -8.71 45.03 3.73
N SER B 264 -7.60 45.41 3.09
CA SER B 264 -6.30 45.35 3.73
C SER B 264 -5.49 46.53 3.23
N SER B 265 -4.52 46.98 4.03
CA SER B 265 -3.66 48.06 3.61
C SER B 265 -2.24 47.62 3.29
N SER B 266 -1.86 46.39 3.60
CA SER B 266 -0.56 45.87 3.22
C SER B 266 -0.64 44.35 3.08
N LYS B 267 0.32 43.80 2.34
CA LYS B 267 0.31 42.39 1.98
C LYS B 267 1.73 41.84 2.06
N LEU B 268 1.89 40.76 2.79
CA LEU B 268 3.13 40.00 2.85
C LEU B 268 2.99 38.71 2.07
N VAL B 269 3.96 38.42 1.21
CA VAL B 269 4.10 37.11 0.56
C VAL B 269 5.46 36.57 0.96
N ILE B 270 5.47 35.35 1.49
CA ILE B 270 6.69 34.82 2.10
C ILE B 270 6.71 33.31 1.93
N ASN B 271 7.92 32.75 1.85
CA ASN B 271 8.05 31.31 1.82
C ASN B 271 7.52 30.73 3.11
N ARG B 272 6.62 29.77 2.99
CA ARG B 272 5.87 29.30 4.16
C ARG B 272 6.78 28.62 5.16
N LYS B 273 7.63 27.71 4.69
CA LYS B 273 8.49 26.95 5.60
C LYS B 273 9.52 27.86 6.26
N MET B 274 10.08 28.78 5.48
CA MET B 274 11.03 29.74 6.05
C MET B 274 10.39 30.56 7.17
N PHE B 275 9.16 31.04 6.93
CA PHE B 275 8.45 31.83 7.93
C PHE B 275 8.14 31.00 9.18
N ALA B 276 7.61 29.78 8.99
CA ALA B 276 7.27 28.94 10.13
C ALA B 276 8.51 28.59 10.97
N ASP B 277 9.61 28.24 10.32
CA ASP B 277 10.83 27.89 11.06
C ASP B 277 11.36 29.08 11.84
N SER B 278 11.32 30.27 11.25
CA SER B 278 11.81 31.45 11.95
CA SER B 278 11.79 31.48 11.93
C SER B 278 10.93 31.79 13.14
N ILE B 279 9.61 31.75 12.97
CA ILE B 279 8.72 32.00 14.09
C ILE B 279 9.00 31.01 15.22
N GLU B 280 9.15 29.73 14.89
CA GLU B 280 9.37 28.72 15.92
C GLU B 280 10.68 28.99 16.67
N ARG B 281 11.74 29.33 15.93
CA ARG B 281 13.04 29.61 16.52
C ARG B 281 12.97 30.79 17.49
N ILE B 282 12.33 31.88 17.05
CA ILE B 282 12.28 33.10 17.85
C ILE B 282 11.39 32.92 19.06
N ALA B 283 10.31 32.12 18.94
CA ALA B 283 9.39 31.88 20.04
C ALA B 283 10.03 31.13 21.20
N ILE B 284 11.18 30.47 20.99
CA ILE B 284 11.80 29.67 22.05
C ILE B 284 12.02 30.50 23.32
N ILE B 285 12.41 31.75 23.14
CA ILE B 285 12.77 32.62 24.28
C ILE B 285 11.55 33.06 25.08
N THR B 286 10.32 32.88 24.58
CA THR B 286 9.18 33.43 25.31
C THR B 286 8.80 32.54 26.50
N VAL B 287 7.94 33.08 27.35
CA VAL B 287 7.46 32.42 28.56
C VAL B 287 5.96 32.20 28.45
N GLU B 288 5.48 31.14 29.11
CA GLU B 288 4.05 30.85 29.16
C GLU B 288 3.26 32.07 29.66
N LYS B 289 2.09 32.29 29.05
CA LYS B 289 1.20 33.43 29.29
C LYS B 289 1.76 34.73 28.73
N PHE B 290 2.91 34.71 28.08
CA PHE B 290 3.51 35.87 27.43
C PHE B 290 4.01 35.45 26.06
N ARG B 291 3.21 34.64 25.35
CA ARG B 291 3.60 34.07 24.07
C ARG B 291 3.33 35.09 22.97
N ALA B 292 4.37 35.80 22.55
CA ALA B 292 4.20 36.83 21.53
C ALA B 292 5.49 36.90 20.72
N VAL B 293 5.34 37.02 19.41
CA VAL B 293 6.46 37.38 18.56
C VAL B 293 6.06 38.66 17.83
N LYS B 294 7.04 39.53 17.60
CA LYS B 294 6.84 40.80 16.93
C LYS B 294 7.32 40.68 15.48
N LEU B 295 6.44 41.02 14.53
CA LEU B 295 6.82 41.08 13.12
C LEU B 295 7.03 42.54 12.76
N SER B 296 8.28 42.92 12.52
CA SER B 296 8.60 44.28 12.08
C SER B 296 8.78 44.24 10.56
N LEU B 297 7.72 44.61 9.85
CA LEU B 297 7.64 44.44 8.40
C LEU B 297 8.11 45.69 7.69
N SER B 298 8.93 45.50 6.67
CA SER B 298 9.25 46.57 5.73
C SER B 298 9.51 45.95 4.37
N ARG B 299 9.66 46.83 3.36
CA ARG B 299 9.94 46.35 2.01
C ARG B 299 11.25 45.56 1.98
N GLU B 300 12.26 46.04 2.69
CA GLU B 300 13.60 45.49 2.58
C GLU B 300 13.82 44.29 3.48
N THR B 301 13.22 44.27 4.67
CA THR B 301 13.45 43.19 5.63
C THR B 301 12.19 42.97 6.46
N LEU B 302 12.07 41.74 6.96
CA LEU B 302 11.22 41.42 8.09
C LEU B 302 12.12 41.03 9.27
N GLU B 303 11.92 41.69 10.40
CA GLU B 303 12.58 41.28 11.65
C GLU B 303 11.54 40.59 12.52
N ILE B 304 11.82 39.34 12.87
CA ILE B 304 10.97 38.60 13.79
C ILE B 304 11.71 38.57 15.12
N SER B 305 11.06 39.07 16.18
CA SER B 305 11.74 39.22 17.44
C SER B 305 10.82 38.82 18.59
N ALA B 306 11.44 38.54 19.73
CA ALA B 306 10.67 38.20 20.93
C ALA B 306 11.52 38.45 22.16
N VAL B 307 10.84 38.48 23.30
CA VAL B 307 11.49 38.70 24.58
C VAL B 307 10.91 37.71 25.58
N GLY B 308 11.74 37.31 26.54
CA GLY B 308 11.30 36.48 27.64
C GLY B 308 11.80 37.08 28.93
N GLU B 309 10.88 37.47 29.81
CA GLU B 309 11.26 38.06 31.08
C GLU B 309 12.23 37.15 31.83
N ALA B 310 13.35 37.72 32.27
CA ALA B 310 14.40 37.02 33.00
C ALA B 310 15.01 35.86 32.21
N ARG B 311 14.82 35.84 30.88
CA ARG B 311 15.45 34.84 30.02
C ARG B 311 16.34 35.50 28.98
N GLY B 312 15.82 36.43 28.20
CA GLY B 312 16.59 37.15 27.21
C GLY B 312 15.69 37.63 26.07
N ASN B 313 16.26 37.70 24.87
CA ASN B 313 15.50 38.15 23.72
C ASN B 313 16.09 37.51 22.47
N ALA B 314 15.42 37.71 21.34
CA ALA B 314 15.82 37.01 20.12
C ALA B 314 15.35 37.82 18.93
N LYS B 315 16.13 37.78 17.84
CA LYS B 315 15.77 38.49 16.62
C LYS B 315 16.33 37.75 15.42
N GLU B 316 15.48 37.56 14.40
CA GLU B 316 15.90 37.00 13.12
C GLU B 316 15.54 38.00 12.02
N VAL B 317 16.43 38.17 11.06
CA VAL B 317 16.20 39.11 9.96
C VAL B 317 16.01 38.31 8.68
N ILE B 318 14.88 38.54 8.01
CA ILE B 318 14.59 37.94 6.70
C ILE B 318 14.68 39.05 5.66
N ASN B 319 15.49 38.85 4.63
CA ASN B 319 15.70 39.85 3.59
C ASN B 319 14.80 39.62 2.39
N SER B 320 14.42 40.72 1.75
CA SER B 320 13.63 40.61 0.53
C SER B 320 14.34 39.70 -0.47
N SER B 321 13.55 38.88 -1.16
CA SER B 321 14.09 37.88 -2.06
C SER B 321 12.99 37.44 -3.02
N GLN B 322 13.34 37.27 -4.29
CA GLN B 322 12.44 36.66 -5.26
C GLN B 322 12.72 35.18 -5.47
N ASP B 323 13.73 34.62 -4.79
CA ASP B 323 13.97 33.18 -4.85
C ASP B 323 12.86 32.44 -4.11
N LYS B 324 12.29 31.41 -4.76
CA LYS B 324 11.14 30.73 -4.17
C LYS B 324 11.43 30.22 -2.78
N GLU B 325 12.61 29.61 -2.57
CA GLU B 325 12.93 28.97 -1.30
C GLU B 325 13.16 29.96 -0.17
N SER B 326 13.45 31.22 -0.48
CA SER B 326 13.65 32.23 0.55
C SER B 326 12.76 33.44 0.32
N PHE B 327 11.64 33.24 -0.38
CA PHE B 327 10.85 34.33 -0.92
C PHE B 327 10.39 35.28 0.18
N TYR B 328 10.59 36.58 -0.06
CA TYR B 328 10.03 37.61 0.81
C TYR B 328 9.69 38.83 -0.02
N GLU B 329 8.41 39.22 0.00
CA GLU B 329 7.96 40.43 -0.66
C GLU B 329 6.91 41.13 0.20
N TYR B 330 7.15 42.40 0.52
CA TYR B 330 6.22 43.23 1.30
C TYR B 330 6.11 44.57 0.59
N ASN B 331 5.02 44.79 -0.13
CA ASN B 331 4.94 45.89 -1.09
C ASN B 331 4.23 47.10 -0.49
N SER B 332 4.77 47.59 0.62
CA SER B 332 4.30 48.81 1.24
C SER B 332 5.49 49.69 1.61
N ASP B 333 5.37 50.99 1.38
CA ASP B 333 6.41 51.91 1.81
C ASP B 333 6.41 52.10 3.32
N GLU B 334 5.24 52.00 3.95
CA GLU B 334 5.14 52.15 5.41
C GLU B 334 5.58 50.88 6.11
N SER B 335 6.30 51.03 7.21
CA SER B 335 6.64 49.88 8.03
C SER B 335 5.50 49.56 9.00
N LEU B 336 5.37 48.28 9.34
CA LEU B 336 4.33 47.82 10.27
C LEU B 336 4.97 46.89 11.28
N ALA B 337 4.73 47.16 12.56
CA ALA B 337 5.23 46.31 13.64
C ALA B 337 4.01 45.74 14.34
N ILE B 338 3.81 44.43 14.24
CA ILE B 338 2.57 43.82 14.68
C ILE B 338 2.91 42.50 15.35
N GLY B 339 2.23 42.19 16.45
CA GLY B 339 2.57 41.03 17.27
C GLY B 339 1.53 39.95 17.13
N PHE B 340 1.97 38.70 17.30
CA PHE B 340 1.07 37.55 17.25
C PHE B 340 1.50 36.53 18.29
N ASN B 341 0.53 35.75 18.75
CA ASN B 341 0.88 34.51 19.45
C ASN B 341 1.48 33.55 18.44
N PRO B 342 2.74 33.11 18.62
CA PRO B 342 3.39 32.31 17.58
C PRO B 342 2.68 30.99 17.31
N GLN B 343 2.05 30.42 18.32
CA GLN B 343 1.34 29.16 18.11
C GLN B 343 0.23 29.30 17.08
N TYR B 344 -0.46 30.44 17.07
CA TYR B 344 -1.57 30.60 16.15
C TYR B 344 -1.10 30.78 14.72
N LEU B 345 0.05 31.43 14.51
CA LEU B 345 0.63 31.47 13.17
C LEU B 345 1.15 30.10 12.77
N GLU B 346 1.85 29.42 13.67
CA GLU B 346 2.40 28.11 13.35
C GLU B 346 1.29 27.13 12.98
N ASP B 347 0.16 27.16 13.71
CA ASP B 347 -0.95 26.26 13.42
C ASP B 347 -1.42 26.42 11.97
N VAL B 348 -1.60 27.67 11.53
CA VAL B 348 -2.06 27.95 10.18
C VAL B 348 -1.02 27.50 9.16
N LEU B 349 0.25 27.85 9.41
CA LEU B 349 1.29 27.55 8.43
C LEU B 349 1.49 26.05 8.26
N LYS B 350 1.22 25.26 9.30
CA LYS B 350 1.32 23.80 9.22
C LYS B 350 0.13 23.16 8.53
N ALA B 351 -1.00 23.86 8.42
CA ALA B 351 -2.24 23.23 8.00
C ALA B 351 -2.33 23.01 6.49
N VAL B 352 -1.63 23.81 5.70
CA VAL B 352 -1.73 23.75 4.24
C VAL B 352 -0.33 23.61 3.67
N LYS B 353 -0.14 22.62 2.80
CA LYS B 353 1.16 22.37 2.19
C LYS B 353 1.27 23.26 0.96
N SER B 354 2.02 24.34 1.09
CA SER B 354 2.15 25.34 0.05
C SER B 354 3.55 25.91 0.11
N ASP B 355 4.09 26.27 -1.06
CA ASP B 355 5.39 26.93 -1.11
C ASP B 355 5.34 28.28 -0.42
N LEU B 356 4.38 29.12 -0.81
CA LEU B 356 4.26 30.49 -0.33
C LEU B 356 3.02 30.63 0.57
N VAL B 357 3.01 31.69 1.37
CA VAL B 357 1.83 32.08 2.14
C VAL B 357 1.66 33.59 2.03
N GLU B 358 0.40 34.04 2.06
CA GLU B 358 0.04 35.45 1.93
C GLU B 358 -0.59 35.91 3.24
N LEU B 359 -0.15 37.08 3.72
CA LEU B 359 -0.70 37.67 4.93
C LEU B 359 -1.18 39.08 4.60
N TYR B 360 -2.45 39.35 4.90
CA TYR B 360 -3.08 40.62 4.57
C TYR B 360 -3.33 41.37 5.87
N PHE B 361 -2.78 42.58 5.97
CA PHE B 361 -2.79 43.35 7.20
C PHE B 361 -3.57 44.65 7.05
N SER B 362 -4.10 45.14 8.17
CA SER B 362 -4.44 46.55 8.32
C SER B 362 -3.54 47.17 9.39
N ASP B 363 -4.11 47.55 10.53
CA ASP B 363 -3.35 48.20 11.59
C ASP B 363 -2.88 47.19 12.62
N VAL B 364 -2.14 47.66 13.63
CA VAL B 364 -1.54 46.76 14.61
C VAL B 364 -2.56 46.06 15.50
N SER B 365 -3.82 46.51 15.49
CA SER B 365 -4.87 45.85 16.28
C SER B 365 -5.82 45.02 15.44
N ALA B 366 -5.72 45.08 14.15
CA ALA B 366 -6.71 44.39 13.33
C ALA B 366 -6.24 42.98 12.98
N PRO B 367 -7.17 42.06 12.80
CA PRO B 367 -6.78 40.68 12.48
C PRO B 367 -6.00 40.60 11.18
N VAL B 368 -5.14 39.60 11.07
CA VAL B 368 -4.48 39.29 9.81
C VAL B 368 -5.33 38.25 9.06
N LEU B 369 -5.50 38.46 7.76
CA LEU B 369 -6.11 37.48 6.86
C LEU B 369 -4.98 36.69 6.20
N ILE B 370 -5.03 35.36 6.31
CA ILE B 370 -3.96 34.48 5.84
C ILE B 370 -4.53 33.59 4.75
N LYS B 371 -3.88 33.59 3.59
CA LYS B 371 -4.27 32.77 2.45
C LYS B 371 -3.04 32.11 1.85
N PHE B 372 -3.27 31.00 1.17
CA PHE B 372 -2.24 30.27 0.46
C PHE B 372 -2.52 30.32 -1.03
N PRO B 373 -1.57 30.76 -1.86
CA PRO B 373 -1.91 31.18 -3.24
C PRO B 373 -2.67 30.14 -4.07
N GLU B 374 -2.24 28.89 -4.05
CA GLU B 374 -2.86 27.87 -4.89
C GLU B 374 -4.05 27.19 -4.23
N ASN B 375 -4.55 27.75 -3.13
CA ASN B 375 -5.54 27.09 -2.27
C ASN B 375 -6.69 28.05 -2.01
N PRO B 376 -7.54 28.28 -3.01
CA PRO B 376 -8.54 29.35 -2.90
C PRO B 376 -9.72 29.04 -2.00
N LYS B 377 -9.81 27.85 -1.42
CA LYS B 377 -10.96 27.51 -0.58
C LYS B 377 -10.53 27.23 0.85
N ASP B 378 -9.50 27.95 1.31
CA ASP B 378 -9.05 27.92 2.70
C ASP B 378 -8.72 29.35 3.11
N ILE B 379 -9.30 29.78 4.23
CA ILE B 379 -9.16 31.16 4.70
C ILE B 379 -8.92 31.13 6.20
N PHE B 380 -7.96 31.92 6.68
CA PHE B 380 -7.63 31.92 8.09
C PHE B 380 -7.52 33.36 8.59
N ILE B 381 -8.07 33.61 9.79
CA ILE B 381 -8.07 34.95 10.39
C ILE B 381 -7.44 34.80 11.77
N VAL B 382 -6.43 35.62 12.06
CA VAL B 382 -5.73 35.52 13.34
C VAL B 382 -5.60 36.92 13.93
N LEU B 383 -6.02 37.06 15.19
CA LEU B 383 -5.93 38.35 15.87
CA LEU B 383 -5.91 38.36 15.83
C LEU B 383 -4.49 38.59 16.33
N PRO B 384 -4.05 39.85 16.32
CA PRO B 384 -2.72 40.19 16.84
C PRO B 384 -2.76 40.34 18.35
N VAL B 385 -1.58 40.45 18.95
CA VAL B 385 -1.42 40.85 20.34
C VAL B 385 -0.55 42.10 20.36
N LYS B 386 -0.70 42.90 21.40
CA LYS B 386 0.07 44.15 21.51
C LYS B 386 1.50 43.84 21.95
N VAL B 387 2.48 44.42 21.26
CA VAL B 387 3.89 44.13 21.54
C VAL B 387 4.71 45.41 21.55
N LEU C 5 -12.03 38.06 19.11
CA LEU C 5 -13.10 38.25 18.14
C LEU C 5 -14.37 38.67 18.87
N LEU C 7 -17.13 37.74 19.79
CA LEU C 7 -18.04 36.68 20.24
C LEU C 7 -18.72 37.14 21.52
N PRO C 9 -20.74 35.65 23.83
CA PRO C 9 -20.28 35.33 25.19
C PRO C 9 -18.77 35.20 25.10
N GLY C 11 -15.77 37.05 23.87
CA GLY C 11 -14.92 37.98 23.14
C GLY C 11 -13.56 37.53 22.64
N HIS D 8 22.32 22.94 -17.04
CA HIS D 8 21.05 23.00 -17.79
C HIS D 8 20.53 21.61 -18.08
N MET D 9 20.62 20.73 -17.09
CA MET D 9 20.07 19.39 -17.17
C MET D 9 18.70 19.38 -16.52
N LEU D 10 17.76 18.67 -17.14
CA LEU D 10 16.43 18.50 -16.58
C LEU D 10 16.49 17.81 -15.22
N LYS D 11 15.74 18.33 -14.26
CA LYS D 11 15.49 17.63 -13.01
C LYS D 11 14.14 18.05 -12.46
N LEU D 12 13.31 17.08 -12.09
CA LEU D 12 11.97 17.39 -11.63
C LEU D 12 11.46 16.29 -10.71
N ILE D 13 10.50 16.65 -9.88
CA ILE D 13 9.74 15.70 -9.07
C ILE D 13 8.29 15.73 -9.56
N VAL D 14 7.70 14.54 -9.74
CA VAL D 14 6.39 14.42 -10.36
C VAL D 14 5.57 13.35 -9.65
N GLU D 15 4.28 13.63 -9.47
CA GLU D 15 3.37 12.62 -8.93
C GLU D 15 3.27 11.44 -9.89
N THR D 16 3.49 10.24 -9.35
CA THR D 16 3.63 9.05 -10.20
C THR D 16 2.37 8.79 -11.00
N LYS D 17 1.22 8.84 -10.34
CA LYS D 17 -0.07 8.63 -11.01
C LYS D 17 -0.24 9.60 -12.17
N THR D 18 0.16 10.85 -11.99
CA THR D 18 0.03 11.84 -13.06
C THR D 18 0.90 11.47 -14.25
N LEU D 19 2.15 11.09 -14.00
CA LEU D 19 3.05 10.72 -15.09
C LEU D 19 2.60 9.44 -15.80
N VAL D 20 2.09 8.47 -15.04
CA VAL D 20 1.56 7.25 -15.64
C VAL D 20 0.47 7.58 -16.66
N GLN D 21 -0.48 8.44 -16.27
CA GLN D 21 -1.58 8.80 -17.16
C GLN D 21 -1.08 9.42 -18.45
N SER D 22 -0.14 10.37 -18.34
CA SER D 22 0.40 11.04 -19.52
C SER D 22 1.16 10.07 -20.41
N LEU D 23 1.95 9.18 -19.82
CA LEU D 23 2.68 8.20 -20.63
C LEU D 23 1.72 7.26 -21.33
N GLY D 24 0.56 6.99 -20.73
CA GLY D 24 -0.45 6.20 -21.41
C GLY D 24 -0.87 6.82 -22.73
N PHE D 25 -1.16 8.13 -22.71
CA PHE D 25 -1.53 8.80 -23.94
C PHE D 25 -0.35 8.87 -24.91
N ALA D 26 0.86 9.10 -24.39
CA ALA D 26 2.04 9.13 -25.25
C ALA D 26 2.23 7.81 -25.98
N SER D 27 2.00 6.69 -25.28
CA SER D 27 2.18 5.39 -25.89
C SER D 27 1.13 5.12 -26.95
N SER D 28 -0.12 5.52 -26.67
CA SER D 28 -1.21 5.24 -27.59
C SER D 28 -1.02 5.91 -28.94
N VAL D 29 -0.44 7.11 -28.97
CA VAL D 29 -0.50 7.87 -30.22
C VAL D 29 0.47 7.30 -31.26
N VAL D 30 1.52 6.62 -30.82
CA VAL D 30 2.50 6.02 -31.72
C VAL D 30 2.35 4.50 -31.76
N GLU D 31 1.20 3.97 -31.37
CA GLU D 31 0.92 2.54 -31.50
C GLU D 31 0.45 2.22 -32.91
N GLU D 38 9.53 -0.02 -30.98
CA GLU D 38 10.64 0.14 -30.04
C GLU D 38 11.46 1.37 -30.40
N TYR D 39 11.18 1.95 -31.56
CA TYR D 39 11.88 3.14 -32.03
C TYR D 39 11.24 4.45 -31.57
N ALA D 40 10.07 4.38 -30.92
CA ALA D 40 9.34 5.57 -30.56
C ALA D 40 10.00 6.24 -29.35
N ASN D 41 10.32 7.53 -29.51
CA ASN D 41 10.91 8.31 -28.44
C ASN D 41 9.96 9.40 -27.98
N ILE D 42 10.04 9.72 -26.71
CA ILE D 42 9.26 10.78 -26.10
C ILE D 42 10.22 11.87 -25.66
N LYS D 43 9.87 13.12 -25.93
CA LYS D 43 10.67 14.26 -25.52
C LYS D 43 10.11 14.81 -24.20
N LEU D 44 11.00 15.00 -23.23
CA LEU D 44 10.67 15.57 -21.93
C LEU D 44 11.29 16.95 -21.83
N SER D 45 10.47 17.97 -21.55
CA SER D 45 10.94 19.35 -21.48
C SER D 45 10.43 19.97 -20.18
N ALA D 46 11.34 20.25 -19.25
CA ALA D 46 11.00 20.88 -17.98
C ALA D 46 11.26 22.38 -18.09
N GLN D 47 10.19 23.17 -18.02
CA GLN D 47 10.34 24.62 -18.16
C GLN D 47 9.17 25.29 -17.49
N ASP D 48 9.46 26.35 -16.72
CA ASP D 48 8.45 27.22 -16.14
C ASP D 48 7.38 26.44 -15.37
N GLY D 49 7.84 25.53 -14.51
CA GLY D 49 6.94 24.79 -13.64
C GLY D 49 6.20 23.63 -14.27
N ASN D 50 6.46 23.31 -15.52
CA ASN D 50 5.75 22.24 -16.18
C ASN D 50 6.70 21.25 -16.82
N LEU D 51 6.23 20.03 -16.93
CA LEU D 51 6.83 19.01 -17.79
C LEU D 51 5.95 18.88 -19.04
N GLU D 52 6.54 19.15 -20.20
CA GLU D 52 5.88 18.93 -21.48
C GLU D 52 6.41 17.63 -22.08
N LEU D 53 5.52 16.69 -22.33
CA LEU D 53 5.87 15.41 -22.94
C LEU D 53 5.37 15.42 -24.37
N SER D 54 6.28 15.21 -25.33
CA SER D 54 5.94 15.25 -26.75
C SER D 54 6.13 13.87 -27.37
N SER D 55 5.13 13.44 -28.15
CA SER D 55 5.14 12.18 -28.90
C SER D 55 4.72 12.46 -30.34
N THR D 56 5.39 11.82 -31.29
CA THR D 56 5.05 12.11 -32.68
C THR D 56 5.43 10.95 -33.58
N ASN D 57 4.76 10.88 -34.72
CA ASN D 57 5.15 10.01 -35.82
C ASN D 57 4.98 10.77 -37.13
N MET D 58 4.70 10.06 -38.22
CA MET D 58 4.60 10.70 -39.52
C MET D 58 3.33 11.51 -39.70
N ASP D 59 2.29 11.26 -38.90
CA ASP D 59 0.97 11.80 -39.17
C ASP D 59 0.35 12.56 -38.00
N LEU D 60 0.99 12.60 -36.86
CA LEU D 60 0.34 13.02 -35.63
C LEU D 60 1.39 13.49 -34.64
N TYR D 61 1.11 14.59 -33.93
CA TYR D 61 2.03 15.16 -32.95
C TYR D 61 1.25 15.52 -31.69
N LEU D 62 1.66 14.98 -30.55
CA LEU D 62 0.96 15.20 -29.28
C LEU D 62 1.87 15.82 -28.24
N SER D 63 1.45 16.94 -27.68
CA SER D 63 2.15 17.61 -26.60
CA SER D 63 2.15 17.61 -26.60
C SER D 63 1.24 17.67 -25.37
N GLN D 64 1.75 17.18 -24.24
CA GLN D 64 1.03 17.19 -22.98
C GLN D 64 1.86 17.94 -21.95
N LYS D 65 1.24 18.87 -21.24
CA LYS D 65 1.90 19.57 -20.13
C LYS D 65 1.23 19.17 -18.83
N ILE D 66 2.04 18.83 -17.83
CA ILE D 66 1.55 18.50 -16.50
C ILE D 66 2.38 19.27 -15.47
N ALA D 67 1.73 19.63 -14.37
CA ALA D 67 2.40 20.34 -13.30
C ALA D 67 3.39 19.44 -12.58
N VAL D 68 4.60 19.94 -12.36
CA VAL D 68 5.64 19.22 -11.63
C VAL D 68 6.44 20.23 -10.80
N GLN D 69 7.28 19.69 -9.93
CA GLN D 69 8.27 20.50 -9.21
CA GLN D 69 8.27 20.50 -9.21
C GLN D 69 9.53 20.54 -10.07
N VAL D 70 9.72 21.63 -10.80
CA VAL D 70 10.90 21.75 -11.65
C VAL D 70 12.08 22.15 -10.76
N VAL D 71 13.05 21.26 -10.60
CA VAL D 71 14.26 21.63 -9.88
C VAL D 71 15.24 22.30 -10.82
N SER D 72 15.34 21.83 -12.05
CA SER D 72 16.24 22.39 -13.04
C SER D 72 15.60 22.25 -14.40
N GLU D 73 15.61 23.32 -15.19
CA GLU D 73 15.03 23.27 -16.52
C GLU D 73 15.98 22.57 -17.50
N GLY D 74 15.40 21.92 -18.50
CA GLY D 74 16.17 21.19 -19.49
C GLY D 74 15.26 20.30 -20.31
N GLU D 75 15.86 19.64 -21.31
CA GLU D 75 15.13 18.74 -22.19
C GLU D 75 15.95 17.49 -22.46
N CYS D 76 15.25 16.38 -22.66
CA CYS D 76 15.89 15.13 -23.07
C CYS D 76 14.85 14.27 -23.75
N THR D 77 15.34 13.20 -24.39
CA THR D 77 14.47 12.26 -25.09
CA THR D 77 14.50 12.26 -25.11
C THR D 77 14.89 10.83 -24.75
N VAL D 78 13.90 9.96 -24.52
CA VAL D 78 14.13 8.56 -24.20
C VAL D 78 13.08 7.69 -24.89
N SER D 79 13.28 6.37 -24.81
CA SER D 79 12.33 5.41 -25.34
C SER D 79 10.97 5.54 -24.66
N THR D 80 9.91 5.72 -25.46
CA THR D 80 8.58 5.82 -24.89
C THR D 80 8.20 4.55 -24.14
N LYS D 81 8.39 3.40 -24.79
CA LYS D 81 7.95 2.12 -24.22
C LYS D 81 8.67 1.82 -22.92
N THR D 82 9.98 2.04 -22.89
CA THR D 82 10.75 1.74 -21.68
C THR D 82 10.35 2.67 -20.54
N LEU D 83 10.21 3.97 -20.81
CA LEU D 83 9.75 4.87 -19.76
C LEU D 83 8.37 4.48 -19.27
N ASN D 84 7.48 4.12 -20.20
CA ASN D 84 6.14 3.69 -19.81
C ASN D 84 6.18 2.45 -18.92
N ASP D 85 6.95 1.42 -19.33
CA ASP D 85 6.96 0.17 -18.57
C ASP D 85 7.52 0.37 -17.18
N ILE D 86 8.55 1.20 -17.06
CA ILE D 86 9.22 1.38 -15.77
C ILE D 86 8.33 2.16 -14.82
N VAL D 87 7.79 3.29 -15.28
CA VAL D 87 7.02 4.15 -14.38
C VAL D 87 5.80 3.43 -13.84
N ARG D 88 5.21 2.53 -14.63
CA ARG D 88 4.02 1.82 -14.20
C ARG D 88 4.31 0.79 -13.11
N LYS D 89 5.57 0.43 -12.90
CA LYS D 89 5.90 -0.56 -11.88
C LYS D 89 6.53 0.05 -10.63
N LEU D 90 6.72 1.36 -10.59
CA LEU D 90 7.31 1.98 -9.41
C LEU D 90 6.24 2.22 -8.35
N PRO D 91 6.49 1.83 -7.09
CA PRO D 91 5.45 1.94 -6.07
C PRO D 91 5.33 3.32 -5.43
N ASP D 92 6.27 4.22 -5.69
CA ASP D 92 6.32 5.50 -5.00
C ASP D 92 5.22 6.42 -5.48
N SER D 93 4.72 7.25 -4.57
CA SER D 93 3.72 8.24 -4.96
C SER D 93 4.31 9.40 -5.75
N GLU D 94 5.61 9.64 -5.61
CA GLU D 94 6.33 10.64 -6.38
C GLU D 94 7.62 10.03 -6.91
N LEU D 95 8.05 10.49 -8.08
CA LEU D 95 9.31 10.08 -8.70
C LEU D 95 10.17 11.31 -8.98
N THR D 96 11.48 11.10 -9.01
CA THR D 96 12.43 12.13 -9.43
C THR D 96 12.99 11.72 -10.78
N LEU D 97 12.96 12.64 -11.74
CA LEU D 97 13.52 12.43 -13.07
C LEU D 97 14.67 13.41 -13.24
N THR D 98 15.87 12.89 -13.53
CA THR D 98 17.09 13.71 -13.59
C THR D 98 17.90 13.30 -14.80
N ASP D 99 18.19 14.25 -15.68
CA ASP D 99 19.08 13.98 -16.80
C ASP D 99 20.51 13.97 -16.28
N LEU D 100 21.15 12.80 -16.30
CA LEU D 100 22.53 12.67 -15.81
C LEU D 100 23.54 12.53 -16.94
N GLY D 101 23.27 13.11 -18.10
CA GLY D 101 24.25 13.11 -19.17
C GLY D 101 24.53 11.74 -19.75
N THR D 102 25.81 11.34 -19.73
CA THR D 102 26.17 10.03 -20.27
C THR D 102 25.63 8.88 -19.42
N THR D 103 25.25 9.14 -18.17
CA THR D 103 24.62 8.09 -17.37
C THR D 103 23.22 7.77 -17.90
N GLY D 104 22.59 8.74 -18.55
CA GLY D 104 21.23 8.64 -19.05
C GLY D 104 20.24 9.43 -18.22
N LEU D 105 18.96 9.26 -18.54
CA LEU D 105 17.89 9.81 -17.73
C LEU D 105 17.65 8.91 -16.54
N GLU D 106 17.75 9.45 -15.34
CA GLU D 106 17.57 8.67 -14.13
C GLU D 106 16.13 8.85 -13.66
N ILE D 107 15.43 7.72 -13.49
CA ILE D 107 14.12 7.68 -12.85
C ILE D 107 14.33 7.06 -11.48
N LYS D 108 13.96 7.80 -10.43
CA LYS D 108 14.37 7.44 -9.07
C LYS D 108 13.16 7.43 -8.15
N GLY D 109 12.90 6.27 -7.54
CA GLY D 109 12.05 6.18 -6.37
C GLY D 109 12.87 6.10 -5.10
N LYS D 110 12.17 5.78 -4.00
CA LYS D 110 12.83 5.67 -2.69
C LYS D 110 13.97 4.66 -2.72
N ASN D 111 13.72 3.46 -3.28
CA ASN D 111 14.72 2.40 -3.19
C ASN D 111 15.30 1.97 -4.53
N CYS D 112 14.83 2.50 -5.65
CA CYS D 112 15.14 1.97 -6.97
CA CYS D 112 15.29 1.98 -6.92
C CYS D 112 15.55 3.12 -7.89
N LYS D 113 16.49 2.86 -8.80
CA LYS D 113 16.95 3.82 -9.80
C LYS D 113 17.03 3.11 -11.14
N PHE D 114 16.42 3.69 -12.17
CA PHE D 114 16.61 3.24 -13.55
C PHE D 114 17.35 4.33 -14.32
N ASN D 115 18.35 3.94 -15.10
CA ASN D 115 19.01 4.85 -16.02
C ASN D 115 18.60 4.46 -17.44
N LEU D 116 18.00 5.39 -18.17
CA LEU D 116 17.59 5.16 -19.55
C LEU D 116 18.46 6.00 -20.47
N PHE D 117 19.07 5.37 -21.46
CA PHE D 117 19.92 6.10 -22.38
C PHE D 117 19.10 7.12 -23.15
N THR D 118 19.66 8.31 -23.32
CA THR D 118 18.99 9.40 -24.02
C THR D 118 19.41 9.43 -25.48
N LEU D 119 18.56 10.04 -26.29
CA LEU D 119 18.87 10.36 -27.66
C LEU D 119 18.87 11.87 -27.83
N PRO D 120 19.68 12.41 -28.75
CA PRO D 120 19.78 13.87 -28.87
C PRO D 120 18.44 14.55 -29.13
N VAL D 121 18.20 15.65 -28.42
CA VAL D 121 16.98 16.43 -28.65
C VAL D 121 16.98 17.00 -30.07
N SER D 122 18.15 17.35 -30.60
CA SER D 122 18.24 17.83 -31.98
C SER D 122 17.68 16.82 -32.98
N SER D 123 17.57 15.55 -32.59
CA SER D 123 17.01 14.52 -33.44
C SER D 123 15.50 14.39 -33.30
N PHE D 124 14.88 15.20 -32.45
CA PHE D 124 13.45 15.15 -32.24
C PHE D 124 12.80 16.34 -32.93
N PRO D 125 11.80 16.11 -33.79
CA PRO D 125 11.22 17.24 -34.54
C PRO D 125 10.38 18.14 -33.64
N ALA D 126 10.43 19.44 -33.93
CA ALA D 126 9.49 20.34 -33.30
C ALA D 126 8.11 20.14 -33.92
N MET D 127 7.08 20.55 -33.17
CA MET D 127 5.73 20.53 -33.72
C MET D 127 5.65 21.54 -34.87
N ASP D 128 5.04 21.12 -35.98
CA ASP D 128 4.86 22.02 -37.12
C ASP D 128 3.96 23.19 -36.73
N SER D 129 4.20 24.34 -37.35
CA SER D 129 3.36 25.50 -37.10
C SER D 129 2.08 25.40 -37.93
N ILE D 130 1.04 26.07 -37.46
CA ILE D 130 -0.23 26.10 -38.16
C ILE D 130 -0.64 27.55 -38.37
N ASN D 131 -1.12 27.86 -39.57
CA ASN D 131 -1.69 29.16 -39.91
C ASN D 131 -3.17 28.93 -40.20
N PRO D 132 -4.03 28.93 -39.19
CA PRO D 132 -5.38 28.39 -39.38
C PRO D 132 -6.27 29.32 -40.20
N GLU D 133 -7.11 28.70 -41.02
CA GLU D 133 -8.16 29.40 -41.75
C GLU D 133 -9.52 29.24 -41.10
N ALA D 134 -9.57 28.71 -39.88
CA ALA D 134 -10.79 28.51 -39.09
C ALA D 134 -10.39 28.11 -37.69
N SER D 135 -11.06 28.69 -36.69
CA SER D 135 -10.75 28.42 -35.28
C SER D 135 -12.01 28.62 -34.45
N PHE D 136 -12.30 27.66 -33.57
CA PHE D 136 -13.49 27.76 -32.73
C PHE D 136 -13.32 26.83 -31.54
N LYS D 137 -14.18 27.00 -30.54
CA LYS D 137 -14.15 26.21 -29.31
C LYS D 137 -15.50 25.57 -29.08
N ILE D 138 -15.50 24.27 -28.73
CA ILE D 138 -16.69 23.57 -28.29
C ILE D 138 -16.35 22.82 -27.02
N SER D 139 -17.40 22.37 -26.32
CA SER D 139 -17.17 21.58 -25.12
C SER D 139 -16.60 20.21 -25.48
N CYS D 140 -15.76 19.67 -24.59
CA CYS D 140 -15.29 18.30 -24.80
C CYS D 140 -16.44 17.32 -24.82
N THR D 141 -17.49 17.58 -24.05
CA THR D 141 -18.64 16.69 -24.05
C THR D 141 -19.24 16.59 -25.45
N ASP D 142 -19.47 17.74 -26.10
CA ASP D 142 -20.03 17.75 -27.44
C ASP D 142 -19.07 17.16 -28.47
N PHE D 143 -17.78 17.45 -28.34
CA PHE D 143 -16.82 16.86 -29.27
C PHE D 143 -16.77 15.34 -29.09
N ALA D 144 -16.72 14.87 -27.85
CA ALA D 144 -16.70 13.43 -27.61
C ALA D 144 -17.93 12.79 -28.22
N LYS D 145 -19.08 13.46 -28.13
CA LYS D 145 -20.31 12.90 -28.68
C LYS D 145 -20.20 12.68 -30.18
N ILE D 146 -19.75 13.70 -30.92
CA ILE D 146 -19.83 13.57 -32.38
C ILE D 146 -18.81 12.57 -32.90
N ILE D 147 -17.65 12.43 -32.23
CA ILE D 147 -16.71 11.40 -32.65
C ILE D 147 -17.19 10.01 -32.27
N GLU D 148 -17.71 9.87 -31.04
CA GLU D 148 -18.22 8.56 -30.60
C GLU D 148 -19.32 8.05 -31.51
N SER D 149 -20.14 8.95 -32.03
CA SER D 149 -21.25 8.56 -32.90
C SER D 149 -20.82 8.29 -34.33
N THR D 150 -19.56 8.54 -34.70
CA THR D 150 -19.17 8.41 -36.09
C THR D 150 -17.91 7.61 -36.33
N LYS D 151 -17.09 7.33 -35.32
CA LYS D 151 -15.83 6.67 -35.63
C LYS D 151 -16.03 5.21 -36.03
N PHE D 152 -17.14 4.59 -35.66
CA PHE D 152 -17.28 3.16 -35.90
C PHE D 152 -17.63 2.82 -37.35
N SER D 153 -18.07 3.79 -38.15
CA SER D 153 -18.48 3.49 -39.52
C SER D 153 -17.53 4.09 -40.54
N ILE D 154 -16.30 4.39 -40.12
CA ILE D 154 -15.21 4.71 -41.04
C ILE D 154 -14.89 3.50 -41.90
N SER D 155 -14.53 3.74 -43.16
CA SER D 155 -14.03 2.67 -44.01
C SER D 155 -12.65 2.21 -43.54
N LEU D 156 -12.47 0.89 -43.45
CA LEU D 156 -11.17 0.28 -43.20
C LEU D 156 -10.44 -0.10 -44.48
N ASP D 157 -11.07 0.11 -45.63
CA ASP D 157 -10.44 -0.12 -46.93
C ASP D 157 -9.42 0.99 -47.18
N GLU D 158 -8.14 0.64 -47.18
CA GLU D 158 -7.09 1.65 -47.35
C GLU D 158 -7.04 2.22 -48.76
N THR D 159 -7.56 1.49 -49.75
CA THR D 159 -7.63 2.04 -51.10
C THR D 159 -8.55 3.24 -51.15
N ARG D 160 -9.77 3.09 -50.63
CA ARG D 160 -10.73 4.18 -50.54
C ARG D 160 -10.27 5.20 -49.49
N TYR D 161 -9.25 5.98 -49.84
CA TYR D 161 -8.59 6.84 -48.86
C TYR D 161 -9.49 7.96 -48.37
N ASN D 162 -10.42 8.46 -49.19
CA ASN D 162 -11.27 9.55 -48.77
C ASN D 162 -12.34 9.13 -47.77
N LEU D 163 -12.50 7.83 -47.52
CA LEU D 163 -13.45 7.35 -46.52
C LEU D 163 -12.76 6.85 -45.26
N ASN D 164 -11.43 6.94 -45.19
CA ASN D 164 -10.68 6.34 -44.08
C ASN D 164 -10.60 7.28 -42.89
N GLY D 165 -11.63 8.08 -42.67
CA GLY D 165 -11.69 8.91 -41.50
C GLY D 165 -13.05 9.53 -41.35
N VAL D 166 -13.14 10.56 -40.49
CA VAL D 166 -14.40 11.24 -40.24
C VAL D 166 -14.37 12.60 -40.92
N TYR D 167 -15.48 12.95 -41.53
CA TYR D 167 -15.62 14.23 -42.23
C TYR D 167 -16.11 15.28 -41.24
N LEU D 168 -15.19 16.18 -40.82
CA LEU D 168 -15.53 17.28 -39.92
C LEU D 168 -15.88 18.50 -40.74
N HIS D 169 -17.12 18.98 -40.60
CA HIS D 169 -17.59 20.03 -41.50
C HIS D 169 -18.57 20.94 -40.79
N ILE D 170 -18.78 22.12 -41.37
CA ILE D 170 -19.72 23.12 -40.87
C ILE D 170 -20.89 23.20 -41.84
N LYS D 171 -22.10 23.20 -41.29
CA LYS D 171 -23.32 23.40 -42.07
C LYS D 171 -24.15 24.46 -41.34
N ASP D 172 -24.10 25.70 -41.84
CA ASP D 172 -24.74 26.86 -41.21
C ASP D 172 -24.14 27.01 -39.81
N LYS D 173 -24.91 26.85 -38.73
CA LYS D 173 -24.39 26.97 -37.38
C LYS D 173 -24.00 25.63 -36.78
N GLU D 174 -24.05 24.56 -37.56
CA GLU D 174 -23.83 23.21 -37.03
C GLU D 174 -22.43 22.73 -37.35
N PHE D 175 -21.73 22.22 -36.34
CA PHE D 175 -20.46 21.52 -36.51
C PHE D 175 -20.77 20.03 -36.53
N CYS D 176 -20.39 19.35 -37.61
CA CYS D 176 -20.86 18.01 -37.89
CA CYS D 176 -20.86 18.01 -37.87
C CYS D 176 -19.70 17.07 -38.16
N SER D 177 -19.88 15.82 -37.76
CA SER D 177 -19.02 14.73 -38.18
C SER D 177 -19.88 13.72 -38.95
N ALA D 178 -19.36 13.22 -40.06
CA ALA D 178 -20.02 12.16 -40.82
C ALA D 178 -19.00 11.08 -41.18
N SER D 179 -19.49 9.85 -41.36
CA SER D 179 -18.61 8.78 -41.79
C SER D 179 -19.42 7.76 -42.55
N THR D 180 -18.78 7.10 -43.51
CA THR D 180 -19.45 6.03 -44.23
C THR D 180 -18.42 5.02 -44.72
N ASP D 181 -18.83 3.77 -44.81
CA ASP D 181 -18.02 2.74 -45.45
C ASP D 181 -18.75 2.12 -46.63
N GLY D 182 -19.88 2.70 -47.05
CA GLY D 182 -20.65 2.19 -48.15
C GLY D 182 -21.84 1.36 -47.72
N HIS D 183 -21.75 0.71 -46.56
CA HIS D 183 -22.87 -0.06 -46.04
C HIS D 183 -23.69 0.73 -45.03
N ARG D 184 -23.14 1.79 -44.47
CA ARG D 184 -23.86 2.57 -43.47
C ARG D 184 -23.28 3.98 -43.45
N LEU D 185 -24.08 4.89 -42.90
CA LEU D 185 -23.70 6.29 -42.76
C LEU D 185 -24.02 6.74 -41.34
N SER D 186 -23.11 7.46 -40.70
CA SER D 186 -23.37 8.02 -39.38
C SER D 186 -23.12 9.52 -39.42
N ILE D 187 -24.02 10.29 -38.78
CA ILE D 187 -23.96 11.75 -38.79
C ILE D 187 -24.27 12.27 -37.40
N SER D 188 -23.43 13.17 -36.89
CA SER D 188 -23.64 13.66 -35.53
C SER D 188 -23.14 15.10 -35.47
N TRP D 189 -23.91 15.97 -34.82
CA TRP D 189 -23.55 17.37 -34.87
C TRP D 189 -23.90 18.08 -33.57
N VAL D 190 -23.39 19.31 -33.46
CA VAL D 190 -23.61 20.17 -32.31
CA VAL D 190 -23.62 20.18 -32.32
C VAL D 190 -23.70 21.61 -32.83
N THR D 191 -24.57 22.40 -32.21
CA THR D 191 -24.76 23.77 -32.65
C THR D 191 -23.68 24.66 -32.07
N LEU D 192 -23.04 25.44 -32.94
CA LEU D 192 -22.02 26.40 -32.53
C LEU D 192 -22.68 27.71 -32.11
N GLU D 193 -22.13 28.32 -31.04
CA GLU D 193 -22.61 29.65 -30.66
C GLU D 193 -22.21 30.68 -31.69
N LYS D 194 -20.99 30.60 -32.21
CA LYS D 194 -20.47 31.55 -33.18
C LYS D 194 -20.72 31.05 -34.60
N GLN D 195 -20.46 31.94 -35.56
CA GLN D 195 -20.60 31.63 -36.98
C GLN D 195 -19.19 31.48 -37.57
N ILE D 196 -18.85 30.27 -37.98
CA ILE D 196 -17.54 29.97 -38.52
C ILE D 196 -17.65 29.88 -40.03
N LYS D 197 -16.58 30.26 -40.73
CA LYS D 197 -16.51 30.02 -42.17
C LYS D 197 -16.62 28.53 -42.44
N ASN D 198 -17.32 28.18 -43.51
CA ASN D 198 -17.56 26.78 -43.80
C ASN D 198 -16.26 26.08 -44.17
N PHE D 199 -16.11 24.85 -43.70
CA PHE D 199 -14.99 24.00 -44.07
C PHE D 199 -15.48 22.56 -44.14
N GLY D 200 -14.62 21.70 -44.68
CA GLY D 200 -14.88 20.28 -44.74
C GLY D 200 -13.58 19.52 -44.86
N VAL D 201 -13.16 18.84 -43.79
CA VAL D 201 -11.87 18.18 -43.74
C VAL D 201 -12.06 16.76 -43.21
N ILE D 202 -11.16 15.87 -43.63
CA ILE D 202 -11.25 14.45 -43.30
C ILE D 202 -10.14 14.12 -42.30
N LEU D 203 -10.55 13.80 -41.09
CA LEU D 203 -9.65 13.46 -40.00
C LEU D 203 -9.37 11.96 -40.01
N PRO D 204 -8.11 11.54 -40.05
CA PRO D 204 -7.79 10.11 -40.12
C PRO D 204 -8.26 9.35 -38.89
N GLN D 205 -8.58 8.06 -39.10
CA GLN D 205 -9.14 7.22 -38.06
C GLN D 205 -8.32 7.27 -36.78
N LYS D 206 -7.00 7.08 -36.91
CA LYS D 206 -6.13 7.05 -35.73
C LYS D 206 -6.22 8.36 -34.95
N SER D 207 -6.15 9.49 -35.66
CA SER D 207 -6.26 10.79 -34.99
C SER D 207 -7.61 10.91 -34.27
N ALA D 208 -8.70 10.52 -34.93
CA ALA D 208 -10.01 10.54 -34.29
C ALA D 208 -10.04 9.69 -33.02
N GLU D 209 -9.50 8.47 -33.10
CA GLU D 209 -9.48 7.62 -31.91
C GLU D 209 -8.68 8.26 -30.77
N GLU D 210 -7.52 8.83 -31.09
CA GLU D 210 -6.65 9.36 -30.05
C GLU D 210 -7.25 10.60 -29.38
N ILE D 211 -7.82 11.52 -30.16
CA ILE D 211 -8.38 12.73 -29.56
C ILE D 211 -9.60 12.39 -28.72
N LEU D 212 -10.37 11.38 -29.14
CA LEU D 212 -11.53 10.95 -28.36
C LEU D 212 -11.11 10.53 -26.96
N LYS D 213 -10.09 9.69 -26.87
CA LYS D 213 -9.59 9.25 -25.56
C LYS D 213 -9.11 10.43 -24.72
N ILE D 214 -8.55 11.46 -25.36
CA ILE D 214 -8.06 12.62 -24.61
C ILE D 214 -9.23 13.43 -24.05
N VAL D 215 -10.26 13.69 -24.86
CA VAL D 215 -11.36 14.52 -24.36
C VAL D 215 -12.17 13.77 -23.33
N LYS D 216 -12.18 12.44 -23.39
CA LYS D 216 -12.93 11.63 -22.44
C LYS D 216 -12.24 11.50 -21.10
N ASP D 217 -10.96 11.87 -21.01
CA ASP D 217 -10.25 11.77 -19.75
C ASP D 217 -10.99 12.57 -18.67
N PRO D 218 -11.11 12.03 -17.46
CA PRO D 218 -11.84 12.74 -16.39
C PRO D 218 -11.41 14.19 -16.18
N LYS D 219 -10.14 14.52 -16.39
CA LYS D 219 -9.69 15.89 -16.21
C LYS D 219 -10.17 16.82 -17.32
N ASN D 220 -10.61 16.28 -18.45
CA ASN D 220 -10.95 17.08 -19.61
C ASN D 220 -12.43 17.09 -19.96
N ILE D 221 -13.20 16.07 -19.56
CA ILE D 221 -14.51 15.83 -20.18
C ILE D 221 -15.50 16.95 -19.89
N ASN D 222 -15.32 17.70 -18.80
CA ASN D 222 -16.21 18.80 -18.47
C ASN D 222 -15.70 20.14 -18.92
N GLU D 223 -14.58 20.18 -19.63
CA GLU D 223 -13.97 21.42 -20.07
C GLU D 223 -14.21 21.61 -21.57
N ASP D 224 -13.37 22.41 -22.22
CA ASP D 224 -13.58 22.77 -23.61
C ASP D 224 -12.36 22.42 -24.45
N ILE D 225 -12.59 22.30 -25.75
CA ILE D 225 -11.53 21.97 -26.70
C ILE D 225 -11.55 23.03 -27.81
N GLU D 226 -10.38 23.59 -28.10
CA GLU D 226 -10.25 24.51 -29.22
C GLU D 226 -9.79 23.75 -30.46
N ILE D 227 -10.40 24.06 -31.60
CA ILE D 227 -10.11 23.42 -32.86
C ILE D 227 -9.66 24.49 -33.85
N LEU D 228 -8.50 24.27 -34.46
CA LEU D 228 -7.93 25.21 -35.42
C LEU D 228 -7.49 24.42 -36.64
N LEU D 229 -7.81 24.91 -37.84
CA LEU D 229 -7.50 24.09 -39.00
C LEU D 229 -7.25 24.94 -40.24
N ASN D 230 -6.56 24.32 -41.20
CA ASN D 230 -6.58 24.76 -42.59
C ASN D 230 -6.89 23.49 -43.39
N SER D 231 -6.60 23.53 -44.69
CA SER D 231 -6.93 22.39 -45.53
C SER D 231 -5.92 21.25 -45.42
N ASN D 232 -4.77 21.48 -44.79
CA ASN D 232 -3.70 20.48 -44.69
C ASN D 232 -3.53 19.89 -43.30
N LYS D 233 -3.84 20.64 -42.24
CA LYS D 233 -3.60 20.17 -40.89
C LYS D 233 -4.68 20.71 -39.97
N ILE D 234 -4.84 20.04 -38.84
CA ILE D 234 -5.81 20.40 -37.81
C ILE D 234 -5.11 20.29 -36.46
N LYS D 235 -5.34 21.26 -35.58
CA LYS D 235 -4.77 21.28 -34.24
C LYS D 235 -5.89 21.28 -33.22
N PHE D 236 -5.79 20.40 -32.22
CA PHE D 236 -6.72 20.33 -31.12
C PHE D 236 -6.03 20.80 -29.85
N ILE D 237 -6.62 21.78 -29.17
CA ILE D 237 -6.14 22.21 -27.86
C ILE D 237 -7.20 21.80 -26.85
N CYS D 238 -6.99 20.67 -26.19
CA CYS D 238 -7.94 20.14 -25.23
C CYS D 238 -7.61 20.71 -23.86
N ASN D 239 -8.50 21.57 -23.35
CA ASN D 239 -8.37 22.11 -22.00
C ASN D 239 -6.99 22.71 -21.77
N GLU D 240 -6.52 23.46 -22.77
CA GLU D 240 -5.31 24.30 -22.68
C GLU D 240 -4.01 23.51 -22.68
N ASN D 241 -3.94 22.39 -21.94
CA ASN D 241 -2.67 21.75 -21.62
C ASN D 241 -2.36 20.52 -22.45
N THR D 242 -3.21 20.14 -23.40
CA THR D 242 -2.94 19.01 -24.29
C THR D 242 -3.20 19.46 -25.72
N ILE D 243 -2.17 19.39 -26.55
CA ILE D 243 -2.24 19.86 -27.93
C ILE D 243 -1.94 18.70 -28.86
N MET D 244 -2.82 18.46 -29.82
CA MET D 244 -2.62 17.42 -30.80
C MET D 244 -2.71 18.02 -32.20
N LEU D 245 -1.67 17.78 -33.00
CA LEU D 245 -1.63 18.23 -34.39
C LEU D 245 -1.68 17.00 -35.28
N SER D 246 -2.62 17.00 -36.23
CA SER D 246 -2.85 15.86 -37.11
C SER D 246 -2.87 16.33 -38.56
N LYS D 247 -2.32 15.51 -39.45
CA LYS D 247 -2.54 15.73 -40.87
C LYS D 247 -3.98 15.37 -41.23
N LEU D 248 -4.43 15.91 -42.36
CA LEU D 248 -5.76 15.62 -42.88
C LEU D 248 -5.65 14.80 -44.15
N ILE D 249 -6.67 14.01 -44.44
CA ILE D 249 -6.65 13.18 -45.64
C ILE D 249 -7.01 14.05 -46.85
N ASP D 250 -6.16 14.01 -47.87
CA ASP D 250 -6.41 14.75 -49.10
C ASP D 250 -7.42 13.96 -49.93
N GLY D 251 -8.69 14.34 -49.84
CA GLY D 251 -9.72 13.68 -50.62
C GLY D 251 -11.00 14.48 -50.55
N THR D 252 -12.02 13.98 -51.25
CA THR D 252 -13.33 14.60 -51.29
C THR D 252 -14.34 13.63 -50.68
N PHE D 253 -14.93 14.01 -49.55
CA PHE D 253 -15.97 13.20 -48.94
C PHE D 253 -17.26 13.31 -49.75
N PRO D 254 -17.95 12.20 -50.01
CA PRO D 254 -19.12 12.25 -50.88
C PRO D 254 -20.23 13.11 -50.28
N ASP D 255 -21.16 13.50 -51.13
CA ASP D 255 -22.34 14.28 -50.71
C ASP D 255 -23.34 13.30 -50.09
N TYR D 256 -23.32 13.21 -48.77
CA TYR D 256 -24.11 12.21 -48.06
C TYR D 256 -25.56 12.61 -47.88
N SER D 257 -25.93 13.86 -48.13
CA SER D 257 -27.30 14.30 -47.89
C SER D 257 -28.30 13.51 -48.72
N THR D 258 -27.89 13.05 -49.91
CA THR D 258 -28.75 12.21 -50.74
C THR D 258 -29.09 10.90 -50.05
N PHE D 259 -28.20 10.40 -49.20
CA PHE D 259 -28.35 9.07 -48.63
C PHE D 259 -29.36 9.02 -47.49
N ILE D 260 -29.82 10.16 -46.98
CA ILE D 260 -30.76 10.14 -45.86
C ILE D 260 -32.15 9.96 -46.44
N PRO D 261 -32.84 8.86 -46.13
CA PRO D 261 -34.21 8.70 -46.65
C PRO D 261 -35.09 9.84 -46.17
N GLU D 262 -35.87 10.40 -47.10
CA GLU D 262 -36.74 11.52 -46.81
C GLU D 262 -38.15 11.09 -46.44
N SER D 263 -38.49 9.81 -46.59
CA SER D 263 -39.81 9.34 -46.20
C SER D 263 -39.68 7.90 -45.77
N SER D 264 -40.73 7.39 -45.14
CA SER D 264 -40.71 6.00 -44.72
C SER D 264 -42.14 5.51 -44.66
N SER D 265 -42.32 4.21 -44.75
CA SER D 265 -43.66 3.64 -44.70
C SER D 265 -43.97 2.92 -43.41
N SER D 266 -42.97 2.65 -42.57
CA SER D 266 -43.25 2.04 -41.28
C SER D 266 -42.17 2.46 -40.30
N LYS D 267 -42.50 2.34 -39.02
CA LYS D 267 -41.62 2.80 -37.95
C LYS D 267 -41.64 1.79 -36.81
N LEU D 268 -40.46 1.38 -36.38
CA LEU D 268 -40.29 0.57 -35.18
C LEU D 268 -39.80 1.45 -34.05
N VAL D 269 -40.41 1.32 -32.88
CA VAL D 269 -39.88 1.88 -31.64
C VAL D 269 -39.66 0.71 -30.70
N ILE D 270 -38.46 0.61 -30.13
CA ILE D 270 -38.10 -0.58 -29.38
C ILE D 270 -37.10 -0.19 -28.30
N ASN D 271 -37.14 -0.92 -27.18
CA ASN D 271 -36.12 -0.73 -26.15
C ASN D 271 -34.75 -1.06 -26.72
N ARG D 272 -33.81 -0.11 -26.56
CA ARG D 272 -32.53 -0.21 -27.27
C ARG D 272 -31.71 -1.40 -26.78
N LYS D 273 -31.61 -1.56 -25.46
CA LYS D 273 -30.77 -2.62 -24.93
C LYS D 273 -31.39 -3.99 -25.21
N MET D 274 -32.71 -4.10 -25.12
CA MET D 274 -33.37 -5.37 -25.43
C MET D 274 -33.11 -5.75 -26.88
N PHE D 275 -33.24 -4.79 -27.80
CA PHE D 275 -32.98 -5.02 -29.22
C PHE D 275 -31.52 -5.43 -29.45
N ALA D 276 -30.58 -4.66 -28.89
CA ALA D 276 -29.16 -4.96 -29.06
C ALA D 276 -28.83 -6.36 -28.55
N ASP D 277 -29.30 -6.71 -27.36
CA ASP D 277 -28.99 -8.02 -26.78
C ASP D 277 -29.56 -9.15 -27.62
N SER D 278 -30.75 -8.96 -28.18
CA SER D 278 -31.36 -10.02 -28.99
CA SER D 278 -31.37 -10.01 -28.99
C SER D 278 -30.61 -10.21 -30.31
N ILE D 279 -30.27 -9.11 -30.97
CA ILE D 279 -29.48 -9.20 -32.19
C ILE D 279 -28.21 -9.97 -31.93
N GLU D 280 -27.53 -9.63 -30.82
CA GLU D 280 -26.25 -10.23 -30.52
C GLU D 280 -26.37 -11.74 -30.33
N ARG D 281 -27.39 -12.22 -29.61
CA ARG D 281 -27.35 -13.66 -29.39
C ARG D 281 -27.88 -14.44 -30.60
N ILE D 282 -28.79 -13.85 -31.38
CA ILE D 282 -29.22 -14.50 -32.61
C ILE D 282 -28.08 -14.58 -33.63
N ALA D 283 -27.23 -13.55 -33.67
CA ALA D 283 -26.12 -13.53 -34.63
C ALA D 283 -25.06 -14.59 -34.34
N ILE D 284 -25.06 -15.19 -33.14
CA ILE D 284 -24.01 -16.15 -32.79
C ILE D 284 -23.96 -17.31 -33.79
N ILE D 285 -25.13 -17.75 -34.28
CA ILE D 285 -25.18 -18.91 -35.15
C ILE D 285 -24.67 -18.63 -36.57
N THR D 286 -24.49 -17.35 -36.95
CA THR D 286 -24.08 -17.05 -38.32
C THR D 286 -22.60 -17.35 -38.55
N VAL D 287 -22.21 -17.31 -39.83
CA VAL D 287 -20.86 -17.64 -40.27
C VAL D 287 -20.27 -16.43 -40.99
N GLU D 288 -18.95 -16.30 -40.92
CA GLU D 288 -18.25 -15.21 -41.58
C GLU D 288 -18.61 -15.17 -43.06
N LYS D 289 -18.75 -13.96 -43.60
CA LYS D 289 -19.17 -13.66 -44.97
C LYS D 289 -20.65 -13.91 -45.20
N PHE D 290 -21.38 -14.42 -44.21
CA PHE D 290 -22.83 -14.65 -44.27
C PHE D 290 -23.48 -14.06 -43.03
N ARG D 291 -23.05 -12.86 -42.64
CA ARG D 291 -23.48 -12.23 -41.40
C ARG D 291 -24.79 -11.49 -41.65
N ALA D 292 -25.90 -12.14 -41.31
CA ALA D 292 -27.20 -11.55 -41.57
C ALA D 292 -28.16 -12.00 -40.48
N VAL D 293 -28.95 -11.07 -39.96
CA VAL D 293 -30.11 -11.41 -39.16
C VAL D 293 -31.34 -10.88 -39.87
N LYS D 294 -32.44 -11.63 -39.72
CA LYS D 294 -33.71 -11.28 -40.32
C LYS D 294 -34.62 -10.70 -39.24
N LEU D 295 -35.18 -9.52 -39.50
CA LEU D 295 -36.20 -8.93 -38.65
C LEU D 295 -37.54 -9.17 -39.32
N SER D 296 -38.39 -10.03 -38.72
CA SER D 296 -39.75 -10.25 -39.22
C SER D 296 -40.66 -9.39 -38.36
N LEU D 297 -40.99 -8.20 -38.88
CA LEU D 297 -41.72 -7.20 -38.11
C LEU D 297 -43.22 -7.32 -38.32
N SER D 298 -43.96 -7.25 -37.22
CA SER D 298 -45.41 -7.09 -37.29
C SER D 298 -45.84 -6.28 -36.07
N ARG D 299 -47.12 -5.89 -36.05
CA ARG D 299 -47.64 -5.13 -34.92
C ARG D 299 -47.53 -5.95 -33.64
N GLU D 300 -47.83 -7.25 -33.70
CA GLU D 300 -47.92 -8.06 -32.49
C GLU D 300 -46.55 -8.51 -32.00
N THR D 301 -45.64 -8.84 -32.92
CA THR D 301 -44.35 -9.40 -32.54
C THR D 301 -43.29 -9.00 -33.55
N LEU D 302 -42.04 -9.01 -33.08
CA LEU D 302 -40.86 -9.05 -33.93
C LEU D 302 -40.17 -10.39 -33.72
N GLU D 303 -39.89 -11.10 -34.81
CA GLU D 303 -39.07 -12.30 -34.76
C GLU D 303 -37.71 -11.96 -35.34
N ILE D 304 -36.66 -12.11 -34.53
CA ILE D 304 -35.29 -11.93 -34.99
C ILE D 304 -34.71 -13.32 -35.21
N SER D 305 -34.23 -13.61 -36.42
CA SER D 305 -33.79 -14.98 -36.72
C SER D 305 -32.50 -14.95 -37.54
N ALA D 306 -31.83 -16.09 -37.56
CA ALA D 306 -30.63 -16.22 -38.38
C ALA D 306 -30.37 -17.68 -38.66
N VAL D 307 -29.53 -17.93 -39.66
CA VAL D 307 -29.13 -19.27 -40.04
C VAL D 307 -27.63 -19.27 -40.21
N GLY D 308 -27.03 -20.42 -39.96
CA GLY D 308 -25.63 -20.63 -40.22
C GLY D 308 -25.45 -21.96 -40.90
N GLU D 309 -24.93 -21.94 -42.11
CA GLU D 309 -24.71 -23.17 -42.87
C GLU D 309 -23.89 -24.16 -42.05
N ALA D 310 -24.39 -25.40 -41.98
CA ALA D 310 -23.76 -26.50 -41.28
C ALA D 310 -23.66 -26.28 -39.77
N ARG D 311 -24.31 -25.23 -39.24
CA ARG D 311 -24.32 -24.97 -37.80
C ARG D 311 -25.72 -25.12 -37.22
N GLY D 312 -26.69 -24.38 -37.74
CA GLY D 312 -28.05 -24.45 -37.26
C GLY D 312 -28.80 -23.17 -37.57
N ASN D 313 -29.73 -22.83 -36.67
CA ASN D 313 -30.51 -21.61 -36.82
C ASN D 313 -30.96 -21.15 -35.44
N ALA D 314 -31.59 -19.99 -35.40
CA ALA D 314 -31.93 -19.34 -34.13
C ALA D 314 -33.06 -18.36 -34.36
N LYS D 315 -33.91 -18.20 -33.34
CA LYS D 315 -35.05 -17.30 -33.43
C LYS D 315 -35.42 -16.78 -32.05
N GLU D 316 -35.56 -15.47 -31.92
CA GLU D 316 -36.08 -14.84 -30.70
C GLU D 316 -37.35 -14.08 -31.04
N VAL D 317 -38.34 -14.14 -30.15
CA VAL D 317 -39.63 -13.50 -30.35
C VAL D 317 -39.76 -12.38 -29.34
N ILE D 318 -39.99 -11.16 -29.83
CA ILE D 318 -40.22 -9.99 -29.00
C ILE D 318 -41.67 -9.57 -29.18
N ASN D 319 -42.41 -9.51 -28.07
CA ASN D 319 -43.84 -9.21 -28.07
C ASN D 319 -44.10 -7.71 -27.92
N SER D 320 -45.19 -7.26 -28.51
CA SER D 320 -45.59 -5.87 -28.34
C SER D 320 -45.74 -5.53 -26.86
N SER D 321 -45.27 -4.35 -26.49
CA SER D 321 -45.26 -3.97 -25.09
C SER D 321 -45.15 -2.45 -24.99
N GLN D 322 -45.88 -1.87 -24.04
CA GLN D 322 -45.78 -0.44 -23.77
C GLN D 322 -44.94 -0.14 -22.53
N ASP D 323 -44.36 -1.16 -21.91
CA ASP D 323 -43.49 -0.98 -20.76
C ASP D 323 -42.12 -0.53 -21.26
N LYS D 324 -41.54 0.46 -20.58
CA LYS D 324 -40.29 1.03 -21.08
C LYS D 324 -39.21 -0.05 -21.20
N GLU D 325 -39.08 -0.92 -20.20
CA GLU D 325 -37.97 -1.86 -20.20
CA GLU D 325 -37.99 -1.88 -20.18
C GLU D 325 -38.10 -2.93 -21.27
N SER D 326 -39.30 -3.15 -21.82
CA SER D 326 -39.48 -4.17 -22.86
C SER D 326 -40.17 -3.60 -24.09
N PHE D 327 -40.05 -2.29 -24.31
CA PHE D 327 -40.92 -1.57 -25.24
C PHE D 327 -40.83 -2.14 -26.64
N TYR D 328 -41.98 -2.36 -27.25
CA TYR D 328 -42.02 -2.74 -28.66
C TYR D 328 -43.30 -2.20 -29.26
N GLU D 329 -43.16 -1.38 -30.29
CA GLU D 329 -44.30 -0.79 -30.98
C GLU D 329 -43.96 -0.73 -32.46
N TYR D 330 -44.78 -1.36 -33.29
CA TYR D 330 -44.57 -1.34 -34.73
C TYR D 330 -45.90 -0.96 -35.37
N ASN D 331 -45.91 0.21 -36.03
CA ASN D 331 -47.11 0.98 -36.33
C ASN D 331 -47.76 0.62 -37.67
N SER D 332 -47.69 -0.63 -38.09
CA SER D 332 -48.14 -0.97 -39.43
C SER D 332 -48.96 -2.25 -39.40
N ASP D 333 -50.02 -2.27 -40.20
CA ASP D 333 -50.79 -3.50 -40.39
C ASP D 333 -50.04 -4.49 -41.27
N GLU D 334 -49.19 -3.99 -42.18
CA GLU D 334 -48.41 -4.85 -43.05
C GLU D 334 -47.18 -5.38 -42.33
N SER D 335 -46.86 -6.64 -42.57
CA SER D 335 -45.63 -7.19 -42.03
C SER D 335 -44.46 -6.88 -42.97
N LEU D 336 -43.27 -6.81 -42.38
CA LEU D 336 -42.07 -6.54 -43.15
C LEU D 336 -40.97 -7.48 -42.67
N ALA D 337 -40.33 -8.19 -43.61
CA ALA D 337 -39.21 -9.06 -43.29
C ALA D 337 -37.98 -8.47 -43.96
N ILE D 338 -37.03 -8.04 -43.16
CA ILE D 338 -35.90 -7.27 -43.67
C ILE D 338 -34.65 -7.73 -42.95
N GLY D 339 -33.56 -7.87 -43.68
CA GLY D 339 -32.32 -8.43 -43.14
C GLY D 339 -31.29 -7.34 -42.95
N PHE D 340 -30.41 -7.52 -41.95
CA PHE D 340 -29.28 -6.62 -41.74
C PHE D 340 -28.05 -7.42 -41.37
N ASN D 341 -26.89 -6.87 -41.70
CA ASN D 341 -25.67 -7.31 -41.03
C ASN D 341 -25.77 -6.94 -39.55
N PRO D 342 -25.72 -7.91 -38.64
CA PRO D 342 -25.97 -7.58 -37.23
C PRO D 342 -24.93 -6.63 -36.64
N GLN D 343 -23.70 -6.69 -37.12
CA GLN D 343 -22.68 -5.80 -36.59
C GLN D 343 -23.02 -4.34 -36.85
N TYR D 344 -23.65 -4.05 -38.00
CA TYR D 344 -23.94 -2.66 -38.33
C TYR D 344 -25.05 -2.10 -37.46
N LEU D 345 -26.03 -2.93 -37.09
CA LEU D 345 -27.03 -2.49 -36.14
C LEU D 345 -26.45 -2.36 -34.74
N GLU D 346 -25.66 -3.35 -34.32
CA GLU D 346 -25.09 -3.31 -32.98
C GLU D 346 -24.22 -2.07 -32.80
N ASP D 347 -23.49 -1.68 -33.85
CA ASP D 347 -22.62 -0.50 -33.77
C ASP D 347 -23.42 0.75 -33.45
N VAL D 348 -24.55 0.93 -34.13
CA VAL D 348 -25.40 2.09 -33.90
C VAL D 348 -26.02 2.03 -32.51
N LEU D 349 -26.51 0.84 -32.12
CA LEU D 349 -27.19 0.73 -30.82
C LEU D 349 -26.25 1.00 -29.65
N LYS D 350 -24.96 0.68 -29.80
CA LYS D 350 -24.01 0.93 -28.72
C LYS D 350 -23.59 2.40 -28.65
N ALA D 351 -23.77 3.15 -29.72
CA ALA D 351 -23.18 4.48 -29.83
C ALA D 351 -23.92 5.53 -29.01
N VAL D 352 -25.21 5.36 -28.78
CA VAL D 352 -26.03 6.36 -28.10
C VAL D 352 -26.70 5.69 -26.90
N LYS D 353 -26.54 6.29 -25.72
CA LYS D 353 -27.12 5.73 -24.51
C LYS D 353 -28.53 6.30 -24.38
N SER D 354 -29.52 5.46 -24.66
CA SER D 354 -30.90 5.90 -24.77
C SER D 354 -31.80 4.75 -24.38
N ASP D 355 -32.92 5.07 -23.74
CA ASP D 355 -33.90 4.04 -23.39
C ASP D 355 -34.40 3.33 -24.64
N LEU D 356 -34.87 4.10 -25.62
CA LEU D 356 -35.51 3.57 -26.82
C LEU D 356 -34.71 3.94 -28.06
N VAL D 357 -35.03 3.26 -29.16
CA VAL D 357 -34.45 3.57 -30.46
C VAL D 357 -35.57 3.46 -31.49
N GLU D 358 -35.48 4.30 -32.53
CA GLU D 358 -36.48 4.35 -33.60
C GLU D 358 -35.83 3.89 -34.90
N LEU D 359 -36.52 3.02 -35.63
CA LEU D 359 -36.06 2.58 -36.95
C LEU D 359 -37.16 2.87 -37.96
N TYR D 360 -36.80 3.56 -39.05
CA TYR D 360 -37.73 3.99 -40.07
C TYR D 360 -37.45 3.21 -41.35
N PHE D 361 -38.44 2.50 -41.84
CA PHE D 361 -38.27 1.57 -42.94
C PHE D 361 -39.08 2.00 -44.15
N SER D 362 -38.61 1.58 -45.32
CA SER D 362 -39.43 1.48 -46.50
C SER D 362 -39.54 0.02 -46.89
N ASP D 363 -38.97 -0.36 -48.02
CA ASP D 363 -39.08 -1.74 -48.48
C ASP D 363 -37.87 -2.54 -48.02
N VAL D 364 -37.87 -3.83 -48.39
CA VAL D 364 -36.81 -4.73 -47.97
C VAL D 364 -35.44 -4.38 -48.53
N SER D 365 -35.38 -3.51 -49.53
CA SER D 365 -34.10 -3.10 -50.09
C SER D 365 -33.69 -1.70 -49.69
N ALA D 366 -34.53 -0.96 -49.02
CA ALA D 366 -34.16 0.43 -48.85
C ALA D 366 -33.45 0.64 -47.51
N PRO D 367 -32.57 1.64 -47.44
CA PRO D 367 -31.85 1.92 -46.19
C PRO D 367 -32.80 2.16 -45.03
N VAL D 368 -32.41 1.70 -43.84
CA VAL D 368 -33.15 2.03 -42.62
C VAL D 368 -32.55 3.29 -42.02
N LEU D 369 -33.43 4.19 -41.58
CA LEU D 369 -33.05 5.42 -40.89
C LEU D 369 -33.22 5.16 -39.39
N ILE D 370 -32.16 5.37 -38.62
CA ILE D 370 -32.17 5.06 -37.20
C ILE D 370 -31.97 6.35 -36.41
N LYS D 371 -32.85 6.61 -35.45
CA LYS D 371 -32.79 7.78 -34.60
C LYS D 371 -33.07 7.38 -33.16
N PHE D 372 -32.54 8.19 -32.24
CA PHE D 372 -32.83 8.01 -30.83
C PHE D 372 -33.67 9.18 -30.34
N PRO D 373 -34.80 8.92 -29.70
CA PRO D 373 -35.82 9.97 -29.51
C PRO D 373 -35.34 11.25 -28.86
N GLU D 374 -34.58 11.17 -27.78
CA GLU D 374 -34.14 12.37 -27.07
C GLU D 374 -32.77 12.84 -27.52
N ASN D 375 -32.36 12.46 -28.73
CA ASN D 375 -31.03 12.77 -29.27
C ASN D 375 -31.19 13.27 -30.70
N PRO D 376 -31.68 14.50 -30.87
CA PRO D 376 -32.06 14.99 -32.20
C PRO D 376 -30.90 15.39 -33.10
N LYS D 377 -29.66 15.27 -32.66
CA LYS D 377 -28.52 15.65 -33.49
C LYS D 377 -27.61 14.45 -33.74
N ASP D 378 -28.21 13.27 -33.84
CA ASP D 378 -27.54 12.04 -34.23
C ASP D 378 -28.45 11.26 -35.17
N ILE D 379 -27.92 10.89 -36.34
CA ILE D 379 -28.70 10.22 -37.37
C ILE D 379 -27.86 9.10 -37.96
N PHE D 380 -28.46 7.93 -38.16
CA PHE D 380 -27.75 6.78 -38.71
C PHE D 380 -28.55 6.15 -39.83
N ILE D 381 -27.85 5.74 -40.89
CA ILE D 381 -28.46 5.08 -42.05
C ILE D 381 -27.75 3.76 -42.27
N VAL D 382 -28.50 2.67 -42.31
CA VAL D 382 -27.92 1.33 -42.47
C VAL D 382 -28.64 0.61 -43.60
N LEU D 383 -27.87 0.09 -44.54
CA LEU D 383 -28.50 -0.61 -45.63
CA LEU D 383 -28.43 -0.64 -45.67
C LEU D 383 -28.81 -2.04 -45.23
N PRO D 384 -29.86 -2.61 -45.80
CA PRO D 384 -30.22 -3.99 -45.49
C PRO D 384 -29.44 -4.97 -46.37
N VAL D 385 -29.56 -6.27 -46.02
CA VAL D 385 -29.10 -7.36 -46.87
C VAL D 385 -30.30 -8.26 -47.15
N LYS D 386 -30.25 -8.98 -48.27
CA LYS D 386 -31.34 -9.86 -48.67
C LYS D 386 -31.29 -11.13 -47.84
N VAL D 387 -32.44 -11.54 -47.31
CA VAL D 387 -32.53 -12.71 -46.45
C VAL D 387 -33.76 -13.52 -46.78
N LEU E 5 -24.43 1.92 -50.54
CA LEU E 5 -24.75 3.31 -50.82
C LEU E 5 -24.23 3.68 -52.20
N LEU E 7 -22.14 5.25 -53.71
CA LEU E 7 -20.81 5.83 -53.76
C LEU E 7 -20.10 5.35 -55.01
N PRO E 9 -16.46 5.85 -56.73
CA PRO E 9 -16.44 4.39 -56.80
C PRO E 9 -16.96 3.66 -55.57
N GLY E 11 -19.81 1.77 -54.40
CA GLY E 11 -21.17 1.36 -54.09
C GLY E 11 -21.54 0.83 -52.71
N HIS F 7 -39.47 -39.87 -28.07
CA HIS F 7 -38.99 -41.25 -28.03
C HIS F 7 -37.79 -41.37 -27.10
N HIS F 8 -36.78 -42.15 -27.51
CA HIS F 8 -35.56 -42.34 -26.74
C HIS F 8 -34.53 -41.26 -27.03
N MET F 9 -34.99 -40.03 -27.20
CA MET F 9 -34.13 -38.91 -27.52
C MET F 9 -34.04 -37.97 -26.32
N LEU F 10 -32.89 -37.33 -26.20
CA LEU F 10 -32.58 -36.53 -25.01
C LEU F 10 -33.58 -35.39 -24.83
N LYS F 11 -34.03 -35.21 -23.59
CA LYS F 11 -34.79 -34.02 -23.21
C LYS F 11 -34.55 -33.74 -21.75
N LEU F 12 -34.13 -32.52 -21.43
CA LEU F 12 -33.81 -32.21 -20.03
C LEU F 12 -33.96 -30.72 -19.79
N ILE F 13 -34.09 -30.37 -18.51
CA ILE F 13 -34.06 -28.98 -18.05
C ILE F 13 -32.85 -28.80 -17.16
N VAL F 14 -32.05 -27.78 -17.44
CA VAL F 14 -30.78 -27.57 -16.74
C VAL F 14 -30.67 -26.12 -16.29
N GLU F 15 -30.12 -25.92 -15.10
CA GLU F 15 -29.81 -24.59 -14.62
C GLU F 15 -28.69 -23.97 -15.46
N THR F 16 -28.95 -22.80 -16.04
CA THR F 16 -28.04 -22.26 -17.05
C THR F 16 -26.63 -22.08 -16.50
N LYS F 17 -26.51 -21.58 -15.27
CA LYS F 17 -25.16 -21.26 -14.78
C LYS F 17 -24.33 -22.52 -14.58
N THR F 18 -24.97 -23.63 -14.20
CA THR F 18 -24.26 -24.89 -14.07
C THR F 18 -23.75 -25.38 -15.43
N LEU F 19 -24.59 -25.24 -16.46
CA LEU F 19 -24.19 -25.67 -17.79
C LEU F 19 -23.05 -24.80 -18.31
N VAL F 20 -23.14 -23.49 -18.08
CA VAL F 20 -22.07 -22.56 -18.49
C VAL F 20 -20.75 -22.99 -17.86
N GLN F 21 -20.76 -23.32 -16.57
CA GLN F 21 -19.53 -23.74 -15.90
C GLN F 21 -18.94 -24.99 -16.55
N SER F 22 -19.77 -26.01 -16.78
CA SER F 22 -19.28 -27.24 -17.38
C SER F 22 -18.74 -27.00 -18.79
N LEU F 23 -19.41 -26.13 -19.57
CA LEU F 23 -18.92 -25.86 -20.92
C LEU F 23 -17.59 -25.11 -20.91
N GLY F 24 -17.33 -24.33 -19.86
CA GLY F 24 -16.02 -23.71 -19.73
C GLY F 24 -14.90 -24.73 -19.62
N PHE F 25 -15.09 -25.78 -18.82
CA PHE F 25 -14.08 -26.83 -18.73
C PHE F 25 -14.02 -27.64 -20.02
N ALA F 26 -15.18 -27.91 -20.65
CA ALA F 26 -15.17 -28.62 -21.92
C ALA F 26 -14.43 -27.84 -22.99
N SER F 27 -14.53 -26.52 -22.96
CA SER F 27 -13.79 -25.72 -23.94
C SER F 27 -12.31 -25.70 -23.60
N SER F 28 -11.99 -25.53 -22.31
CA SER F 28 -10.61 -25.49 -21.84
C SER F 28 -9.81 -26.73 -22.25
N VAL F 29 -10.41 -27.92 -22.12
CA VAL F 29 -9.57 -29.13 -22.18
C VAL F 29 -9.17 -29.50 -23.60
N VAL F 30 -9.95 -29.10 -24.60
CA VAL F 30 -9.71 -29.60 -25.96
C VAL F 30 -8.77 -28.72 -26.75
N GLU F 31 -8.27 -27.64 -26.15
CA GLU F 31 -7.39 -26.74 -26.87
C GLU F 31 -6.05 -27.41 -27.16
N LYS F 32 -5.55 -27.20 -28.38
CA LYS F 32 -4.26 -27.71 -28.78
C LYS F 32 -3.71 -26.79 -29.87
N ARG F 33 -2.41 -26.89 -30.11
CA ARG F 33 -1.76 -26.05 -31.09
C ARG F 33 -2.29 -26.34 -32.49
N ASN F 34 -2.55 -25.26 -33.24
CA ASN F 34 -2.96 -25.31 -34.64
C ASN F 34 -4.37 -25.87 -34.84
N VAL F 35 -5.01 -26.32 -33.78
CA VAL F 35 -6.39 -26.81 -33.83
C VAL F 35 -7.31 -25.69 -33.39
N ILE F 36 -8.19 -25.26 -34.29
CA ILE F 36 -9.16 -24.21 -33.95
C ILE F 36 -10.25 -24.82 -33.08
N PRO F 37 -10.83 -24.07 -32.13
CA PRO F 37 -11.91 -24.64 -31.30
C PRO F 37 -13.15 -25.03 -32.09
N GLU F 38 -13.24 -24.67 -33.38
CA GLU F 38 -14.45 -24.95 -34.16
C GLU F 38 -14.65 -26.43 -34.45
N TYR F 39 -13.60 -27.25 -34.35
CA TYR F 39 -13.72 -28.67 -34.68
C TYR F 39 -14.21 -29.51 -33.51
N ALA F 40 -14.12 -29.02 -32.27
CA ALA F 40 -14.40 -29.85 -31.11
C ALA F 40 -15.89 -30.16 -31.00
N ASN F 41 -16.20 -31.40 -30.66
CA ASN F 41 -17.57 -31.83 -30.42
C ASN F 41 -17.72 -32.24 -28.97
N ILE F 42 -18.93 -32.08 -28.45
CA ILE F 42 -19.25 -32.46 -27.08
C ILE F 42 -20.43 -33.43 -27.13
N LYS F 43 -20.29 -34.55 -26.42
CA LYS F 43 -21.37 -35.53 -26.33
C LYS F 43 -22.19 -35.25 -25.07
N LEU F 44 -23.51 -35.17 -25.23
CA LEU F 44 -24.44 -34.91 -24.13
C LEU F 44 -25.26 -36.16 -23.91
N SER F 45 -25.20 -36.71 -22.70
CA SER F 45 -25.91 -37.94 -22.36
C SER F 45 -26.76 -37.70 -21.12
N ALA F 46 -28.08 -37.84 -21.25
CA ALA F 46 -29.01 -37.67 -20.14
C ALA F 46 -29.45 -39.05 -19.65
N GLN F 47 -29.20 -39.34 -18.37
CA GLN F 47 -29.47 -40.65 -17.80
C GLN F 47 -29.46 -40.53 -16.28
N ASP F 48 -30.43 -41.20 -15.65
CA ASP F 48 -30.48 -41.35 -14.18
C ASP F 48 -30.29 -40.02 -13.47
N GLY F 49 -31.10 -39.04 -13.86
CA GLY F 49 -31.08 -37.74 -13.22
C GLY F 49 -29.90 -36.85 -13.52
N ASN F 50 -29.02 -37.25 -14.45
CA ASN F 50 -27.80 -36.49 -14.70
C ASN F 50 -27.60 -36.22 -16.17
N LEU F 51 -26.92 -35.11 -16.45
CA LEU F 51 -26.38 -34.79 -17.76
C LEU F 51 -24.89 -35.04 -17.72
N GLU F 52 -24.40 -35.95 -18.54
CA GLU F 52 -22.97 -36.19 -18.67
C GLU F 52 -22.50 -35.51 -19.94
N LEU F 53 -21.49 -34.64 -19.81
CA LEU F 53 -20.90 -33.93 -20.93
C LEU F 53 -19.51 -34.51 -21.14
N SER F 54 -19.25 -35.01 -22.35
CA SER F 54 -18.01 -35.70 -22.68
C SER F 54 -17.29 -34.99 -23.81
N SER F 55 -15.99 -34.74 -23.61
CA SER F 55 -15.12 -34.08 -24.58
C SER F 55 -13.88 -34.93 -24.76
N THR F 56 -13.43 -35.09 -26.00
CA THR F 56 -12.22 -35.88 -26.18
C THR F 56 -11.45 -35.40 -27.39
N ASN F 57 -10.13 -35.35 -27.25
CA ASN F 57 -9.28 -35.14 -28.41
C ASN F 57 -8.23 -36.24 -28.40
N MET F 58 -7.17 -36.05 -29.20
CA MET F 58 -6.13 -37.07 -29.30
C MET F 58 -5.39 -37.28 -27.99
N ASP F 59 -5.46 -36.34 -27.05
CA ASP F 59 -4.66 -36.37 -25.83
C ASP F 59 -5.46 -36.62 -24.56
N LEU F 60 -6.69 -36.10 -24.48
CA LEU F 60 -7.46 -36.04 -23.24
C LEU F 60 -8.88 -36.54 -23.47
N TYR F 61 -9.47 -37.11 -22.41
CA TYR F 61 -10.91 -37.37 -22.33
C TYR F 61 -11.40 -36.72 -21.05
N LEU F 62 -12.50 -35.98 -21.13
CA LEU F 62 -13.09 -35.33 -19.97
C LEU F 62 -14.57 -35.61 -19.93
N SER F 63 -15.03 -36.20 -18.82
CA SER F 63 -16.45 -36.44 -18.57
C SER F 63 -16.86 -35.66 -17.34
N GLN F 64 -17.95 -34.91 -17.44
CA GLN F 64 -18.49 -34.15 -16.32
C GLN F 64 -19.96 -34.52 -16.18
N LYS F 65 -20.40 -34.82 -14.97
CA LYS F 65 -21.82 -35.04 -14.71
C LYS F 65 -22.36 -33.91 -13.84
N ILE F 66 -23.53 -33.40 -14.20
CA ILE F 66 -24.22 -32.38 -13.43
C ILE F 66 -25.68 -32.78 -13.29
N ALA F 67 -26.27 -32.40 -12.17
CA ALA F 67 -27.66 -32.73 -11.91
C ALA F 67 -28.55 -31.90 -12.81
N VAL F 68 -29.54 -32.55 -13.43
CA VAL F 68 -30.52 -31.86 -14.26
C VAL F 68 -31.85 -32.57 -14.03
N GLN F 69 -32.91 -31.98 -14.57
CA GLN F 69 -34.20 -32.67 -14.59
CA GLN F 69 -34.21 -32.66 -14.60
C GLN F 69 -34.26 -33.43 -15.91
N VAL F 70 -34.10 -34.75 -15.84
CA VAL F 70 -34.14 -35.55 -17.06
C VAL F 70 -35.60 -35.85 -17.38
N VAL F 71 -36.09 -35.29 -18.49
CA VAL F 71 -37.44 -35.61 -18.96
C VAL F 71 -37.42 -36.85 -19.86
N SER F 72 -36.41 -36.98 -20.72
CA SER F 72 -36.28 -38.16 -21.56
C SER F 72 -34.81 -38.50 -21.69
N GLU F 73 -34.46 -39.75 -21.43
CA GLU F 73 -33.07 -40.18 -21.54
C GLU F 73 -32.67 -40.28 -23.01
N GLY F 74 -31.41 -39.96 -23.28
CA GLY F 74 -30.89 -40.07 -24.64
C GLY F 74 -29.54 -39.39 -24.74
N GLU F 75 -28.99 -39.41 -25.96
CA GLU F 75 -27.66 -38.85 -26.21
C GLU F 75 -27.63 -38.13 -27.54
N CYS F 76 -26.80 -37.10 -27.62
CA CYS F 76 -26.53 -36.47 -28.91
C CYS F 76 -25.19 -35.74 -28.82
N THR F 77 -24.65 -35.37 -29.97
CA THR F 77 -23.36 -34.69 -30.03
C THR F 77 -23.51 -33.42 -30.86
N VAL F 78 -22.92 -32.32 -30.38
CA VAL F 78 -22.96 -31.03 -31.07
C VAL F 78 -21.59 -30.35 -30.96
N SER F 79 -21.45 -29.23 -31.66
CA SER F 79 -20.23 -28.42 -31.59
C SER F 79 -20.03 -27.83 -30.20
N THR F 80 -18.85 -28.02 -29.63
CA THR F 80 -18.56 -27.46 -28.30
C THR F 80 -18.63 -25.93 -28.34
N LYS F 81 -17.96 -25.32 -29.30
CA LYS F 81 -17.86 -23.86 -29.32
C LYS F 81 -19.23 -23.24 -29.55
N THR F 82 -20.03 -23.82 -30.44
CA THR F 82 -21.35 -23.25 -30.70
C THR F 82 -22.25 -23.35 -29.48
N LEU F 83 -22.24 -24.52 -28.81
CA LEU F 83 -23.05 -24.67 -27.61
C LEU F 83 -22.58 -23.71 -26.53
N ASN F 84 -21.26 -23.63 -26.33
CA ASN F 84 -20.70 -22.71 -25.35
C ASN F 84 -21.10 -21.26 -25.64
N ASP F 85 -20.91 -20.81 -26.88
CA ASP F 85 -21.15 -19.41 -27.19
C ASP F 85 -22.62 -19.03 -27.00
N ILE F 86 -23.54 -19.96 -27.30
CA ILE F 86 -24.97 -19.68 -27.18
C ILE F 86 -25.40 -19.63 -25.72
N VAL F 87 -25.01 -20.65 -24.94
CA VAL F 87 -25.49 -20.75 -23.57
C VAL F 87 -24.99 -19.57 -22.74
N ARG F 88 -23.81 -19.04 -23.07
CA ARG F 88 -23.24 -17.90 -22.38
CA ARG F 88 -23.29 -17.91 -22.32
C ARG F 88 -24.00 -16.60 -22.62
N LYS F 89 -24.87 -16.56 -23.64
CA LYS F 89 -25.60 -15.34 -23.95
C LYS F 89 -27.09 -15.47 -23.66
N LEU F 90 -27.52 -16.57 -23.04
CA LEU F 90 -28.94 -16.72 -22.71
C LEU F 90 -29.20 -16.19 -21.31
N PRO F 91 -30.23 -15.35 -21.13
CA PRO F 91 -30.46 -14.76 -19.81
C PRO F 91 -31.27 -15.63 -18.87
N ASP F 92 -31.85 -16.72 -19.35
CA ASP F 92 -32.75 -17.53 -18.54
C ASP F 92 -31.99 -18.25 -17.44
N SER F 93 -32.64 -18.39 -16.29
CA SER F 93 -32.02 -19.16 -15.21
C SER F 93 -32.01 -20.65 -15.51
N GLU F 94 -32.92 -21.13 -16.37
CA GLU F 94 -32.98 -22.53 -16.76
C GLU F 94 -33.23 -22.62 -18.25
N LEU F 95 -32.74 -23.70 -18.85
CA LEU F 95 -32.88 -23.96 -20.28
C LEU F 95 -33.44 -25.36 -20.46
N THR F 96 -34.22 -25.55 -21.52
CA THR F 96 -34.66 -26.87 -21.93
C THR F 96 -33.86 -27.30 -23.17
N LEU F 97 -33.23 -28.46 -23.09
CA LEU F 97 -32.49 -29.04 -24.21
C LEU F 97 -33.31 -30.22 -24.72
N THR F 98 -33.66 -30.22 -26.00
CA THR F 98 -34.41 -31.32 -26.58
C THR F 98 -33.78 -31.70 -27.92
N ASP F 99 -33.43 -32.97 -28.06
CA ASP F 99 -33.03 -33.50 -29.36
C ASP F 99 -34.28 -33.74 -30.18
N LEU F 100 -34.51 -32.89 -31.20
CA LEU F 100 -35.67 -33.05 -32.06
C LEU F 100 -35.41 -33.88 -33.30
N GLY F 101 -34.25 -34.49 -33.42
CA GLY F 101 -33.98 -35.37 -34.55
C GLY F 101 -33.36 -34.61 -35.71
N THR F 102 -34.04 -34.62 -36.87
CA THR F 102 -33.46 -34.03 -38.07
C THR F 102 -33.20 -32.54 -37.90
N THR F 103 -34.05 -31.83 -37.16
CA THR F 103 -33.82 -30.40 -36.98
C THR F 103 -32.72 -30.09 -35.97
N GLY F 104 -32.23 -31.09 -35.24
CA GLY F 104 -31.08 -30.91 -34.36
C GLY F 104 -31.43 -30.79 -32.89
N LEU F 105 -30.43 -30.40 -32.11
CA LEU F 105 -30.62 -30.14 -30.69
C LEU F 105 -31.22 -28.75 -30.50
N GLU F 106 -32.39 -28.70 -29.86
CA GLU F 106 -33.06 -27.44 -29.56
C GLU F 106 -32.67 -26.96 -28.17
N ILE F 107 -32.14 -25.75 -28.09
CA ILE F 107 -31.88 -25.06 -26.84
C ILE F 107 -32.94 -23.99 -26.70
N LYS F 108 -33.76 -24.09 -25.67
CA LYS F 108 -34.96 -23.27 -25.57
C LYS F 108 -34.92 -22.44 -24.29
N GLY F 109 -34.95 -21.11 -24.44
CA GLY F 109 -35.25 -20.22 -23.35
C GLY F 109 -36.69 -19.73 -23.42
N LYS F 110 -36.99 -18.75 -22.57
CA LYS F 110 -38.34 -18.19 -22.55
C LYS F 110 -38.69 -17.53 -23.88
N ASN F 111 -37.78 -16.75 -24.45
CA ASN F 111 -38.12 -16.03 -25.66
C ASN F 111 -37.36 -16.51 -26.89
N CYS F 112 -36.52 -17.53 -26.76
CA CYS F 112 -35.58 -17.85 -27.81
CA CYS F 112 -35.50 -17.84 -27.76
C CYS F 112 -35.44 -19.35 -27.98
N LYS F 113 -35.15 -19.75 -29.22
CA LYS F 113 -34.88 -21.13 -29.58
C LYS F 113 -33.67 -21.15 -30.51
N PHE F 114 -32.67 -21.96 -30.19
CA PHE F 114 -31.57 -22.27 -31.08
C PHE F 114 -31.66 -23.74 -31.47
N ASN F 115 -31.39 -24.05 -32.73
CA ASN F 115 -31.30 -25.44 -33.18
C ASN F 115 -29.88 -25.66 -33.65
N LEU F 116 -29.20 -26.62 -33.03
CA LEU F 116 -27.83 -26.97 -33.40
C LEU F 116 -27.85 -28.33 -34.08
N PHE F 117 -27.24 -28.41 -35.26
CA PHE F 117 -27.15 -29.69 -35.94
C PHE F 117 -26.35 -30.69 -35.12
N THR F 118 -26.85 -31.91 -35.05
CA THR F 118 -26.17 -32.94 -34.29
C THR F 118 -25.29 -33.77 -35.20
N LEU F 119 -24.29 -34.38 -34.60
CA LEU F 119 -23.45 -35.27 -35.38
C LEU F 119 -23.79 -36.71 -35.05
N PRO F 120 -23.52 -37.65 -35.97
CA PRO F 120 -23.75 -39.06 -35.67
C PRO F 120 -23.09 -39.47 -34.35
N VAL F 121 -23.90 -39.83 -33.35
CA VAL F 121 -23.37 -40.12 -32.03
C VAL F 121 -22.51 -41.38 -32.03
N SER F 122 -22.69 -42.25 -33.03
CA SER F 122 -21.80 -43.40 -33.19
C SER F 122 -20.35 -42.95 -33.37
N SER F 123 -20.14 -41.74 -33.88
CA SER F 123 -18.81 -41.23 -34.17
C SER F 123 -18.11 -40.64 -32.95
N PHE F 124 -18.75 -40.63 -31.78
CA PHE F 124 -18.10 -40.14 -30.57
C PHE F 124 -17.64 -41.33 -29.74
N PRO F 125 -16.35 -41.44 -29.42
CA PRO F 125 -15.87 -42.60 -28.66
C PRO F 125 -16.29 -42.54 -27.20
N ALA F 126 -16.57 -43.71 -26.64
CA ALA F 126 -16.71 -43.81 -25.19
C ALA F 126 -15.34 -43.73 -24.53
N MET F 127 -15.33 -43.28 -23.27
CA MET F 127 -14.10 -43.13 -22.51
C MET F 127 -13.28 -44.41 -22.55
N ASP F 128 -11.96 -44.24 -22.61
CA ASP F 128 -11.06 -45.39 -22.48
C ASP F 128 -11.29 -46.09 -21.14
N SER F 129 -11.35 -47.41 -21.17
CA SER F 129 -11.28 -48.18 -19.95
C SER F 129 -9.81 -48.34 -19.56
N ILE F 130 -9.53 -48.25 -18.27
CA ILE F 130 -8.17 -48.39 -17.77
C ILE F 130 -8.12 -49.61 -16.88
N ASN F 131 -7.04 -50.39 -17.02
CA ASN F 131 -6.75 -51.49 -16.10
C ASN F 131 -5.58 -51.03 -15.26
N PRO F 132 -5.83 -50.44 -14.09
CA PRO F 132 -4.77 -49.74 -13.37
C PRO F 132 -3.83 -50.69 -12.66
N GLU F 133 -2.54 -50.37 -12.72
CA GLU F 133 -1.54 -51.04 -11.90
C GLU F 133 -1.42 -50.42 -10.52
N ALA F 134 -2.00 -49.23 -10.32
CA ALA F 134 -2.02 -48.56 -9.03
C ALA F 134 -3.23 -47.64 -8.97
N SER F 135 -3.78 -47.49 -7.77
CA SER F 135 -4.89 -46.57 -7.56
C SER F 135 -4.87 -46.07 -6.12
N PHE F 136 -5.14 -44.77 -5.94
CA PHE F 136 -5.13 -44.19 -4.60
C PHE F 136 -5.87 -42.86 -4.63
N LYS F 137 -6.25 -42.39 -3.45
CA LYS F 137 -6.96 -41.12 -3.31
C LYS F 137 -6.12 -40.14 -2.47
N ILE F 138 -6.15 -38.86 -2.84
CA ILE F 138 -5.60 -37.79 -2.03
C ILE F 138 -6.58 -36.63 -2.05
N SER F 139 -6.38 -35.69 -1.12
CA SER F 139 -7.23 -34.51 -1.13
C SER F 139 -6.90 -33.63 -2.34
N CYS F 140 -7.93 -32.97 -2.86
CA CYS F 140 -7.71 -32.03 -3.96
C CYS F 140 -6.75 -30.93 -3.55
N THR F 141 -6.81 -30.51 -2.28
CA THR F 141 -5.86 -29.52 -1.77
C THR F 141 -4.41 -29.99 -1.92
N ASP F 142 -4.15 -31.25 -1.59
CA ASP F 142 -2.79 -31.77 -1.68
C ASP F 142 -2.36 -31.95 -3.14
N PHE F 143 -3.25 -32.44 -3.99
CA PHE F 143 -2.90 -32.58 -5.40
C PHE F 143 -2.64 -31.20 -6.03
N ALA F 144 -3.52 -30.23 -5.77
CA ALA F 144 -3.33 -28.89 -6.31
C ALA F 144 -1.98 -28.32 -5.91
N LYS F 145 -1.55 -28.61 -4.68
CA LYS F 145 -0.29 -28.05 -4.18
C LYS F 145 0.89 -28.57 -5.00
N ILE F 146 0.98 -29.89 -5.16
CA ILE F 146 2.15 -30.42 -5.82
C ILE F 146 2.16 -30.07 -7.31
N ILE F 147 0.98 -29.89 -7.93
CA ILE F 147 0.98 -29.47 -9.33
C ILE F 147 1.33 -27.98 -9.44
N GLU F 148 0.73 -27.14 -8.60
CA GLU F 148 1.06 -25.72 -8.59
C GLU F 148 2.56 -25.50 -8.38
N SER F 149 3.17 -26.29 -7.50
CA SER F 149 4.59 -26.07 -7.20
C SER F 149 5.52 -26.61 -8.27
N THR F 150 5.00 -27.27 -9.31
CA THR F 150 5.90 -27.89 -10.28
C THR F 150 5.54 -27.62 -11.73
N LYS F 151 4.34 -27.15 -12.03
CA LYS F 151 3.97 -27.01 -13.43
C LYS F 151 4.77 -25.93 -14.14
N PHE F 152 5.30 -24.93 -13.42
CA PHE F 152 5.93 -23.80 -14.10
C PHE F 152 7.32 -24.13 -14.67
N SER F 153 7.97 -25.20 -14.21
CA SER F 153 9.34 -25.49 -14.64
C SER F 153 9.40 -26.71 -15.57
N ILE F 154 8.26 -27.04 -16.19
CA ILE F 154 8.23 -28.05 -17.25
C ILE F 154 8.98 -27.52 -18.46
N SER F 155 9.74 -28.39 -19.12
CA SER F 155 10.41 -28.01 -20.37
C SER F 155 9.41 -27.81 -21.50
N LEU F 156 9.67 -26.80 -22.33
CA LEU F 156 8.95 -26.58 -23.57
C LEU F 156 9.70 -27.09 -24.79
N ASP F 157 10.87 -27.68 -24.59
CA ASP F 157 11.71 -28.14 -25.69
C ASP F 157 11.22 -29.50 -26.15
N GLU F 158 10.55 -29.55 -27.31
CA GLU F 158 10.00 -30.84 -27.74
C GLU F 158 11.08 -31.82 -28.17
N THR F 159 12.34 -31.40 -28.31
CA THR F 159 13.39 -32.40 -28.53
C THR F 159 13.77 -33.14 -27.25
N ARG F 160 13.30 -32.69 -26.09
CA ARG F 160 13.50 -33.42 -24.85
C ARG F 160 12.12 -33.77 -24.29
N TYR F 161 11.37 -34.55 -25.06
CA TYR F 161 9.94 -34.69 -24.78
C TYR F 161 9.68 -35.35 -23.42
N ASN F 162 10.62 -36.15 -22.93
CA ASN F 162 10.46 -36.74 -21.60
C ASN F 162 10.40 -35.68 -20.50
N LEU F 163 10.88 -34.46 -20.76
CA LEU F 163 10.82 -33.37 -19.78
C LEU F 163 9.62 -32.47 -19.96
N ASN F 164 8.77 -32.75 -20.95
CA ASN F 164 7.62 -31.90 -21.24
C ASN F 164 6.41 -32.22 -20.37
N GLY F 165 6.64 -32.71 -19.16
CA GLY F 165 5.54 -32.95 -18.24
C GLY F 165 6.04 -32.95 -16.81
N VAL F 166 5.15 -33.26 -15.86
CA VAL F 166 5.56 -33.44 -14.48
C VAL F 166 5.73 -34.92 -14.21
N TYR F 167 6.76 -35.25 -13.44
CA TYR F 167 7.05 -36.64 -13.06
C TYR F 167 6.31 -36.94 -11.77
N LEU F 168 5.22 -37.71 -11.87
CA LEU F 168 4.45 -38.12 -10.70
C LEU F 168 4.97 -39.48 -10.26
N HIS F 169 5.40 -39.58 -9.01
CA HIS F 169 6.10 -40.79 -8.59
C HIS F 169 5.98 -40.98 -7.10
N ILE F 170 6.29 -42.21 -6.66
CA ILE F 170 6.23 -42.60 -5.25
C ILE F 170 7.65 -42.73 -4.71
N LYS F 171 7.86 -42.21 -3.50
CA LYS F 171 9.11 -42.39 -2.77
C LYS F 171 8.67 -42.86 -1.38
N ASP F 172 8.62 -44.17 -1.21
CA ASP F 172 8.13 -44.79 0.02
C ASP F 172 6.68 -44.41 0.28
N LYS F 173 6.43 -43.56 1.27
CA LYS F 173 5.07 -43.12 1.56
C LYS F 173 4.75 -41.76 0.97
N GLU F 174 5.68 -41.16 0.22
CA GLU F 174 5.50 -39.83 -0.32
C GLU F 174 5.08 -39.90 -1.78
N PHE F 175 4.01 -39.18 -2.13
CA PHE F 175 3.60 -38.97 -3.51
C PHE F 175 4.18 -37.64 -3.98
N CYS F 176 5.05 -37.68 -4.99
CA CYS F 176 5.86 -36.53 -5.36
CA CYS F 176 5.87 -36.54 -5.37
C CYS F 176 5.61 -36.14 -6.81
N SER F 177 5.70 -34.83 -7.08
CA SER F 177 5.79 -34.32 -8.44
C SER F 177 7.13 -33.62 -8.57
N ALA F 178 7.83 -33.86 -9.68
CA ALA F 178 9.05 -33.13 -9.99
C ALA F 178 9.01 -32.65 -11.43
N SER F 179 9.67 -31.52 -11.69
CA SER F 179 9.77 -31.05 -13.06
C SER F 179 11.12 -30.38 -13.23
N THR F 180 11.64 -30.46 -14.46
CA THR F 180 12.86 -29.74 -14.76
C THR F 180 12.89 -29.37 -16.23
N ASP F 181 13.61 -28.29 -16.55
CA ASP F 181 13.86 -27.93 -17.93
C ASP F 181 15.34 -27.82 -18.23
N GLY F 182 16.20 -28.34 -17.36
CA GLY F 182 17.63 -28.17 -17.50
C GLY F 182 18.20 -26.94 -16.82
N HIS F 183 17.37 -25.92 -16.59
CA HIS F 183 17.79 -24.70 -15.92
C HIS F 183 17.35 -24.65 -14.47
N ARG F 184 16.31 -25.39 -14.11
CA ARG F 184 15.82 -25.37 -12.74
C ARG F 184 15.09 -26.69 -12.49
N LEU F 185 14.81 -26.93 -11.21
CA LEU F 185 14.21 -28.16 -10.72
C LEU F 185 13.24 -27.77 -9.62
N SER F 186 12.01 -28.31 -9.68
CA SER F 186 11.00 -28.10 -8.66
C SER F 186 10.52 -29.46 -8.19
N ILE F 187 10.35 -29.61 -6.87
CA ILE F 187 9.95 -30.86 -6.25
C ILE F 187 8.92 -30.57 -5.17
N SER F 188 7.80 -31.29 -5.19
CA SER F 188 6.75 -31.05 -4.21
C SER F 188 6.04 -32.36 -3.92
N TRP F 189 5.80 -32.66 -2.65
CA TRP F 189 5.27 -33.97 -2.31
C TRP F 189 4.28 -33.88 -1.16
N VAL F 190 3.54 -34.97 -0.97
CA VAL F 190 2.57 -35.11 0.11
C VAL F 190 2.66 -36.54 0.63
N THR F 191 2.41 -36.70 1.92
CA THR F 191 2.42 -38.02 2.53
C THR F 191 1.12 -38.74 2.22
N LEU F 192 1.23 -39.97 1.73
CA LEU F 192 0.09 -40.85 1.54
C LEU F 192 -0.16 -41.66 2.79
N GLU F 193 -1.43 -41.94 3.06
CA GLU F 193 -1.80 -42.79 4.18
C GLU F 193 -1.52 -44.26 3.88
N LYS F 194 -1.93 -44.72 2.71
CA LYS F 194 -1.73 -46.10 2.32
C LYS F 194 -0.36 -46.28 1.66
N GLN F 195 0.19 -47.48 1.80
CA GLN F 195 1.45 -47.82 1.14
C GLN F 195 1.13 -48.27 -0.29
N ILE F 196 1.48 -47.44 -1.25
CA ILE F 196 1.20 -47.69 -2.66
C ILE F 196 2.43 -48.35 -3.27
N LYS F 197 2.20 -49.19 -4.28
CA LYS F 197 3.31 -49.73 -5.06
C LYS F 197 4.03 -48.59 -5.77
N ASN F 198 5.36 -48.69 -5.83
CA ASN F 198 6.13 -47.62 -6.46
C ASN F 198 5.81 -47.53 -7.94
N PHE F 199 5.74 -46.30 -8.43
CA PHE F 199 5.54 -46.03 -9.85
C PHE F 199 6.22 -44.70 -10.15
N GLY F 200 6.32 -44.40 -11.43
CA GLY F 200 6.85 -43.13 -11.89
C GLY F 200 6.41 -42.89 -13.31
N VAL F 201 5.58 -41.86 -13.53
CA VAL F 201 4.98 -41.58 -14.83
C VAL F 201 5.06 -40.09 -15.11
N ILE F 202 5.00 -39.73 -16.39
CA ILE F 202 5.20 -38.34 -16.82
C ILE F 202 3.87 -37.84 -17.38
N LEU F 203 3.28 -36.88 -16.68
CA LEU F 203 1.99 -36.32 -17.08
C LEU F 203 2.22 -35.09 -17.96
N PRO F 204 1.67 -35.04 -19.18
CA PRO F 204 1.94 -33.92 -20.08
C PRO F 204 1.51 -32.58 -19.49
N GLN F 205 2.20 -31.52 -19.92
CA GLN F 205 1.93 -30.19 -19.38
C GLN F 205 0.46 -29.81 -19.47
N LYS F 206 -0.14 -29.99 -20.65
CA LYS F 206 -1.54 -29.59 -20.83
C LYS F 206 -2.45 -30.35 -19.87
N SER F 207 -2.23 -31.66 -19.73
CA SER F 207 -3.03 -32.43 -18.81
C SER F 207 -2.86 -31.94 -17.38
N ALA F 208 -1.63 -31.63 -16.97
CA ALA F 208 -1.40 -31.07 -15.65
C ALA F 208 -2.17 -29.77 -15.47
N GLU F 209 -2.07 -28.86 -16.43
CA GLU F 209 -2.78 -27.58 -16.32
C GLU F 209 -4.28 -27.79 -16.19
N GLU F 210 -4.84 -28.73 -16.96
CA GLU F 210 -6.29 -28.88 -16.97
C GLU F 210 -6.81 -29.55 -15.71
N ILE F 211 -6.09 -30.56 -15.19
CA ILE F 211 -6.58 -31.19 -13.97
C ILE F 211 -6.42 -30.24 -12.79
N LEU F 212 -5.38 -29.39 -12.81
CA LEU F 212 -5.23 -28.38 -11.77
C LEU F 212 -6.45 -27.47 -11.71
N LYS F 213 -6.95 -27.03 -12.87
CA LYS F 213 -8.12 -26.14 -12.87
C LYS F 213 -9.37 -26.86 -12.35
N ILE F 214 -9.50 -28.15 -12.67
CA ILE F 214 -10.62 -28.93 -12.16
C ILE F 214 -10.54 -29.05 -10.64
N VAL F 215 -9.37 -29.40 -10.11
CA VAL F 215 -9.31 -29.62 -8.66
C VAL F 215 -9.46 -28.30 -7.91
N LYS F 216 -9.07 -27.18 -8.50
CA LYS F 216 -9.20 -25.90 -7.80
C LYS F 216 -10.62 -25.31 -7.87
N ASP F 217 -11.51 -25.89 -8.66
CA ASP F 217 -12.87 -25.38 -8.70
C ASP F 217 -13.47 -25.38 -7.29
N PRO F 218 -14.27 -24.37 -6.94
CA PRO F 218 -14.84 -24.31 -5.59
C PRO F 218 -15.64 -25.55 -5.20
N LYS F 219 -16.28 -26.24 -6.15
CA LYS F 219 -17.03 -27.44 -5.80
C LYS F 219 -16.14 -28.64 -5.50
N ASN F 220 -14.84 -28.58 -5.82
CA ASN F 220 -13.96 -29.72 -5.70
C ASN F 220 -12.80 -29.53 -4.72
N ILE F 221 -12.40 -28.28 -4.46
CA ILE F 221 -11.11 -28.03 -3.82
C ILE F 221 -11.07 -28.55 -2.39
N ASN F 222 -12.22 -28.75 -1.76
CA ASN F 222 -12.26 -29.27 -0.40
C ASN F 222 -12.50 -30.77 -0.33
N GLU F 223 -12.55 -31.46 -1.48
CA GLU F 223 -12.91 -32.86 -1.53
C GLU F 223 -11.68 -33.67 -1.97
N ASP F 224 -11.90 -34.81 -2.63
CA ASP F 224 -10.84 -35.75 -2.90
C ASP F 224 -10.77 -36.08 -4.38
N ILE F 225 -9.61 -36.57 -4.80
CA ILE F 225 -9.38 -36.99 -6.18
C ILE F 225 -8.80 -38.40 -6.15
N GLU F 226 -9.36 -39.29 -6.95
CA GLU F 226 -8.83 -40.64 -7.10
C GLU F 226 -7.96 -40.70 -8.35
N ILE F 227 -6.80 -41.33 -8.22
CA ILE F 227 -5.82 -41.41 -9.30
C ILE F 227 -5.59 -42.88 -9.63
N LEU F 228 -5.80 -43.25 -10.89
CA LEU F 228 -5.64 -44.62 -11.34
C LEU F 228 -4.71 -44.60 -12.54
N LEU F 229 -3.74 -45.50 -12.59
CA LEU F 229 -2.78 -45.38 -13.68
C LEU F 229 -2.18 -46.73 -14.05
N ASN F 230 -1.65 -46.78 -15.26
CA ASN F 230 -0.69 -47.81 -15.66
C ASN F 230 0.41 -47.08 -16.42
N SER F 231 1.19 -47.81 -17.23
CA SER F 231 2.33 -47.20 -17.90
C SER F 231 1.95 -46.38 -19.11
N ASN F 232 0.72 -46.52 -19.63
CA ASN F 232 0.28 -45.81 -20.82
C ASN F 232 -0.66 -44.65 -20.53
N LYS F 233 -1.50 -44.77 -19.50
CA LYS F 233 -2.56 -43.79 -19.28
C LYS F 233 -2.73 -43.53 -17.80
N ILE F 234 -3.35 -42.39 -17.49
CA ILE F 234 -3.70 -42.03 -16.13
C ILE F 234 -5.13 -41.49 -16.12
N LYS F 235 -5.90 -41.88 -15.12
CA LYS F 235 -7.29 -41.48 -14.97
C LYS F 235 -7.44 -40.77 -13.64
N PHE F 236 -8.09 -39.61 -13.66
CA PHE F 236 -8.41 -38.83 -12.48
C PHE F 236 -9.92 -38.84 -12.29
N ILE F 237 -10.38 -39.20 -11.10
CA ILE F 237 -11.79 -39.05 -10.76
C ILE F 237 -11.84 -37.98 -9.67
N CYS F 238 -12.23 -36.77 -10.05
CA CYS F 238 -12.19 -35.64 -9.11
C CYS F 238 -13.57 -35.48 -8.50
N ASN F 239 -13.68 -35.79 -7.20
CA ASN F 239 -14.91 -35.63 -6.46
C ASN F 239 -16.07 -36.33 -7.16
N GLU F 240 -15.81 -37.57 -7.57
CA GLU F 240 -16.82 -38.51 -8.07
C GLU F 240 -17.32 -38.18 -9.47
N ASN F 241 -17.68 -36.92 -9.73
CA ASN F 241 -18.51 -36.58 -10.88
C ASN F 241 -17.72 -36.05 -12.06
N THR F 242 -16.41 -35.88 -11.94
CA THR F 242 -15.58 -35.35 -13.02
C THR F 242 -14.44 -36.32 -13.27
N ILE F 243 -14.35 -36.81 -14.49
CA ILE F 243 -13.35 -37.82 -14.85
C ILE F 243 -12.50 -37.29 -15.99
N MET F 244 -11.19 -37.32 -15.81
CA MET F 244 -10.25 -36.95 -16.85
C MET F 244 -9.31 -38.10 -17.08
N LEU F 245 -9.14 -38.50 -18.34
CA LEU F 245 -8.18 -39.52 -18.72
C LEU F 245 -7.15 -38.88 -19.64
N SER F 246 -5.88 -39.14 -19.35
CA SER F 246 -4.80 -38.55 -20.13
C SER F 246 -3.79 -39.61 -20.55
N LYS F 247 -3.15 -39.39 -21.68
CA LYS F 247 -1.97 -40.17 -22.00
C LYS F 247 -0.83 -39.80 -21.07
N LEU F 248 0.16 -40.68 -20.98
CA LEU F 248 1.41 -40.41 -20.30
C LEU F 248 2.52 -40.34 -21.33
N ILE F 249 3.54 -39.55 -21.03
CA ILE F 249 4.68 -39.42 -21.94
C ILE F 249 5.58 -40.64 -21.80
N ASP F 250 5.87 -41.31 -22.91
CA ASP F 250 6.80 -42.43 -22.87
C ASP F 250 8.22 -41.91 -22.67
N GLY F 251 8.82 -42.24 -21.54
CA GLY F 251 10.15 -41.74 -21.26
C GLY F 251 10.57 -42.05 -19.85
N THR F 252 11.83 -41.77 -19.59
CA THR F 252 12.37 -41.81 -18.25
C THR F 252 12.61 -40.39 -17.78
N PHE F 253 12.60 -40.22 -16.48
CA PHE F 253 12.86 -38.92 -15.88
C PHE F 253 14.17 -39.00 -15.12
N PRO F 254 15.01 -37.96 -15.19
CA PRO F 254 16.35 -38.06 -14.62
C PRO F 254 16.33 -38.24 -13.11
N ASP F 255 17.45 -38.76 -12.59
CA ASP F 255 17.65 -38.94 -11.16
C ASP F 255 17.97 -37.57 -10.57
N TYR F 256 16.92 -36.83 -10.19
CA TYR F 256 17.11 -35.44 -9.80
C TYR F 256 17.74 -35.28 -8.42
N SER F 257 17.67 -36.31 -7.57
CA SER F 257 18.16 -36.17 -6.19
C SER F 257 19.61 -35.73 -6.14
N THR F 258 20.42 -36.18 -7.10
CA THR F 258 21.82 -35.79 -7.13
C THR F 258 22.03 -34.32 -7.49
N PHE F 259 21.00 -33.62 -7.96
CA PHE F 259 21.16 -32.24 -8.37
C PHE F 259 20.70 -31.26 -7.30
N ILE F 260 20.34 -31.75 -6.13
CA ILE F 260 19.94 -30.89 -5.02
C ILE F 260 21.19 -30.58 -4.21
N PRO F 261 21.54 -29.31 -4.01
CA PRO F 261 22.71 -28.97 -3.19
C PRO F 261 22.58 -29.56 -1.80
N GLU F 262 23.65 -30.22 -1.35
CA GLU F 262 23.69 -30.82 -0.03
C GLU F 262 24.37 -29.93 0.99
N SER F 263 25.06 -28.88 0.56
CA SER F 263 25.67 -27.94 1.48
C SER F 263 25.62 -26.56 0.88
N SER F 264 25.84 -25.56 1.73
CA SER F 264 25.81 -24.16 1.30
CA SER F 264 25.82 -24.18 1.29
C SER F 264 26.77 -23.37 2.17
N SER F 265 27.25 -22.24 1.64
CA SER F 265 28.16 -21.41 2.41
C SER F 265 27.54 -20.07 2.82
N SER F 266 26.35 -19.74 2.35
CA SER F 266 25.68 -18.54 2.83
C SER F 266 24.18 -18.74 2.67
N LYS F 267 23.42 -17.97 3.44
CA LYS F 267 21.97 -18.11 3.44
C LYS F 267 21.30 -16.75 3.47
N LEU F 268 20.34 -16.55 2.58
CA LEU F 268 19.52 -15.35 2.55
C LEU F 268 18.14 -15.69 3.06
N VAL F 269 17.61 -14.85 3.96
CA VAL F 269 16.23 -14.89 4.40
C VAL F 269 15.64 -13.53 4.09
N ILE F 270 14.55 -13.52 3.32
CA ILE F 270 14.04 -12.27 2.78
C ILE F 270 12.54 -12.37 2.66
N ASN F 271 11.87 -11.22 2.81
CA ASN F 271 10.43 -11.18 2.57
C ASN F 271 10.14 -11.55 1.11
N ARG F 272 9.26 -12.53 0.92
CA ARG F 272 9.04 -13.10 -0.40
C ARG F 272 8.45 -12.09 -1.37
N LYS F 273 7.41 -11.37 -0.94
CA LYS F 273 6.75 -10.42 -1.84
C LYS F 273 7.66 -9.25 -2.16
N MET F 274 8.42 -8.76 -1.17
CA MET F 274 9.36 -7.67 -1.42
C MET F 274 10.40 -8.09 -2.43
N PHE F 275 10.97 -9.29 -2.25
CA PHE F 275 11.97 -9.83 -3.17
C PHE F 275 11.40 -9.99 -4.59
N ALA F 276 10.21 -10.59 -4.70
CA ALA F 276 9.60 -10.82 -6.01
C ALA F 276 9.31 -9.52 -6.73
N ASP F 277 8.78 -8.53 -6.01
CA ASP F 277 8.43 -7.26 -6.63
C ASP F 277 9.68 -6.53 -7.11
N SER F 278 10.77 -6.62 -6.34
CA SER F 278 12.01 -5.96 -6.75
CA SER F 278 12.01 -5.98 -6.74
C SER F 278 12.59 -6.63 -7.99
N ILE F 279 12.65 -7.96 -7.99
CA ILE F 279 13.16 -8.68 -9.16
C ILE F 279 12.37 -8.29 -10.39
N GLU F 280 11.03 -8.28 -10.28
CA GLU F 280 10.20 -7.93 -11.42
C GLU F 280 10.50 -6.53 -11.95
N ARG F 281 10.63 -5.53 -11.07
CA ARG F 281 10.88 -4.16 -11.52
CA ARG F 281 10.84 -4.19 -11.62
C ARG F 281 12.23 -4.04 -12.21
N ILE F 282 13.26 -4.61 -11.57
CA ILE F 282 14.60 -4.50 -12.13
C ILE F 282 14.69 -5.24 -13.48
N ALA F 283 14.00 -6.37 -13.62
CA ALA F 283 14.06 -7.10 -14.88
C ALA F 283 13.46 -6.33 -16.07
N ILE F 284 12.71 -5.25 -15.83
CA ILE F 284 12.08 -4.53 -16.92
C ILE F 284 13.13 -4.03 -17.92
N ILE F 285 14.30 -3.64 -17.41
CA ILE F 285 15.32 -3.07 -18.28
C ILE F 285 16.03 -4.10 -19.14
N THR F 286 15.87 -5.40 -18.87
CA THR F 286 16.63 -6.41 -19.62
C THR F 286 16.01 -6.63 -21.00
N VAL F 287 16.76 -7.33 -21.85
CA VAL F 287 16.33 -7.67 -23.20
C VAL F 287 16.25 -9.19 -23.31
N GLU F 288 15.40 -9.66 -24.22
CA GLU F 288 15.35 -11.09 -24.53
C GLU F 288 16.74 -11.58 -24.89
N LYS F 289 17.10 -12.75 -24.35
CA LYS F 289 18.37 -13.45 -24.58
C LYS F 289 19.52 -12.88 -23.74
N PHE F 290 19.30 -11.84 -22.93
CA PHE F 290 20.12 -11.64 -21.74
C PHE F 290 19.18 -11.32 -20.58
N ARG F 291 18.25 -12.23 -20.33
CA ARG F 291 17.35 -12.14 -19.19
C ARG F 291 18.14 -12.52 -17.96
N ALA F 292 18.69 -11.52 -17.26
CA ALA F 292 19.45 -11.79 -16.06
C ALA F 292 19.34 -10.63 -15.09
N VAL F 293 19.24 -10.94 -13.80
CA VAL F 293 19.46 -9.94 -12.78
C VAL F 293 20.63 -10.39 -11.92
N LYS F 294 21.34 -9.41 -11.36
CA LYS F 294 22.47 -9.67 -10.49
C LYS F 294 22.07 -9.39 -9.05
N LEU F 295 22.30 -10.36 -8.18
CA LEU F 295 22.09 -10.20 -6.75
C LEU F 295 23.45 -9.95 -6.13
N SER F 296 23.65 -8.74 -5.62
CA SER F 296 24.88 -8.37 -4.91
C SER F 296 24.55 -8.41 -3.43
N LEU F 297 24.90 -9.53 -2.80
CA LEU F 297 24.48 -9.83 -1.44
C LEU F 297 25.57 -9.44 -0.44
N SER F 298 25.14 -8.82 0.64
CA SER F 298 26.02 -8.57 1.78
C SER F 298 25.14 -8.53 3.02
N ARG F 299 25.77 -8.52 4.18
CA ARG F 299 25.00 -8.45 5.43
C ARG F 299 24.17 -7.17 5.49
N GLU F 300 24.77 -6.05 5.07
CA GLU F 300 24.13 -4.74 5.22
C GLU F 300 23.02 -4.52 4.18
N THR F 301 23.26 -4.93 2.93
CA THR F 301 22.34 -4.61 1.84
C THR F 301 22.35 -5.70 0.78
N LEU F 302 21.24 -5.79 0.05
CA LEU F 302 21.18 -6.50 -1.22
C LEU F 302 20.94 -5.49 -2.31
N GLU F 303 21.81 -5.45 -3.31
CA GLU F 303 21.56 -4.68 -4.53
C GLU F 303 21.12 -5.64 -5.63
N ILE F 304 19.91 -5.42 -6.15
CA ILE F 304 19.42 -6.16 -7.31
C ILE F 304 19.59 -5.26 -8.52
N SER F 305 20.36 -5.72 -9.50
CA SER F 305 20.65 -4.86 -10.64
C SER F 305 20.49 -5.62 -11.93
N ALA F 306 20.39 -4.86 -13.03
CA ALA F 306 20.34 -5.46 -14.35
C ALA F 306 20.80 -4.44 -15.35
N VAL F 307 21.12 -4.94 -16.55
CA VAL F 307 21.49 -4.09 -17.67
C VAL F 307 20.72 -4.59 -18.88
N GLY F 308 20.46 -3.67 -19.80
CA GLY F 308 19.91 -4.03 -21.08
C GLY F 308 20.64 -3.29 -22.19
N GLU F 309 21.17 -4.04 -23.16
CA GLU F 309 21.95 -3.42 -24.23
C GLU F 309 21.11 -2.38 -24.95
N ALA F 310 21.68 -1.18 -25.10
CA ALA F 310 21.05 -0.04 -25.77
C ALA F 310 19.75 0.40 -25.10
N ARG F 311 19.49 -0.03 -23.87
CA ARG F 311 18.32 0.43 -23.11
C ARG F 311 18.72 1.22 -21.87
N GLY F 312 19.55 0.63 -21.02
CA GLY F 312 20.06 1.29 -19.85
C GLY F 312 20.38 0.26 -18.78
N ASN F 313 20.15 0.64 -17.53
CA ASN F 313 20.45 -0.25 -16.42
C ASN F 313 19.57 0.17 -15.25
N ALA F 314 19.57 -0.66 -14.21
CA ALA F 314 18.66 -0.43 -13.10
C ALA F 314 19.24 -1.04 -11.84
N LYS F 315 18.88 -0.48 -10.70
CA LYS F 315 19.38 -1.00 -9.43
C LYS F 315 18.36 -0.69 -8.33
N GLU F 316 18.12 -1.68 -7.47
CA GLU F 316 17.29 -1.51 -6.28
C GLU F 316 18.07 -1.97 -5.06
N VAL F 317 17.98 -1.21 -3.97
CA VAL F 317 18.75 -1.48 -2.76
C VAL F 317 17.78 -1.92 -1.69
N ILE F 318 18.02 -3.10 -1.12
CA ILE F 318 17.25 -3.65 -0.01
C ILE F 318 18.15 -3.65 1.21
N ASN F 319 17.75 -2.91 2.25
CA ASN F 319 18.55 -2.79 3.45
C ASN F 319 18.17 -3.87 4.46
N SER F 320 19.16 -4.30 5.24
CA SER F 320 18.91 -5.23 6.32
C SER F 320 17.81 -4.69 7.22
N SER F 321 16.94 -5.60 7.67
CA SER F 321 15.75 -5.21 8.40
C SER F 321 15.19 -6.45 9.09
N GLN F 322 14.80 -6.29 10.35
CA GLN F 322 14.14 -7.36 11.09
C GLN F 322 12.62 -7.23 11.08
N ASP F 323 12.07 -6.21 10.43
CA ASP F 323 10.62 -6.06 10.31
C ASP F 323 10.09 -7.00 9.24
N LYS F 324 8.97 -7.68 9.54
CA LYS F 324 8.53 -8.76 8.67
C LYS F 324 8.26 -8.27 7.25
N GLU F 325 7.62 -7.11 7.12
CA GLU F 325 7.21 -6.61 5.81
C GLU F 325 8.39 -6.28 4.91
N SER F 326 9.58 -6.03 5.47
CA SER F 326 10.75 -5.65 4.70
C SER F 326 11.94 -6.53 5.07
N PHE F 327 11.66 -7.74 5.54
CA PHE F 327 12.66 -8.56 6.20
C PHE F 327 13.84 -8.87 5.28
N TYR F 328 15.06 -8.64 5.78
CA TYR F 328 16.27 -8.98 5.05
C TYR F 328 17.32 -9.40 6.07
N GLU F 329 17.79 -10.63 5.94
CA GLU F 329 18.90 -11.11 6.77
C GLU F 329 19.83 -11.94 5.90
N TYR F 330 21.11 -11.60 5.92
CA TYR F 330 22.11 -12.34 5.17
C TYR F 330 23.29 -12.47 6.13
N ASN F 331 23.36 -13.59 6.83
CA ASN F 331 24.31 -13.75 7.94
C ASN F 331 25.65 -14.23 7.40
N SER F 332 26.30 -13.36 6.63
CA SER F 332 27.60 -13.66 6.09
C SER F 332 28.49 -12.43 6.17
N ASP F 333 29.74 -12.65 6.60
CA ASP F 333 30.74 -11.59 6.51
C ASP F 333 31.19 -11.36 5.07
N GLU F 334 30.95 -12.30 4.19
CA GLU F 334 31.45 -12.21 2.83
C GLU F 334 30.36 -11.67 1.90
N SER F 335 30.79 -11.18 0.75
CA SER F 335 29.88 -10.65 -0.26
C SER F 335 29.82 -11.64 -1.41
N LEU F 336 28.63 -11.76 -2.01
CA LEU F 336 28.41 -12.67 -3.12
C LEU F 336 27.64 -11.93 -4.19
N ALA F 337 28.16 -11.95 -5.42
CA ALA F 337 27.48 -11.33 -6.55
C ALA F 337 27.17 -12.46 -7.52
N ILE F 338 25.89 -12.74 -7.70
CA ILE F 338 25.47 -13.93 -8.44
C ILE F 338 24.23 -13.58 -9.25
N GLY F 339 24.17 -14.12 -10.47
CA GLY F 339 23.12 -13.77 -11.42
C GLY F 339 22.13 -14.89 -11.64
N PHE F 340 20.88 -14.53 -11.93
CA PHE F 340 19.82 -15.49 -12.27
C PHE F 340 18.93 -14.93 -13.37
N ASN F 341 18.32 -15.85 -14.13
CA ASN F 341 17.21 -15.43 -14.99
C ASN F 341 16.07 -14.99 -14.08
N PRO F 342 15.59 -13.74 -14.19
CA PRO F 342 14.56 -13.27 -13.25
C PRO F 342 13.29 -14.10 -13.30
N GLN F 343 12.95 -14.63 -14.48
CA GLN F 343 11.73 -15.42 -14.59
C GLN F 343 11.79 -16.65 -13.70
N TYR F 344 12.96 -17.28 -13.60
CA TYR F 344 13.07 -18.52 -12.84
C TYR F 344 12.94 -18.27 -11.35
N LEU F 345 13.45 -17.13 -10.87
CA LEU F 345 13.20 -16.78 -9.47
C LEU F 345 11.73 -16.40 -9.27
N GLU F 346 11.17 -15.58 -10.17
CA GLU F 346 9.79 -15.15 -10.00
C GLU F 346 8.82 -16.32 -10.01
N ASP F 347 9.07 -17.32 -10.88
CA ASP F 347 8.21 -18.51 -10.91
C ASP F 347 8.15 -19.19 -9.55
N VAL F 348 9.32 -19.38 -8.92
CA VAL F 348 9.37 -20.01 -7.61
C VAL F 348 8.71 -19.13 -6.55
N LEU F 349 9.00 -17.82 -6.57
CA LEU F 349 8.46 -16.96 -5.53
C LEU F 349 6.94 -16.87 -5.60
N LYS F 350 6.36 -17.04 -6.79
CA LYS F 350 4.91 -16.97 -6.92
C LYS F 350 4.23 -18.30 -6.61
N ALA F 351 4.99 -19.39 -6.51
CA ALA F 351 4.38 -20.72 -6.41
C ALA F 351 3.89 -21.06 -5.01
N VAL F 352 4.47 -20.44 -3.99
CA VAL F 352 4.13 -20.75 -2.60
C VAL F 352 3.80 -19.46 -1.87
N LYS F 353 2.64 -19.43 -1.23
CA LYS F 353 2.22 -18.31 -0.39
C LYS F 353 2.93 -18.40 0.96
N SER F 354 3.94 -17.56 1.15
CA SER F 354 4.77 -17.62 2.34
C SER F 354 5.24 -16.21 2.66
N ASP F 355 5.38 -15.91 3.96
CA ASP F 355 5.90 -14.62 4.36
C ASP F 355 7.33 -14.44 3.89
N LEU F 356 8.19 -15.39 4.22
CA LEU F 356 9.62 -15.31 3.93
C LEU F 356 10.00 -16.39 2.94
N VAL F 357 11.20 -16.24 2.40
CA VAL F 357 11.78 -17.26 1.54
C VAL F 357 13.25 -17.35 1.87
N GLU F 358 13.79 -18.56 1.80
CA GLU F 358 15.19 -18.85 2.12
C GLU F 358 15.93 -19.22 0.84
N LEU F 359 17.10 -18.62 0.64
CA LEU F 359 17.93 -18.95 -0.51
C LEU F 359 19.28 -19.38 0.03
N TYR F 360 19.73 -20.57 -0.36
CA TYR F 360 21.00 -21.13 0.11
C TYR F 360 21.98 -21.14 -1.05
N PHE F 361 23.13 -20.48 -0.86
CA PHE F 361 24.11 -20.27 -1.91
C PHE F 361 25.44 -20.97 -1.61
N SER F 362 26.18 -21.27 -2.68
CA SER F 362 27.60 -21.57 -2.57
C SER F 362 28.33 -20.48 -3.35
N ASP F 363 29.09 -20.83 -4.38
CA ASP F 363 29.79 -19.84 -5.18
C ASP F 363 28.93 -19.34 -6.33
N VAL F 364 29.46 -18.39 -7.11
CA VAL F 364 28.66 -17.74 -8.14
C VAL F 364 28.21 -18.70 -9.24
N SER F 365 28.87 -19.85 -9.38
CA SER F 365 28.51 -20.78 -10.43
C SER F 365 27.69 -21.96 -9.94
N ALA F 366 27.36 -21.99 -8.67
CA ALA F 366 26.66 -23.13 -8.13
C ALA F 366 25.16 -22.86 -8.05
N PRO F 367 24.33 -23.89 -8.17
CA PRO F 367 22.89 -23.68 -8.08
C PRO F 367 22.49 -23.09 -6.73
N VAL F 368 21.34 -22.44 -6.70
CA VAL F 368 20.75 -21.96 -5.46
C VAL F 368 19.64 -22.91 -5.06
N LEU F 369 19.57 -23.22 -3.78
CA LEU F 369 18.49 -24.01 -3.21
C LEU F 369 17.50 -23.06 -2.57
N ILE F 370 16.24 -23.16 -2.95
CA ILE F 370 15.22 -22.26 -2.46
C ILE F 370 14.21 -23.08 -1.64
N LYS F 371 13.93 -22.62 -0.43
CA LYS F 371 12.99 -23.26 0.48
C LYS F 371 12.11 -22.19 1.12
N PHE F 372 10.88 -22.55 1.42
CA PHE F 372 10.01 -21.67 2.18
C PHE F 372 9.84 -22.23 3.59
N PRO F 373 10.12 -21.44 4.64
CA PRO F 373 10.25 -21.99 6.00
C PRO F 373 9.10 -22.87 6.48
N GLU F 374 7.85 -22.49 6.23
CA GLU F 374 6.72 -23.24 6.76
C GLU F 374 6.23 -24.31 5.79
N ASN F 375 6.99 -24.60 4.74
CA ASN F 375 6.55 -25.51 3.68
C ASN F 375 7.65 -26.53 3.44
N PRO F 376 7.77 -27.53 4.32
CA PRO F 376 8.90 -28.46 4.26
C PRO F 376 8.82 -29.51 3.17
N LYS F 377 7.75 -29.55 2.38
CA LYS F 377 7.61 -30.54 1.32
C LYS F 377 7.58 -29.87 -0.06
N ASP F 378 8.33 -28.79 -0.20
CA ASP F 378 8.50 -28.09 -1.47
C ASP F 378 9.97 -27.66 -1.56
N ILE F 379 10.65 -28.04 -2.65
CA ILE F 379 12.08 -27.77 -2.81
C ILE F 379 12.32 -27.28 -4.23
N PHE F 380 13.15 -26.23 -4.38
CA PHE F 380 13.42 -25.65 -5.70
C PHE F 380 14.91 -25.41 -5.87
N ILE F 381 15.42 -25.71 -7.06
CA ILE F 381 16.82 -25.53 -7.41
C ILE F 381 16.87 -24.71 -8.69
N VAL F 382 17.66 -23.65 -8.70
CA VAL F 382 17.79 -22.78 -9.87
C VAL F 382 19.28 -22.60 -10.17
N LEU F 383 19.68 -22.85 -11.42
CA LEU F 383 21.07 -22.63 -11.80
C LEU F 383 21.30 -21.14 -12.06
N PRO F 384 22.47 -20.62 -11.72
CA PRO F 384 22.77 -19.21 -11.98
C PRO F 384 23.16 -18.97 -13.43
N VAL F 385 23.26 -17.69 -13.78
CA VAL F 385 23.78 -17.26 -15.07
C VAL F 385 24.93 -16.28 -14.81
N LYS F 386 25.86 -16.25 -15.75
CA LYS F 386 27.01 -15.35 -15.61
C LYS F 386 26.56 -13.90 -15.80
N VAL F 387 26.95 -13.04 -14.85
CA VAL F 387 26.65 -11.59 -14.92
C VAL F 387 27.91 -10.77 -14.63
#